data_1T8K
# 
_entry.id   1T8K 
# 
_audit_conform.dict_name       mmcif_pdbx.dic 
_audit_conform.dict_version    5.386 
_audit_conform.dict_location   http://mmcif.pdb.org/dictionaries/ascii/mmcif_pdbx.dic 
# 
loop_
_database_2.database_id 
_database_2.database_code 
_database_2.pdbx_database_accession 
_database_2.pdbx_DOI 
PDB   1T8K         pdb_00001t8k 10.2210/pdb1t8k/pdb 
RCSB  RCSB022446   ?            ?                   
WWPDB D_1000022446 ?            ?                   
# 
loop_
_pdbx_audit_revision_history.ordinal 
_pdbx_audit_revision_history.data_content_type 
_pdbx_audit_revision_history.major_revision 
_pdbx_audit_revision_history.minor_revision 
_pdbx_audit_revision_history.revision_date 
1 'Structure model' 1 0 2004-09-07 
2 'Structure model' 1 1 2008-04-30 
3 'Structure model' 1 2 2011-07-13 
4 'Structure model' 1 3 2024-02-14 
# 
_pdbx_audit_revision_details.ordinal             1 
_pdbx_audit_revision_details.revision_ordinal    1 
_pdbx_audit_revision_details.data_content_type   'Structure model' 
_pdbx_audit_revision_details.provider            repository 
_pdbx_audit_revision_details.type                'Initial release' 
_pdbx_audit_revision_details.description         ? 
_pdbx_audit_revision_details.details             ? 
# 
loop_
_pdbx_audit_revision_group.ordinal 
_pdbx_audit_revision_group.revision_ordinal 
_pdbx_audit_revision_group.data_content_type 
_pdbx_audit_revision_group.group 
1 2 'Structure model' 'Version format compliance' 
2 3 'Structure model' 'Version format compliance' 
3 4 'Structure model' 'Data collection'           
4 4 'Structure model' 'Database references'       
5 4 'Structure model' 'Derived calculations'      
# 
loop_
_pdbx_audit_revision_category.ordinal 
_pdbx_audit_revision_category.revision_ordinal 
_pdbx_audit_revision_category.data_content_type 
_pdbx_audit_revision_category.category 
1 4 'Structure model' chem_comp_atom         
2 4 'Structure model' chem_comp_bond         
3 4 'Structure model' database_2             
4 4 'Structure model' pdbx_struct_conn_angle 
5 4 'Structure model' struct_conn            
6 4 'Structure model' struct_site            
# 
loop_
_pdbx_audit_revision_item.ordinal 
_pdbx_audit_revision_item.revision_ordinal 
_pdbx_audit_revision_item.data_content_type 
_pdbx_audit_revision_item.item 
1  4 'Structure model' '_database_2.pdbx_DOI'                        
2  4 'Structure model' '_database_2.pdbx_database_accession'         
3  4 'Structure model' '_pdbx_struct_conn_angle.ptnr1_auth_comp_id'  
4  4 'Structure model' '_pdbx_struct_conn_angle.ptnr1_auth_seq_id'   
5  4 'Structure model' '_pdbx_struct_conn_angle.ptnr1_label_alt_id'  
6  4 'Structure model' '_pdbx_struct_conn_angle.ptnr1_label_asym_id' 
7  4 'Structure model' '_pdbx_struct_conn_angle.ptnr1_label_atom_id' 
8  4 'Structure model' '_pdbx_struct_conn_angle.ptnr1_label_comp_id' 
9  4 'Structure model' '_pdbx_struct_conn_angle.ptnr1_label_seq_id'  
10 4 'Structure model' '_pdbx_struct_conn_angle.ptnr1_symmetry'      
11 4 'Structure model' '_pdbx_struct_conn_angle.ptnr2_auth_seq_id'   
12 4 'Structure model' '_pdbx_struct_conn_angle.ptnr2_label_asym_id' 
13 4 'Structure model' '_pdbx_struct_conn_angle.ptnr3_auth_comp_id'  
14 4 'Structure model' '_pdbx_struct_conn_angle.ptnr3_auth_seq_id'   
15 4 'Structure model' '_pdbx_struct_conn_angle.ptnr3_label_alt_id'  
16 4 'Structure model' '_pdbx_struct_conn_angle.ptnr3_label_asym_id' 
17 4 'Structure model' '_pdbx_struct_conn_angle.ptnr3_label_atom_id' 
18 4 'Structure model' '_pdbx_struct_conn_angle.ptnr3_label_comp_id' 
19 4 'Structure model' '_pdbx_struct_conn_angle.ptnr3_label_seq_id'  
20 4 'Structure model' '_pdbx_struct_conn_angle.ptnr3_symmetry'      
21 4 'Structure model' '_pdbx_struct_conn_angle.value'               
22 4 'Structure model' '_struct_conn.pdbx_dist_value'                
23 4 'Structure model' '_struct_conn.pdbx_ptnr1_label_alt_id'        
24 4 'Structure model' '_struct_conn.pdbx_ptnr2_label_alt_id'        
25 4 'Structure model' '_struct_conn.ptnr1_auth_comp_id'             
26 4 'Structure model' '_struct_conn.ptnr1_auth_seq_id'              
27 4 'Structure model' '_struct_conn.ptnr1_label_asym_id'            
28 4 'Structure model' '_struct_conn.ptnr1_label_atom_id'            
29 4 'Structure model' '_struct_conn.ptnr1_label_comp_id'            
30 4 'Structure model' '_struct_conn.ptnr1_label_seq_id'             
31 4 'Structure model' '_struct_conn.ptnr1_symmetry'                 
32 4 'Structure model' '_struct_conn.ptnr2_auth_comp_id'             
33 4 'Structure model' '_struct_conn.ptnr2_auth_seq_id'              
34 4 'Structure model' '_struct_conn.ptnr2_label_asym_id'            
35 4 'Structure model' '_struct_conn.ptnr2_label_atom_id'            
36 4 'Structure model' '_struct_conn.ptnr2_label_comp_id'            
37 4 'Structure model' '_struct_conn.ptnr2_label_seq_id'             
38 4 'Structure model' '_struct_conn.ptnr2_symmetry'                 
39 4 'Structure model' '_struct_site.pdbx_auth_asym_id'              
40 4 'Structure model' '_struct_site.pdbx_auth_comp_id'              
41 4 'Structure model' '_struct_site.pdbx_auth_seq_id'               
# 
_pdbx_database_status.status_code                     REL 
_pdbx_database_status.entry_id                        1T8K 
_pdbx_database_status.recvd_initial_deposition_date   2004-05-13 
_pdbx_database_status.deposit_site                    RCSB 
_pdbx_database_status.process_site                    RCSB 
_pdbx_database_status.SG_entry                        . 
_pdbx_database_status.pdb_format_compatible           Y 
_pdbx_database_status.status_code_mr                  ? 
_pdbx_database_status.status_code_sf                  ? 
_pdbx_database_status.status_code_cs                  ? 
_pdbx_database_status.status_code_nmr_data            ? 
_pdbx_database_status.methods_development_category    ? 
# 
loop_
_audit_author.name 
_audit_author.pdbx_ordinal 
'Qiu, X.'      1 
'Janson, C.A.' 2 
# 
_citation.id                        primary 
_citation.title                     
'Structure of apo acyl carrier protein and a proposal to engineer protein crystallization through metal ions.' 
_citation.journal_abbrev            'Acta Crystallogr.,Sect.D' 
_citation.journal_volume            60 
_citation.page_first                1545 
_citation.page_last                 1554 
_citation.year                      2004 
_citation.journal_id_ASTM           ABCRE6 
_citation.country                   DK 
_citation.journal_id_ISSN           0907-4449 
_citation.journal_id_CSD            0766 
_citation.book_publisher            ? 
_citation.pdbx_database_id_PubMed   15333924 
_citation.pdbx_database_id_DOI      10.1107/S0907444904015422 
# 
loop_
_citation_author.citation_id 
_citation_author.name 
_citation_author.ordinal 
_citation_author.identifier_ORCID 
primary 'Qiu, X.'      1 ? 
primary 'Janson, C.A.' 2 ? 
# 
loop_
_entity.id 
_entity.type 
_entity.src_method 
_entity.pdbx_description 
_entity.formula_weight 
_entity.pdbx_number_of_molecules 
_entity.pdbx_ec 
_entity.pdbx_mutation 
_entity.pdbx_fragment 
_entity.details 
1 polymer     man 'Acyl carrier protein' 8514.264 1   ? ? ? ? 
2 non-polymer syn 'ZINC ION'             65.409   10  ? ? ? ? 
3 non-polymer syn IMIDAZOLE              69.085   6   ? ? ? ? 
4 water       nat water                  18.015   100 ? ? ? ? 
# 
_entity_name_com.entity_id   1 
_entity_name_com.name        'ACP, Cytosolic activating factor, CAF, Fatty acid synthase acyl carrier protein' 
# 
_entity_poly.entity_id                      1 
_entity_poly.type                           'polypeptide(L)' 
_entity_poly.nstd_linkage                   no 
_entity_poly.nstd_monomer                   no 
_entity_poly.pdbx_seq_one_letter_code       STIEERVKKIIGEQLGVKQEEVTNNASFVEDLGADSLDTVELVMALEEEFDTEIPDEEAEKITTVQAAIDYINGHQA 
_entity_poly.pdbx_seq_one_letter_code_can   STIEERVKKIIGEQLGVKQEEVTNNASFVEDLGADSLDTVELVMALEEEFDTEIPDEEAEKITTVQAAIDYINGHQA 
_entity_poly.pdbx_strand_id                 A 
_entity_poly.pdbx_target_identifier         ? 
# 
loop_
_pdbx_entity_nonpoly.entity_id 
_pdbx_entity_nonpoly.name 
_pdbx_entity_nonpoly.comp_id 
2 'ZINC ION' ZN  
3 IMIDAZOLE  IMD 
4 water      HOH 
# 
loop_
_entity_poly_seq.entity_id 
_entity_poly_seq.num 
_entity_poly_seq.mon_id 
_entity_poly_seq.hetero 
1 1  SER n 
1 2  THR n 
1 3  ILE n 
1 4  GLU n 
1 5  GLU n 
1 6  ARG n 
1 7  VAL n 
1 8  LYS n 
1 9  LYS n 
1 10 ILE n 
1 11 ILE n 
1 12 GLY n 
1 13 GLU n 
1 14 GLN n 
1 15 LEU n 
1 16 GLY n 
1 17 VAL n 
1 18 LYS n 
1 19 GLN n 
1 20 GLU n 
1 21 GLU n 
1 22 VAL n 
1 23 THR n 
1 24 ASN n 
1 25 ASN n 
1 26 ALA n 
1 27 SER n 
1 28 PHE n 
1 29 VAL n 
1 30 GLU n 
1 31 ASP n 
1 32 LEU n 
1 33 GLY n 
1 34 ALA n 
1 35 ASP n 
1 36 SER n 
1 37 LEU n 
1 38 ASP n 
1 39 THR n 
1 40 VAL n 
1 41 GLU n 
1 42 LEU n 
1 43 VAL n 
1 44 MET n 
1 45 ALA n 
1 46 LEU n 
1 47 GLU n 
1 48 GLU n 
1 49 GLU n 
1 50 PHE n 
1 51 ASP n 
1 52 THR n 
1 53 GLU n 
1 54 ILE n 
1 55 PRO n 
1 56 ASP n 
1 57 GLU n 
1 58 GLU n 
1 59 ALA n 
1 60 GLU n 
1 61 LYS n 
1 62 ILE n 
1 63 THR n 
1 64 THR n 
1 65 VAL n 
1 66 GLN n 
1 67 ALA n 
1 68 ALA n 
1 69 ILE n 
1 70 ASP n 
1 71 TYR n 
1 72 ILE n 
1 73 ASN n 
1 74 GLY n 
1 75 HIS n 
1 76 GLN n 
1 77 ALA n 
# 
_entity_src_gen.entity_id                          1 
_entity_src_gen.pdbx_src_id                        1 
_entity_src_gen.pdbx_alt_source_flag               sample 
_entity_src_gen.pdbx_seq_type                      ? 
_entity_src_gen.pdbx_beg_seq_num                   ? 
_entity_src_gen.pdbx_end_seq_num                   ? 
_entity_src_gen.gene_src_common_name               ? 
_entity_src_gen.gene_src_genus                     Escherichia 
_entity_src_gen.pdbx_gene_src_gene                 ? 
_entity_src_gen.gene_src_species                   ? 
_entity_src_gen.gene_src_strain                    ? 
_entity_src_gen.gene_src_tissue                    ? 
_entity_src_gen.gene_src_tissue_fraction           ? 
_entity_src_gen.gene_src_details                   ? 
_entity_src_gen.pdbx_gene_src_fragment             ? 
_entity_src_gen.pdbx_gene_src_scientific_name      'Escherichia coli' 
_entity_src_gen.pdbx_gene_src_ncbi_taxonomy_id     562 
_entity_src_gen.pdbx_gene_src_variant              ? 
_entity_src_gen.pdbx_gene_src_cell_line            ? 
_entity_src_gen.pdbx_gene_src_atcc                 ? 
_entity_src_gen.pdbx_gene_src_organ                ? 
_entity_src_gen.pdbx_gene_src_organelle            ? 
_entity_src_gen.pdbx_gene_src_cell                 ? 
_entity_src_gen.pdbx_gene_src_cellular_location    ? 
_entity_src_gen.host_org_common_name               ? 
_entity_src_gen.pdbx_host_org_scientific_name      'Escherichia coli' 
_entity_src_gen.pdbx_host_org_ncbi_taxonomy_id     562 
_entity_src_gen.host_org_genus                     Escherichia 
_entity_src_gen.pdbx_host_org_gene                 ? 
_entity_src_gen.pdbx_host_org_organ                ? 
_entity_src_gen.host_org_species                   ? 
_entity_src_gen.pdbx_host_org_tissue               ? 
_entity_src_gen.pdbx_host_org_tissue_fraction      ? 
_entity_src_gen.pdbx_host_org_strain               ? 
_entity_src_gen.pdbx_host_org_variant              ? 
_entity_src_gen.pdbx_host_org_cell_line            ? 
_entity_src_gen.pdbx_host_org_atcc                 ? 
_entity_src_gen.pdbx_host_org_culture_collection   ? 
_entity_src_gen.pdbx_host_org_cell                 ? 
_entity_src_gen.pdbx_host_org_organelle            ? 
_entity_src_gen.pdbx_host_org_cellular_location    ? 
_entity_src_gen.pdbx_host_org_vector_type          ? 
_entity_src_gen.pdbx_host_org_vector               ? 
_entity_src_gen.host_org_details                   ? 
_entity_src_gen.expression_system_id               ? 
_entity_src_gen.plasmid_name                       ? 
_entity_src_gen.plasmid_details                    ? 
_entity_src_gen.pdbx_description                   ? 
# 
loop_
_chem_comp.id 
_chem_comp.type 
_chem_comp.mon_nstd_flag 
_chem_comp.name 
_chem_comp.pdbx_synonyms 
_chem_comp.formula 
_chem_comp.formula_weight 
ALA 'L-peptide linking' y ALANINE         ? 'C3 H7 N O2'     89.093  
ARG 'L-peptide linking' y ARGININE        ? 'C6 H15 N4 O2 1' 175.209 
ASN 'L-peptide linking' y ASPARAGINE      ? 'C4 H8 N2 O3'    132.118 
ASP 'L-peptide linking' y 'ASPARTIC ACID' ? 'C4 H7 N O4'     133.103 
GLN 'L-peptide linking' y GLUTAMINE       ? 'C5 H10 N2 O3'   146.144 
GLU 'L-peptide linking' y 'GLUTAMIC ACID' ? 'C5 H9 N O4'     147.129 
GLY 'peptide linking'   y GLYCINE         ? 'C2 H5 N O2'     75.067  
HIS 'L-peptide linking' y HISTIDINE       ? 'C6 H10 N3 O2 1' 156.162 
HOH non-polymer         . WATER           ? 'H2 O'           18.015  
ILE 'L-peptide linking' y ISOLEUCINE      ? 'C6 H13 N O2'    131.173 
IMD non-polymer         . IMIDAZOLE       ? 'C3 H5 N2 1'     69.085  
LEU 'L-peptide linking' y LEUCINE         ? 'C6 H13 N O2'    131.173 
LYS 'L-peptide linking' y LYSINE          ? 'C6 H15 N2 O2 1' 147.195 
MET 'L-peptide linking' y METHIONINE      ? 'C5 H11 N O2 S'  149.211 
PHE 'L-peptide linking' y PHENYLALANINE   ? 'C9 H11 N O2'    165.189 
PRO 'L-peptide linking' y PROLINE         ? 'C5 H9 N O2'     115.130 
SER 'L-peptide linking' y SERINE          ? 'C3 H7 N O3'     105.093 
THR 'L-peptide linking' y THREONINE       ? 'C4 H9 N O3'     119.119 
TYR 'L-peptide linking' y TYROSINE        ? 'C9 H11 N O3'    181.189 
VAL 'L-peptide linking' y VALINE          ? 'C5 H11 N O2'    117.146 
ZN  non-polymer         . 'ZINC ION'      ? 'Zn 2'           65.409  
# 
loop_
_pdbx_poly_seq_scheme.asym_id 
_pdbx_poly_seq_scheme.entity_id 
_pdbx_poly_seq_scheme.seq_id 
_pdbx_poly_seq_scheme.mon_id 
_pdbx_poly_seq_scheme.ndb_seq_num 
_pdbx_poly_seq_scheme.pdb_seq_num 
_pdbx_poly_seq_scheme.auth_seq_num 
_pdbx_poly_seq_scheme.pdb_mon_id 
_pdbx_poly_seq_scheme.auth_mon_id 
_pdbx_poly_seq_scheme.pdb_strand_id 
_pdbx_poly_seq_scheme.pdb_ins_code 
_pdbx_poly_seq_scheme.hetero 
A 1 1  SER 1  1  1  SER SER A . n 
A 1 2  THR 2  2  2  THR THR A . n 
A 1 3  ILE 3  3  3  ILE ILE A . n 
A 1 4  GLU 4  4  4  GLU GLU A . n 
A 1 5  GLU 5  5  5  GLU GLU A . n 
A 1 6  ARG 6  6  6  ARG ARG A . n 
A 1 7  VAL 7  7  7  VAL VAL A . n 
A 1 8  LYS 8  8  8  LYS LYS A . n 
A 1 9  LYS 9  9  9  LYS LYS A . n 
A 1 10 ILE 10 10 10 ILE ILE A . n 
A 1 11 ILE 11 11 11 ILE ILE A . n 
A 1 12 GLY 12 12 12 GLY GLY A . n 
A 1 13 GLU 13 13 13 GLU GLU A . n 
A 1 14 GLN 14 14 14 GLN GLN A . n 
A 1 15 LEU 15 15 15 LEU LEU A . n 
A 1 16 GLY 16 16 16 GLY GLY A . n 
A 1 17 VAL 17 17 17 VAL VAL A . n 
A 1 18 LYS 18 18 18 LYS LYS A . n 
A 1 19 GLN 19 19 19 GLN GLN A . n 
A 1 20 GLU 20 20 20 GLU GLU A . n 
A 1 21 GLU 21 21 21 GLU GLU A . n 
A 1 22 VAL 22 22 22 VAL VAL A . n 
A 1 23 THR 23 23 23 THR THR A . n 
A 1 24 ASN 24 24 24 ASN ASN A . n 
A 1 25 ASN 25 25 25 ASN ASN A . n 
A 1 26 ALA 26 26 26 ALA ALA A . n 
A 1 27 SER 27 27 27 SER SER A . n 
A 1 28 PHE 28 28 28 PHE PHE A . n 
A 1 29 VAL 29 29 29 VAL VAL A . n 
A 1 30 GLU 30 30 30 GLU GLU A . n 
A 1 31 ASP 31 31 31 ASP ASP A . n 
A 1 32 LEU 32 32 32 LEU LEU A . n 
A 1 33 GLY 33 33 33 GLY GLY A . n 
A 1 34 ALA 34 34 34 ALA ALA A . n 
A 1 35 ASP 35 35 35 ASP ASP A . n 
A 1 36 SER 36 36 36 SER SER A . n 
A 1 37 LEU 37 37 37 LEU LEU A . n 
A 1 38 ASP 38 38 38 ASP ASP A . n 
A 1 39 THR 39 39 39 THR THR A . n 
A 1 40 VAL 40 40 40 VAL VAL A . n 
A 1 41 GLU 41 41 41 GLU GLU A . n 
A 1 42 LEU 42 42 42 LEU LEU A . n 
A 1 43 VAL 43 43 43 VAL VAL A . n 
A 1 44 MET 44 44 44 MET MET A . n 
A 1 45 ALA 45 45 45 ALA ALA A . n 
A 1 46 LEU 46 46 46 LEU LEU A . n 
A 1 47 GLU 47 47 47 GLU GLU A . n 
A 1 48 GLU 48 48 48 GLU GLU A . n 
A 1 49 GLU 49 49 49 GLU GLU A . n 
A 1 50 PHE 50 50 50 PHE PHE A . n 
A 1 51 ASP 51 51 51 ASP ASP A . n 
A 1 52 THR 52 52 52 THR THR A . n 
A 1 53 GLU 53 53 53 GLU GLU A . n 
A 1 54 ILE 54 54 54 ILE ILE A . n 
A 1 55 PRO 55 55 55 PRO PRO A . n 
A 1 56 ASP 56 56 56 ASP ASP A . n 
A 1 57 GLU 57 57 57 GLU GLU A . n 
A 1 58 GLU 58 58 58 GLU GLU A . n 
A 1 59 ALA 59 59 59 ALA ALA A . n 
A 1 60 GLU 60 60 60 GLU GLU A . n 
A 1 61 LYS 61 61 61 LYS LYS A . n 
A 1 62 ILE 62 62 62 ILE ILE A . n 
A 1 63 THR 63 63 63 THR THR A . n 
A 1 64 THR 64 64 64 THR THR A . n 
A 1 65 VAL 65 65 65 VAL VAL A . n 
A 1 66 GLN 66 66 66 GLN GLN A . n 
A 1 67 ALA 67 67 67 ALA ALA A . n 
A 1 68 ALA 68 68 68 ALA ALA A . n 
A 1 69 ILE 69 69 69 ILE ILE A . n 
A 1 70 ASP 70 70 70 ASP ASP A . n 
A 1 71 TYR 71 71 71 TYR TYR A . n 
A 1 72 ILE 72 72 72 ILE ILE A . n 
A 1 73 ASN 73 73 73 ASN ASN A . n 
A 1 74 GLY 74 74 74 GLY GLY A . n 
A 1 75 HIS 75 75 75 HIS HIS A . n 
A 1 76 GLN 76 76 76 GLN GLN A . n 
A 1 77 ALA 77 77 77 ALA ALA A . n 
# 
loop_
_pdbx_nonpoly_scheme.asym_id 
_pdbx_nonpoly_scheme.entity_id 
_pdbx_nonpoly_scheme.mon_id 
_pdbx_nonpoly_scheme.ndb_seq_num 
_pdbx_nonpoly_scheme.pdb_seq_num 
_pdbx_nonpoly_scheme.auth_seq_num 
_pdbx_nonpoly_scheme.pdb_mon_id 
_pdbx_nonpoly_scheme.auth_mon_id 
_pdbx_nonpoly_scheme.pdb_strand_id 
_pdbx_nonpoly_scheme.pdb_ins_code 
B 2 ZN  1   201 1   ZN  ZN9 A . 
C 2 ZN  1   202 2   ZN  ZN9 A . 
D 2 ZN  1   203 3   ZN  ZN9 A . 
E 2 ZN  1   204 4   ZN  ZN9 A . 
F 2 ZN  1   205 5   ZN  ZN9 A . 
G 2 ZN  1   206 6   ZN  ZN9 A . 
H 2 ZN  1   207 7   ZN  ZN9 A . 
I 2 ZN  1   208 8   ZN  ZN9 A . 
J 2 ZN  1   209 9   ZN  ZN9 A . 
K 2 ZN  1   210 10  ZN  ZN9 A . 
L 3 IMD 1   301 1   IMD IMD A . 
M 3 IMD 1   302 2   IMD IMD A . 
N 3 IMD 1   303 3   IMD IMD A . 
O 3 IMD 1   304 4   IMD IMD A . 
P 3 IMD 1   305 5   IMD IMD A . 
Q 3 IMD 1   306 6   IMD IMD A . 
R 4 HOH 1   307 1   HOH HOH A . 
R 4 HOH 2   308 2   HOH HOH A . 
R 4 HOH 3   309 3   HOH HOH A . 
R 4 HOH 4   310 4   HOH HOH A . 
R 4 HOH 5   311 5   HOH HOH A . 
R 4 HOH 6   312 6   HOH HOH A . 
R 4 HOH 7   313 7   HOH HOH A . 
R 4 HOH 8   314 8   HOH HOH A . 
R 4 HOH 9   315 9   HOH HOH A . 
R 4 HOH 10  316 10  HOH HOH A . 
R 4 HOH 11  317 11  HOH HOH A . 
R 4 HOH 12  318 12  HOH HOH A . 
R 4 HOH 13  319 13  HOH HOH A . 
R 4 HOH 14  320 14  HOH HOH A . 
R 4 HOH 15  321 15  HOH HOH A . 
R 4 HOH 16  322 16  HOH HOH A . 
R 4 HOH 17  323 17  HOH HOH A . 
R 4 HOH 18  324 18  HOH HOH A . 
R 4 HOH 19  325 19  HOH HOH A . 
R 4 HOH 20  326 20  HOH HOH A . 
R 4 HOH 21  327 21  HOH HOH A . 
R 4 HOH 22  328 22  HOH HOH A . 
R 4 HOH 23  329 23  HOH HOH A . 
R 4 HOH 24  330 24  HOH HOH A . 
R 4 HOH 25  331 25  HOH HOH A . 
R 4 HOH 26  332 26  HOH HOH A . 
R 4 HOH 27  333 27  HOH HOH A . 
R 4 HOH 28  334 28  HOH HOH A . 
R 4 HOH 29  335 29  HOH HOH A . 
R 4 HOH 30  336 30  HOH HOH A . 
R 4 HOH 31  337 31  HOH HOH A . 
R 4 HOH 32  338 32  HOH HOH A . 
R 4 HOH 33  339 33  HOH HOH A . 
R 4 HOH 34  340 34  HOH HOH A . 
R 4 HOH 35  341 35  HOH HOH A . 
R 4 HOH 36  342 36  HOH HOH A . 
R 4 HOH 37  343 37  HOH HOH A . 
R 4 HOH 38  344 38  HOH HOH A . 
R 4 HOH 39  345 39  HOH HOH A . 
R 4 HOH 40  346 40  HOH HOH A . 
R 4 HOH 41  347 41  HOH HOH A . 
R 4 HOH 42  348 42  HOH HOH A . 
R 4 HOH 43  349 43  HOH HOH A . 
R 4 HOH 44  350 44  HOH HOH A . 
R 4 HOH 45  351 45  HOH HOH A . 
R 4 HOH 46  352 46  HOH HOH A . 
R 4 HOH 47  353 47  HOH HOH A . 
R 4 HOH 48  354 48  HOH HOH A . 
R 4 HOH 49  355 49  HOH HOH A . 
R 4 HOH 50  356 50  HOH HOH A . 
R 4 HOH 51  357 51  HOH HOH A . 
R 4 HOH 52  358 52  HOH HOH A . 
R 4 HOH 53  359 53  HOH HOH A . 
R 4 HOH 54  360 54  HOH HOH A . 
R 4 HOH 55  361 55  HOH HOH A . 
R 4 HOH 56  362 56  HOH HOH A . 
R 4 HOH 57  363 57  HOH HOH A . 
R 4 HOH 58  364 58  HOH HOH A . 
R 4 HOH 59  365 59  HOH HOH A . 
R 4 HOH 60  366 60  HOH HOH A . 
R 4 HOH 61  367 61  HOH HOH A . 
R 4 HOH 62  368 62  HOH HOH A . 
R 4 HOH 63  369 63  HOH HOH A . 
R 4 HOH 64  370 64  HOH HOH A . 
R 4 HOH 65  371 65  HOH HOH A . 
R 4 HOH 66  372 66  HOH HOH A . 
R 4 HOH 67  373 67  HOH HOH A . 
R 4 HOH 68  374 68  HOH HOH A . 
R 4 HOH 69  375 69  HOH HOH A . 
R 4 HOH 70  376 70  HOH HOH A . 
R 4 HOH 71  377 71  HOH HOH A . 
R 4 HOH 72  378 72  HOH HOH A . 
R 4 HOH 73  379 73  HOH HOH A . 
R 4 HOH 74  380 74  HOH HOH A . 
R 4 HOH 75  381 75  HOH HOH A . 
R 4 HOH 76  382 76  HOH HOH A . 
R 4 HOH 77  383 77  HOH HOH A . 
R 4 HOH 78  384 78  HOH HOH A . 
R 4 HOH 79  385 79  HOH HOH A . 
R 4 HOH 80  386 80  HOH HOH A . 
R 4 HOH 81  387 81  HOH HOH A . 
R 4 HOH 82  388 82  HOH HOH A . 
R 4 HOH 83  389 83  HOH HOH A . 
R 4 HOH 84  390 84  HOH HOH A . 
R 4 HOH 85  391 85  HOH HOH A . 
R 4 HOH 86  392 86  HOH HOH A . 
R 4 HOH 87  393 87  HOH HOH A . 
R 4 HOH 88  394 88  HOH HOH A . 
R 4 HOH 89  395 89  HOH HOH A . 
R 4 HOH 90  396 90  HOH HOH A . 
R 4 HOH 91  397 91  HOH HOH A . 
R 4 HOH 92  398 92  HOH HOH A . 
R 4 HOH 93  399 93  HOH HOH A . 
R 4 HOH 94  400 94  HOH HOH A . 
R 4 HOH 95  401 95  HOH HOH A . 
R 4 HOH 96  402 96  HOH HOH A . 
R 4 HOH 97  403 97  HOH HOH A . 
R 4 HOH 98  404 98  HOH HOH A . 
R 4 HOH 99  405 99  HOH HOH A . 
R 4 HOH 100 406 100 HOH HOH A . 
# 
loop_
_software.name 
_software.classification 
_software.version 
_software.citation_id 
_software.pdbx_ordinal 
REFMAC    refinement       5.1.24 ? 1 
DENZO     'data reduction' .      ? 2 
SCALEPACK 'data scaling'   .      ? 3 
SOLVE     phasing          .      ? 4 
# 
_cell.entry_id           1T8K 
_cell.length_a           27.510 
_cell.length_b           41.260 
_cell.length_c           62.480 
_cell.angle_alpha        90.00 
_cell.angle_beta         90.00 
_cell.angle_gamma        90.00 
_cell.Z_PDB              4 
_cell.pdbx_unique_axis   ? 
# 
_symmetry.entry_id                         1T8K 
_symmetry.space_group_name_H-M             'P 21 21 21' 
_symmetry.pdbx_full_space_group_name_H-M   ? 
_symmetry.cell_setting                     ? 
_symmetry.Int_Tables_number                19 
_symmetry.space_group_name_Hall            ? 
# 
_exptl.entry_id          1T8K 
_exptl.method            'X-RAY DIFFRACTION' 
_exptl.crystals_number   1 
# 
_exptl_crystal.id                    1 
_exptl_crystal.density_meas          ? 
_exptl_crystal.density_percent_sol   40 
_exptl_crystal.description           ? 
_exptl_crystal.density_Matthews      2 
_exptl_crystal.F_000                 ? 
_exptl_crystal.preparation           ? 
# 
_exptl_crystal_grow.crystal_id      1 
_exptl_crystal_grow.method          'VAPOR DIFFUSION, SITTING DROP' 
_exptl_crystal_grow.temp            300 
_exptl_crystal_grow.temp_details    ? 
_exptl_crystal_grow.pH              7 
_exptl_crystal_grow.pdbx_details    'peg, zinc acetate, imidazole buffer, pH 7, VAPOR DIFFUSION, SITTING DROP, temperature 300K' 
_exptl_crystal_grow.pdbx_pH_range   . 
# 
_diffrn.id                     1 
_diffrn.ambient_temp           100 
_diffrn.ambient_temp_details   ? 
_diffrn.crystal_id             1 
# 
_diffrn_detector.diffrn_id              1 
_diffrn_detector.detector               CCD 
_diffrn_detector.type                   'ADSC QUANTUM 4' 
_diffrn_detector.pdbx_collection_date   2000-10-01 
_diffrn_detector.details                ? 
# 
_diffrn_radiation.diffrn_id                        1 
_diffrn_radiation.wavelength_id                    1 
_diffrn_radiation.pdbx_monochromatic_or_laue_m_l   M 
_diffrn_radiation.monochromator                    esrf 
_diffrn_radiation.pdbx_diffrn_protocol             MAD 
_diffrn_radiation.pdbx_scattering_type             x-ray 
# 
loop_
_diffrn_radiation_wavelength.id 
_diffrn_radiation_wavelength.wavelength 
_diffrn_radiation_wavelength.wt 
1 0.98    1.0 
2 1.28242 1.0 
3 1.28295 1.0 
4 1.21940 1.0 
# 
_diffrn_source.diffrn_id                   1 
_diffrn_source.source                      SYNCHROTRON 
_diffrn_source.type                        'ESRF BEAMLINE ID14-2' 
_diffrn_source.pdbx_synchrotron_site       ESRF 
_diffrn_source.pdbx_synchrotron_beamline   ID14-2 
_diffrn_source.pdbx_wavelength             ? 
_diffrn_source.pdbx_wavelength_list        0.98,1.28242,1.28295,1.21940 
# 
_reflns.entry_id                     1T8K 
_reflns.observed_criterion_sigma_F   2.0 
_reflns.observed_criterion_sigma_I   2.0 
_reflns.d_resolution_high            1.1 
_reflns.d_resolution_low             20.0 
_reflns.number_all                   46801 
_reflns.number_obs                   46801 
_reflns.percent_possible_obs         83.9 
_reflns.pdbx_Rmerge_I_obs            0.067 
_reflns.pdbx_Rsym_value              ? 
_reflns.pdbx_netI_over_sigmaI        17.1 
_reflns.B_iso_Wilson_estimate        ? 
_reflns.pdbx_redundancy              3.7 
_reflns.R_free_details               ? 
_reflns.limit_h_max                  ? 
_reflns.limit_h_min                  ? 
_reflns.limit_k_max                  ? 
_reflns.limit_k_min                  ? 
_reflns.limit_l_max                  ? 
_reflns.limit_l_min                  ? 
_reflns.observed_criterion_F_max     ? 
_reflns.observed_criterion_F_min     ? 
_reflns.pdbx_chi_squared             ? 
_reflns.pdbx_scaling_rejects         ? 
_reflns.pdbx_diffrn_id               1 
_reflns.pdbx_ordinal                 1 
# 
_reflns_shell.d_res_high             1.1 
_reflns_shell.d_res_low              1.14 
_reflns_shell.percent_possible_all   36.7 
_reflns_shell.Rmerge_I_obs           0.199 
_reflns_shell.pdbx_Rsym_value        ? 
_reflns_shell.meanI_over_sigI_obs    2.6 
_reflns_shell.pdbx_redundancy        3 
_reflns_shell.percent_possible_obs   ? 
_reflns_shell.number_unique_all      ? 
_reflns_shell.number_measured_all    ? 
_reflns_shell.number_measured_obs    ? 
_reflns_shell.number_unique_obs      ? 
_reflns_shell.pdbx_chi_squared       ? 
_reflns_shell.pdbx_diffrn_id         ? 
_reflns_shell.pdbx_ordinal           1 
# 
_refine.entry_id                                 1T8K 
_refine.ls_number_reflns_obs                     23567 
_refine.ls_number_reflns_all                     23567 
_refine.pdbx_ls_sigma_I                          ? 
_refine.pdbx_ls_sigma_F                          0.0 
_refine.pdbx_data_cutoff_high_absF               ? 
_refine.pdbx_data_cutoff_low_absF                ? 
_refine.pdbx_data_cutoff_high_rms_absF           ? 
_refine.ls_d_res_low                             20.00 
_refine.ls_d_res_high                            1.10 
_refine.ls_percent_reflns_obs                    83.87 
_refine.ls_R_factor_obs                          0.13381 
_refine.ls_R_factor_all                          ? 
_refine.ls_R_factor_R_work                       0.13294 
_refine.ls_R_factor_R_free                       0.14987 
_refine.ls_R_factor_R_free_error                 ? 
_refine.ls_R_factor_R_free_error_details         ? 
_refine.ls_percent_reflns_R_free                 5.1 
_refine.ls_number_reflns_R_free                  1256 
_refine.ls_number_parameters                     ? 
_refine.ls_number_restraints                     ? 
_refine.occupancy_min                            ? 
_refine.occupancy_max                            ? 
_refine.correlation_coeff_Fo_to_Fc               0.970 
_refine.correlation_coeff_Fo_to_Fc_free          0.967 
_refine.B_iso_mean                               11.149 
_refine.aniso_B[1][1]                            -0.60 
_refine.aniso_B[2][2]                            -0.01 
_refine.aniso_B[3][3]                            0.61 
_refine.aniso_B[1][2]                            0.00 
_refine.aniso_B[1][3]                            0.00 
_refine.aniso_B[2][3]                            0.00 
_refine.solvent_model_details                    'BABINET MODEL WITH MASK' 
_refine.solvent_model_param_ksol                 ? 
_refine.solvent_model_param_bsol                 ? 
_refine.pdbx_solvent_vdw_probe_radii             1.40 
_refine.pdbx_solvent_ion_probe_radii             0.80 
_refine.pdbx_solvent_shrinkage_radii             0.80 
_refine.pdbx_ls_cross_valid_method               THROUGHOUT 
_refine.details                                  ? 
_refine.pdbx_starting_model                      ? 
_refine.pdbx_method_to_determine_struct          MAD 
_refine.pdbx_isotropic_thermal_model             ? 
_refine.pdbx_stereochemistry_target_values       'MAXIMUM LIKELIHOOD' 
_refine.pdbx_stereochem_target_val_spec_case     ? 
_refine.pdbx_R_Free_selection_details            RANDOM 
_refine.pdbx_overall_ESU_R                       0.033 
_refine.pdbx_overall_ESU_R_Free                  0.032 
_refine.overall_SU_ML                            0.018 
_refine.overall_SU_B                             0.368 
_refine.ls_redundancy_reflns_obs                 ? 
_refine.B_iso_min                                ? 
_refine.B_iso_max                                ? 
_refine.overall_SU_R_Cruickshank_DPI             ? 
_refine.overall_SU_R_free                        ? 
_refine.ls_wR_factor_R_free                      ? 
_refine.ls_wR_factor_R_work                      ? 
_refine.overall_FOM_free_R_set                   ? 
_refine.overall_FOM_work_R_set                   ? 
_refine.pdbx_refine_id                           'X-RAY DIFFRACTION' 
_refine.pdbx_diffrn_id                           1 
_refine.pdbx_TLS_residual_ADP_flag               ? 
_refine.pdbx_overall_phase_error                 ? 
_refine.pdbx_overall_SU_R_free_Cruickshank_DPI   ? 
_refine.pdbx_overall_SU_R_Blow_DPI               ? 
_refine.pdbx_overall_SU_R_free_Blow_DPI          ? 
# 
_refine_analyze.entry_id                        1T8K 
_refine_analyze.Luzzati_coordinate_error_obs    0.033 
_refine_analyze.Luzzati_sigma_a_obs             ? 
_refine_analyze.Luzzati_d_res_low_obs           ? 
_refine_analyze.Luzzati_coordinate_error_free   0.032 
_refine_analyze.Luzzati_sigma_a_free            ? 
_refine_analyze.Luzzati_d_res_low_free          ? 
_refine_analyze.number_disordered_residues      ? 
_refine_analyze.occupancy_sum_non_hydrogen      ? 
_refine_analyze.occupancy_sum_hydrogen          ? 
_refine_analyze.pdbx_Luzzati_d_res_high_obs     ? 
_refine_analyze.pdbx_refine_id                  'X-RAY DIFFRACTION' 
# 
_refine_hist.pdbx_refine_id                   'X-RAY DIFFRACTION' 
_refine_hist.cycle_id                         LAST 
_refine_hist.pdbx_number_atoms_protein        607 
_refine_hist.pdbx_number_atoms_nucleic_acid   0 
_refine_hist.pdbx_number_atoms_ligand         40 
_refine_hist.number_atoms_solvent             103 
_refine_hist.number_atoms_total               750 
_refine_hist.d_res_high                       1.10 
_refine_hist.d_res_low                        20.00 
# 
loop_
_refine_ls_restr.type 
_refine_ls_restr.dev_ideal 
_refine_ls_restr.dev_ideal_target 
_refine_ls_restr.weight 
_refine_ls_restr.number 
_refine_ls_restr.pdbx_refine_id 
_refine_ls_restr.pdbx_restraint_function 
r_bond_refined_d         0.014 0.021 ? 642 'X-RAY DIFFRACTION' ? 
r_bond_other_d           ?     ?     ? ?   'X-RAY DIFFRACTION' ? 
r_angle_refined_deg      1.501 2.000 ? 860 'X-RAY DIFFRACTION' ? 
r_angle_other_deg        ?     ?     ? ?   'X-RAY DIFFRACTION' ? 
r_dihedral_angle_1_deg   4.737 5.000 ? 78  'X-RAY DIFFRACTION' ? 
r_dihedral_angle_2_deg   ?     ?     ? ?   'X-RAY DIFFRACTION' ? 
r_dihedral_angle_3_deg   ?     ?     ? ?   'X-RAY DIFFRACTION' ? 
r_dihedral_angle_4_deg   ?     ?     ? ?   'X-RAY DIFFRACTION' ? 
r_chiral_restr           0.096 0.200 ? 100 'X-RAY DIFFRACTION' ? 
r_gen_planes_refined     0.009 0.020 ? 495 'X-RAY DIFFRACTION' ? 
r_gen_planes_other       ?     ?     ? ?   'X-RAY DIFFRACTION' ? 
r_nbd_refined            0.218 0.200 ? 343 'X-RAY DIFFRACTION' ? 
r_nbd_other              ?     ?     ? ?   'X-RAY DIFFRACTION' ? 
r_nbtor_refined          ?     ?     ? ?   'X-RAY DIFFRACTION' ? 
r_nbtor_other            ?     ?     ? ?   'X-RAY DIFFRACTION' ? 
r_xyhbond_nbd_refined    0.359 0.200 ? 60  'X-RAY DIFFRACTION' ? 
r_xyhbond_nbd_other      ?     ?     ? ?   'X-RAY DIFFRACTION' ? 
r_metal_ion_refined      0.180 0.200 ? 20  'X-RAY DIFFRACTION' ? 
r_metal_ion_other        ?     ?     ? ?   'X-RAY DIFFRACTION' ? 
r_symmetry_vdw_refined   0.263 0.200 ? 49  'X-RAY DIFFRACTION' ? 
r_symmetry_vdw_other     ?     ?     ? ?   'X-RAY DIFFRACTION' ? 
r_symmetry_hbond_refined 0.108 0.200 ? 18  'X-RAY DIFFRACTION' ? 
r_symmetry_hbond_other   ?     ?     ? ?   'X-RAY DIFFRACTION' ? 
r_mcbond_it              1.498 1.500 ? 389 'X-RAY DIFFRACTION' ? 
r_mcbond_other           ?     ?     ? ?   'X-RAY DIFFRACTION' ? 
r_mcangle_it             2.341 2.000 ? 632 'X-RAY DIFFRACTION' ? 
r_scbond_it              2.964 3.000 ? 253 'X-RAY DIFFRACTION' ? 
r_scangle_it             4.212 4.500 ? 228 'X-RAY DIFFRACTION' ? 
r_rigid_bond_restr       1.404 2.000 ? 642 'X-RAY DIFFRACTION' ? 
r_sphericity_free        5.720 2.000 ? 113 'X-RAY DIFFRACTION' ? 
r_sphericity_bonded      3.660 2.000 ? 637 'X-RAY DIFFRACTION' ? 
# 
_refine_ls_shell.pdbx_total_number_of_bins_used   20 
_refine_ls_shell.d_res_high                       1.100 
_refine_ls_shell.d_res_low                        1.129 
_refine_ls_shell.number_reflns_R_work             717 
_refine_ls_shell.R_factor_R_work                  0.168 
_refine_ls_shell.percent_reflns_obs               ? 
_refine_ls_shell.R_factor_R_free                  0.147 
_refine_ls_shell.R_factor_R_free_error            ? 
_refine_ls_shell.percent_reflns_R_free            ? 
_refine_ls_shell.number_reflns_R_free             39 
_refine_ls_shell.number_reflns_obs                ? 
_refine_ls_shell.redundancy_reflns_obs            ? 
_refine_ls_shell.number_reflns_all                ? 
_refine_ls_shell.pdbx_refine_id                   'X-RAY DIFFRACTION' 
_refine_ls_shell.R_factor_all                     ? 
# 
_struct.entry_id                  1T8K 
_struct.title                     'Crystal Structure of apo acyl carrier protein from E. coli' 
_struct.pdbx_model_details        ? 
_struct.pdbx_CASP_flag            ? 
_struct.pdbx_model_type_details   ? 
# 
_struct_keywords.entry_id        1T8K 
_struct_keywords.pdbx_keywords   'LIPID TRANSPORT' 
_struct_keywords.text            'acp, LIPID TRANSPORT' 
# 
loop_
_struct_asym.id 
_struct_asym.pdbx_blank_PDB_chainid_flag 
_struct_asym.pdbx_modified 
_struct_asym.entity_id 
_struct_asym.details 
A N N 1 ? 
B N N 2 ? 
C N N 2 ? 
D N N 2 ? 
E N N 2 ? 
F N N 2 ? 
G N N 2 ? 
H N N 2 ? 
I N N 2 ? 
J N N 2 ? 
K N N 2 ? 
L N N 3 ? 
M N N 3 ? 
N N N 3 ? 
O N N 3 ? 
P N N 3 ? 
Q N N 3 ? 
R N N 4 ? 
# 
_struct_ref.id                         1 
_struct_ref.db_name                    UNP 
_struct_ref.db_code                    ACP_ECOLI 
_struct_ref.pdbx_db_accession          P0A6A8 
_struct_ref.entity_id                  1 
_struct_ref.pdbx_seq_one_letter_code   STIEERVKKIIGEQLGVKQEEVTNNASFVEDLGADSLDTVELVMALEEEFDTEIPDEEAEKITTVQAAIDYINGHQA 
_struct_ref.pdbx_align_begin           1 
_struct_ref.pdbx_db_isoform            ? 
# 
_struct_ref_seq.align_id                      1 
_struct_ref_seq.ref_id                        1 
_struct_ref_seq.pdbx_PDB_id_code              1T8K 
_struct_ref_seq.pdbx_strand_id                A 
_struct_ref_seq.seq_align_beg                 1 
_struct_ref_seq.pdbx_seq_align_beg_ins_code   ? 
_struct_ref_seq.seq_align_end                 77 
_struct_ref_seq.pdbx_seq_align_end_ins_code   ? 
_struct_ref_seq.pdbx_db_accession             P0A6A8 
_struct_ref_seq.db_align_beg                  1 
_struct_ref_seq.pdbx_db_align_beg_ins_code    ? 
_struct_ref_seq.db_align_end                  77 
_struct_ref_seq.pdbx_db_align_end_ins_code    ? 
_struct_ref_seq.pdbx_auth_seq_align_beg       1 
_struct_ref_seq.pdbx_auth_seq_align_end       77 
# 
_pdbx_struct_assembly.id                   1 
_pdbx_struct_assembly.details              author_defined_assembly 
_pdbx_struct_assembly.method_details       ? 
_pdbx_struct_assembly.oligomeric_details   monomeric 
_pdbx_struct_assembly.oligomeric_count     1 
# 
_pdbx_struct_assembly_gen.assembly_id       1 
_pdbx_struct_assembly_gen.oper_expression   1 
_pdbx_struct_assembly_gen.asym_id_list      A,B,C,D,E,F,G,H,I,J,K,L,M,N,O,P,Q,R 
# 
_pdbx_struct_oper_list.id                   1 
_pdbx_struct_oper_list.type                 'identity operation' 
_pdbx_struct_oper_list.name                 1_555 
_pdbx_struct_oper_list.symmetry_operation   x,y,z 
_pdbx_struct_oper_list.matrix[1][1]         1.0000000000 
_pdbx_struct_oper_list.matrix[1][2]         0.0000000000 
_pdbx_struct_oper_list.matrix[1][3]         0.0000000000 
_pdbx_struct_oper_list.vector[1]            0.0000000000 
_pdbx_struct_oper_list.matrix[2][1]         0.0000000000 
_pdbx_struct_oper_list.matrix[2][2]         1.0000000000 
_pdbx_struct_oper_list.matrix[2][3]         0.0000000000 
_pdbx_struct_oper_list.vector[2]            0.0000000000 
_pdbx_struct_oper_list.matrix[3][1]         0.0000000000 
_pdbx_struct_oper_list.matrix[3][2]         0.0000000000 
_pdbx_struct_oper_list.matrix[3][3]         1.0000000000 
_pdbx_struct_oper_list.vector[3]            0.0000000000 
# 
loop_
_struct_conf.conf_type_id 
_struct_conf.id 
_struct_conf.pdbx_PDB_helix_id 
_struct_conf.beg_label_comp_id 
_struct_conf.beg_label_asym_id 
_struct_conf.beg_label_seq_id 
_struct_conf.pdbx_beg_PDB_ins_code 
_struct_conf.end_label_comp_id 
_struct_conf.end_label_asym_id 
_struct_conf.end_label_seq_id 
_struct_conf.pdbx_end_PDB_ins_code 
_struct_conf.beg_auth_comp_id 
_struct_conf.beg_auth_asym_id 
_struct_conf.beg_auth_seq_id 
_struct_conf.end_auth_comp_id 
_struct_conf.end_auth_asym_id 
_struct_conf.end_auth_seq_id 
_struct_conf.pdbx_PDB_helix_class 
_struct_conf.details 
_struct_conf.pdbx_PDB_helix_length 
HELX_P HELX_P1 1 THR A 2  ? GLY A 16 ? THR A 2  GLY A 16 1 ? 15 
HELX_P HELX_P2 2 LYS A 18 ? VAL A 22 ? LYS A 18 VAL A 22 5 ? 5  
HELX_P HELX_P3 3 ASP A 35 ? ASP A 51 ? ASP A 35 ASP A 51 1 ? 17 
HELX_P HELX_P4 4 PRO A 55 ? GLU A 60 ? PRO A 55 GLU A 60 1 ? 6  
HELX_P HELX_P5 5 THR A 64 ? HIS A 75 ? THR A 64 HIS A 75 1 ? 12 
# 
_struct_conf_type.id          HELX_P 
_struct_conf_type.criteria    ? 
_struct_conf_type.reference   ? 
# 
loop_
_struct_conn.id 
_struct_conn.conn_type_id 
_struct_conn.pdbx_leaving_atom_flag 
_struct_conn.pdbx_PDB_id 
_struct_conn.ptnr1_label_asym_id 
_struct_conn.ptnr1_label_comp_id 
_struct_conn.ptnr1_label_seq_id 
_struct_conn.ptnr1_label_atom_id 
_struct_conn.pdbx_ptnr1_label_alt_id 
_struct_conn.pdbx_ptnr1_PDB_ins_code 
_struct_conn.pdbx_ptnr1_standard_comp_id 
_struct_conn.ptnr1_symmetry 
_struct_conn.ptnr2_label_asym_id 
_struct_conn.ptnr2_label_comp_id 
_struct_conn.ptnr2_label_seq_id 
_struct_conn.ptnr2_label_atom_id 
_struct_conn.pdbx_ptnr2_label_alt_id 
_struct_conn.pdbx_ptnr2_PDB_ins_code 
_struct_conn.ptnr1_auth_asym_id 
_struct_conn.ptnr1_auth_comp_id 
_struct_conn.ptnr1_auth_seq_id 
_struct_conn.ptnr2_auth_asym_id 
_struct_conn.ptnr2_auth_comp_id 
_struct_conn.ptnr2_auth_seq_id 
_struct_conn.ptnr2_symmetry 
_struct_conn.pdbx_ptnr3_label_atom_id 
_struct_conn.pdbx_ptnr3_label_seq_id 
_struct_conn.pdbx_ptnr3_label_comp_id 
_struct_conn.pdbx_ptnr3_label_asym_id 
_struct_conn.pdbx_ptnr3_label_alt_id 
_struct_conn.pdbx_ptnr3_PDB_ins_code 
_struct_conn.details 
_struct_conn.pdbx_dist_value 
_struct_conn.pdbx_value_order 
_struct_conn.pdbx_role 
metalc1  metalc ? ? A GLU 5  OE2 ? ? ? 1_555 D ZN  . ZN ? ? A GLU 5   A ZN  203 1_555 ? ? ? ? ? ? ? 1.951 ? ? 
metalc2  metalc ? ? A GLU 5  OE1 ? ? ? 1_555 D ZN  . ZN ? ? A GLU 5   A ZN  203 1_555 ? ? ? ? ? ? ? 2.732 ? ? 
metalc3  metalc ? ? A GLU 13 OE2 ? ? ? 1_555 E ZN  . ZN ? ? A GLU 13  A ZN  204 1_555 ? ? ? ? ? ? ? 1.914 ? ? 
metalc4  metalc ? ? A GLU 13 OE1 ? ? ? 1_555 E ZN  . ZN ? ? A GLU 13  A ZN  204 1_555 ? ? ? ? ? ? ? 2.712 ? ? 
metalc5  metalc ? ? A GLU 20 OE2 ? ? ? 1_555 K ZN  . ZN ? ? A GLU 20  A ZN  210 1_555 ? ? ? ? ? ? ? 2.062 ? ? 
metalc6  metalc ? ? A GLU 21 OE1 ? ? ? 1_555 B ZN  . ZN ? ? A GLU 21  A ZN  201 1_555 ? ? ? ? ? ? ? 2.391 ? ? 
metalc7  metalc ? ? A GLU 21 OE2 ? ? ? 1_555 B ZN  . ZN ? ? A GLU 21  A ZN  201 1_555 ? ? ? ? ? ? ? 2.017 ? ? 
metalc8  metalc ? ? A ASP 31 OD1 ? ? ? 3_545 C ZN  . ZN ? ? A ASP 31  A ZN  202 1_555 ? ? ? ? ? ? ? 1.985 ? ? 
metalc9  metalc ? ? A ASP 35 OD2 ? ? ? 4_565 B ZN  . ZN ? ? A ASP 35  A ZN  201 1_555 ? ? ? ? ? ? ? 1.992 ? ? 
metalc10 metalc ? ? A ASP 38 OD1 ? ? ? 4_565 B ZN  . ZN ? ? A ASP 38  A ZN  201 1_555 ? ? ? ? ? ? ? 2.044 ? ? 
metalc11 metalc ? ? A GLU 41 OE1 ? ? ? 1_555 J ZN  . ZN ? ? A GLU 41  A ZN  209 1_555 ? ? ? ? ? ? ? 1.823 ? ? 
metalc12 metalc ? ? A GLU 47 OE1 ? ? ? 1_655 D ZN  . ZN ? ? A GLU 47  A ZN  203 1_555 ? ? ? ? ? ? ? 2.012 ? ? 
metalc13 metalc ? ? A GLU 48 OE1 ? ? ? 1_555 F ZN  . ZN ? ? A GLU 48  A ZN  205 1_555 ? ? ? ? ? ? ? 1.920 ? ? 
metalc14 metalc ? ? A GLU 49 OE2 ? ? ? 4_455 F ZN  . ZN ? ? A GLU 49  A ZN  205 1_555 ? ? ? ? ? ? ? 2.705 ? ? 
metalc15 metalc ? ? A GLU 49 OE1 ? ? ? 4_455 F ZN  . ZN ? ? A GLU 49  A ZN  205 1_555 ? ? ? ? ? ? ? 1.962 ? ? 
metalc16 metalc ? ? A ASP 51 OD1 ? ? ? 4_555 E ZN  . ZN ? ? A ASP 51  A ZN  204 1_555 ? ? ? ? ? ? ? 1.937 ? ? 
metalc17 metalc ? ? A GLU 53 OE1 ? ? ? 1_655 D ZN  . ZN ? ? A GLU 53  A ZN  203 1_555 ? ? ? ? ? ? ? 1.887 ? ? 
metalc18 metalc ? ? A ASP 56 OD1 A ? ? 1_555 G ZN  . ZN ? ? A ASP 56  A ZN  206 1_555 ? ? ? ? ? ? ? 2.013 ? ? 
metalc19 metalc ? ? A ASP 56 OD1 B ? ? 1_555 H ZN  . ZN ? ? A ASP 56  A ZN  207 1_555 ? ? ? ? ? ? ? 1.910 ? ? 
metalc20 metalc ? ? A GLU 58 OE2 ? ? ? 1_555 C ZN  . ZN ? ? A GLU 58  A ZN  202 1_555 ? ? ? ? ? ? ? 1.943 ? ? 
metalc21 metalc ? ? A GLU 60 OE1 ? ? ? 1_555 G ZN  . ZN ? ? A GLU 60  A ZN  206 1_555 ? ? ? ? ? ? ? 1.924 ? ? 
metalc22 metalc ? ? A HIS 75 NE2 ? ? ? 1_555 C ZN  . ZN ? ? A HIS 75  A ZN  202 1_555 ? ? ? ? ? ? ? 2.041 ? ? 
metalc23 metalc ? ? B ZN  .  ZN  ? ? ? 1_555 L IMD . N3 ? ? A ZN  201 A IMD 301 1_555 ? ? ? ? ? ? ? 1.999 ? ? 
metalc24 metalc ? ? C ZN  .  ZN  ? ? ? 1_555 O IMD . N1 ? ? A ZN  202 A IMD 304 1_555 ? ? ? ? ? ? ? 1.979 ? ? 
metalc25 metalc ? ? D ZN  .  ZN  ? ? ? 1_555 R HOH . O  ? ? A ZN  203 A HOH 355 1_555 ? ? ? ? ? ? ? 1.827 ? ? 
metalc26 metalc ? ? E ZN  .  ZN  ? ? ? 1_555 M IMD . N3 ? ? A ZN  204 A IMD 302 1_555 ? ? ? ? ? ? ? 2.016 ? ? 
metalc27 metalc ? ? E ZN  .  ZN  ? ? ? 1_555 R HOH . O  ? ? A ZN  204 A HOH 360 1_555 ? ? ? ? ? ? ? 2.091 ? ? 
metalc28 metalc ? ? F ZN  .  ZN  ? ? ? 1_555 N IMD . N3 ? ? A ZN  205 A IMD 303 1_555 ? ? ? ? ? ? ? 1.964 ? ? 
metalc29 metalc ? ? F ZN  .  ZN  ? ? ? 1_555 R HOH . O  ? ? A ZN  205 A HOH 386 1_555 ? ? ? ? ? ? ? 1.966 ? ? 
metalc30 metalc ? ? G ZN  .  ZN  ? ? ? 1_555 R HOH . O  ? ? A ZN  206 A HOH 328 1_555 ? ? ? ? ? ? ? 2.152 ? ? 
metalc31 metalc ? ? G ZN  .  ZN  ? ? ? 1_555 R HOH . O  ? ? A ZN  206 A HOH 343 1_555 ? ? ? ? ? ? ? 1.919 ? ? 
metalc32 metalc ? ? G ZN  .  ZN  ? ? ? 1_555 R HOH . O  ? ? A ZN  206 A HOH 361 1_555 ? ? ? ? ? ? ? 2.658 ? ? 
metalc33 metalc ? ? H ZN  .  ZN  ? ? ? 1_555 P IMD . N3 ? ? A ZN  207 A IMD 305 1_555 ? ? ? ? ? ? ? 2.011 ? ? 
metalc34 metalc ? ? H ZN  .  ZN  ? ? ? 1_555 Q IMD . N3 ? ? A ZN  207 A IMD 306 1_555 ? ? ? ? ? ? ? 2.011 ? ? 
metalc35 metalc ? ? H ZN  .  ZN  ? ? ? 1_555 R HOH . O  ? ? A ZN  207 A HOH 389 1_555 ? ? ? ? ? ? ? 2.136 ? ? 
metalc36 metalc ? ? I ZN  .  ZN  ? ? ? 1_555 R HOH . O  ? ? A ZN  208 A HOH 380 1_555 ? ? ? ? ? ? ? 1.781 ? ? 
metalc37 metalc ? ? I ZN  .  ZN  ? ? ? 1_555 R HOH . O  ? ? A ZN  208 A HOH 390 1_555 ? ? ? ? ? ? ? 1.920 ? ? 
metalc38 metalc ? ? I ZN  .  ZN  ? ? ? 1_555 R HOH . O  ? ? A ZN  208 A HOH 392 1_555 ? ? ? ? ? ? ? 2.328 ? ? 
metalc39 metalc ? ? I ZN  .  ZN  ? ? ? 1_555 R HOH . O  A ? A ZN  208 A HOH 406 1_555 ? ? ? ? ? ? ? 2.074 ? ? 
metalc40 metalc ? ? J ZN  .  ZN  ? ? ? 4_565 L IMD . N1 ? ? A ZN  209 A IMD 301 1_555 ? ? ? ? ? ? ? 1.982 ? ? 
metalc41 metalc ? ? J ZN  .  ZN  ? ? ? 1_555 L IMD . N1 ? ? A ZN  209 A IMD 301 4_465 ? ? ? ? ? ? ? 1.982 ? ? 
metalc42 metalc ? ? J ZN  .  ZN  ? ? ? 1_555 R HOH . O  ? ? A ZN  209 A HOH 378 1_555 ? ? ? ? ? ? ? 2.421 ? ? 
metalc43 metalc ? ? K ZN  .  ZN  ? ? ? 1_555 R HOH . O  ? ? A ZN  210 A HOH 370 1_555 ? ? ? ? ? ? ? 2.092 ? ? 
# 
_struct_conn_type.id          metalc 
_struct_conn_type.criteria    ? 
_struct_conn_type.reference   ? 
# 
loop_
_pdbx_struct_conn_angle.id 
_pdbx_struct_conn_angle.ptnr1_label_atom_id 
_pdbx_struct_conn_angle.ptnr1_label_alt_id 
_pdbx_struct_conn_angle.ptnr1_label_asym_id 
_pdbx_struct_conn_angle.ptnr1_label_comp_id 
_pdbx_struct_conn_angle.ptnr1_label_seq_id 
_pdbx_struct_conn_angle.ptnr1_auth_atom_id 
_pdbx_struct_conn_angle.ptnr1_auth_asym_id 
_pdbx_struct_conn_angle.ptnr1_auth_comp_id 
_pdbx_struct_conn_angle.ptnr1_auth_seq_id 
_pdbx_struct_conn_angle.ptnr1_PDB_ins_code 
_pdbx_struct_conn_angle.ptnr1_symmetry 
_pdbx_struct_conn_angle.ptnr2_label_atom_id 
_pdbx_struct_conn_angle.ptnr2_label_alt_id 
_pdbx_struct_conn_angle.ptnr2_label_asym_id 
_pdbx_struct_conn_angle.ptnr2_label_comp_id 
_pdbx_struct_conn_angle.ptnr2_label_seq_id 
_pdbx_struct_conn_angle.ptnr2_auth_atom_id 
_pdbx_struct_conn_angle.ptnr2_auth_asym_id 
_pdbx_struct_conn_angle.ptnr2_auth_comp_id 
_pdbx_struct_conn_angle.ptnr2_auth_seq_id 
_pdbx_struct_conn_angle.ptnr2_PDB_ins_code 
_pdbx_struct_conn_angle.ptnr2_symmetry 
_pdbx_struct_conn_angle.ptnr3_label_atom_id 
_pdbx_struct_conn_angle.ptnr3_label_alt_id 
_pdbx_struct_conn_angle.ptnr3_label_asym_id 
_pdbx_struct_conn_angle.ptnr3_label_comp_id 
_pdbx_struct_conn_angle.ptnr3_label_seq_id 
_pdbx_struct_conn_angle.ptnr3_auth_atom_id 
_pdbx_struct_conn_angle.ptnr3_auth_asym_id 
_pdbx_struct_conn_angle.ptnr3_auth_comp_id 
_pdbx_struct_conn_angle.ptnr3_auth_seq_id 
_pdbx_struct_conn_angle.ptnr3_PDB_ins_code 
_pdbx_struct_conn_angle.ptnr3_symmetry 
_pdbx_struct_conn_angle.value 
_pdbx_struct_conn_angle.value_esd 
1  OE2 ? A GLU 5  ? A GLU 5   ? 1_555 ZN ? D ZN . ? A ZN 203 ? 1_555 OE1 ? A GLU 5  ? A GLU 5   ? 1_555 53.4  ? 
2  OE2 ? A GLU 5  ? A GLU 5   ? 1_555 ZN ? D ZN . ? A ZN 203 ? 1_555 OE1 ? A GLU 47 ? A GLU 47  ? 1_655 109.3 ? 
3  OE1 ? A GLU 5  ? A GLU 5   ? 1_555 ZN ? D ZN . ? A ZN 203 ? 1_555 OE1 ? A GLU 47 ? A GLU 47  ? 1_655 162.7 ? 
4  OE2 ? A GLU 5  ? A GLU 5   ? 1_555 ZN ? D ZN . ? A ZN 203 ? 1_555 OE1 ? A GLU 53 ? A GLU 53  ? 1_655 107.5 ? 
5  OE1 ? A GLU 5  ? A GLU 5   ? 1_555 ZN ? D ZN . ? A ZN 203 ? 1_555 OE1 ? A GLU 53 ? A GLU 53  ? 1_655 85.6  ? 
6  OE1 ? A GLU 47 ? A GLU 47  ? 1_655 ZN ? D ZN . ? A ZN 203 ? 1_555 OE1 ? A GLU 53 ? A GLU 53  ? 1_655 102.4 ? 
7  OE2 ? A GLU 5  ? A GLU 5   ? 1_555 ZN ? D ZN . ? A ZN 203 ? 1_555 O   ? R HOH .  ? A HOH 355 ? 1_555 115.0 ? 
8  OE1 ? A GLU 5  ? A GLU 5   ? 1_555 ZN ? D ZN . ? A ZN 203 ? 1_555 O   ? R HOH .  ? A HOH 355 ? 1_555 84.5  ? 
9  OE1 ? A GLU 47 ? A GLU 47  ? 1_655 ZN ? D ZN . ? A ZN 203 ? 1_555 O   ? R HOH .  ? A HOH 355 ? 1_555 104.9 ? 
10 OE1 ? A GLU 53 ? A GLU 53  ? 1_655 ZN ? D ZN . ? A ZN 203 ? 1_555 O   ? R HOH .  ? A HOH 355 ? 1_555 116.7 ? 
11 OE2 ? A GLU 13 ? A GLU 13  ? 1_555 ZN ? E ZN . ? A ZN 204 ? 1_555 OE1 ? A GLU 13 ? A GLU 13  ? 1_555 53.5  ? 
12 OE2 ? A GLU 13 ? A GLU 13  ? 1_555 ZN ? E ZN . ? A ZN 204 ? 1_555 OD1 ? A ASP 51 ? A ASP 51  ? 4_555 112.1 ? 
13 OE1 ? A GLU 13 ? A GLU 13  ? 1_555 ZN ? E ZN . ? A ZN 204 ? 1_555 OD1 ? A ASP 51 ? A ASP 51  ? 4_555 165.5 ? 
14 OE2 ? A GLU 13 ? A GLU 13  ? 1_555 ZN ? E ZN . ? A ZN 204 ? 1_555 N3  ? M IMD .  ? A IMD 302 ? 1_555 116.9 ? 
15 OE1 ? A GLU 13 ? A GLU 13  ? 1_555 ZN ? E ZN . ? A ZN 204 ? 1_555 N3  ? M IMD .  ? A IMD 302 ? 1_555 89.4  ? 
16 OD1 ? A ASP 51 ? A ASP 51  ? 4_555 ZN ? E ZN . ? A ZN 204 ? 1_555 N3  ? M IMD .  ? A IMD 302 ? 1_555 100.0 ? 
17 OE2 ? A GLU 13 ? A GLU 13  ? 1_555 ZN ? E ZN . ? A ZN 204 ? 1_555 O   ? R HOH .  ? A HOH 360 ? 1_555 114.2 ? 
18 OE1 ? A GLU 13 ? A GLU 13  ? 1_555 ZN ? E ZN . ? A ZN 204 ? 1_555 O   ? R HOH .  ? A HOH 360 ? 1_555 85.9  ? 
19 OD1 ? A ASP 51 ? A ASP 51  ? 4_555 ZN ? E ZN . ? A ZN 204 ? 1_555 O   ? R HOH .  ? A HOH 360 ? 1_555 100.8 ? 
20 N3  ? M IMD .  ? A IMD 302 ? 1_555 ZN ? E ZN . ? A ZN 204 ? 1_555 O   ? R HOH .  ? A HOH 360 ? 1_555 110.8 ? 
21 OE2 ? A GLU 20 ? A GLU 20  ? 1_555 ZN ? K ZN . ? A ZN 210 ? 1_555 O   ? R HOH .  ? A HOH 370 ? 1_555 96.7  ? 
22 OE1 ? A GLU 21 ? A GLU 21  ? 1_555 ZN ? B ZN . ? A ZN 201 ? 1_555 OE2 ? A GLU 21 ? A GLU 21  ? 1_555 58.4  ? 
23 OE1 ? A GLU 21 ? A GLU 21  ? 1_555 ZN ? B ZN . ? A ZN 201 ? 1_555 OD2 ? A ASP 35 ? A ASP 35  ? 4_565 85.9  ? 
24 OE2 ? A GLU 21 ? A GLU 21  ? 1_555 ZN ? B ZN . ? A ZN 201 ? 1_555 OD2 ? A ASP 35 ? A ASP 35  ? 4_565 109.5 ? 
25 OE1 ? A GLU 21 ? A GLU 21  ? 1_555 ZN ? B ZN . ? A ZN 201 ? 1_555 OD1 ? A ASP 38 ? A ASP 38  ? 4_565 157.7 ? 
26 OE2 ? A GLU 21 ? A GLU 21  ? 1_555 ZN ? B ZN . ? A ZN 201 ? 1_555 OD1 ? A ASP 38 ? A ASP 38  ? 4_565 99.8  ? 
27 OD2 ? A ASP 35 ? A ASP 35  ? 4_565 ZN ? B ZN . ? A ZN 201 ? 1_555 OD1 ? A ASP 38 ? A ASP 38  ? 4_565 108.0 ? 
28 OE1 ? A GLU 21 ? A GLU 21  ? 1_555 ZN ? B ZN . ? A ZN 201 ? 1_555 N3  ? L IMD .  ? A IMD 301 ? 1_555 89.0  ? 
29 OE2 ? A GLU 21 ? A GLU 21  ? 1_555 ZN ? B ZN . ? A ZN 201 ? 1_555 N3  ? L IMD .  ? A IMD 301 ? 1_555 110.3 ? 
30 OD2 ? A ASP 35 ? A ASP 35  ? 4_565 ZN ? B ZN . ? A ZN 201 ? 1_555 N3  ? L IMD .  ? A IMD 301 ? 1_555 129.2 ? 
31 OD1 ? A ASP 38 ? A ASP 38  ? 4_565 ZN ? B ZN . ? A ZN 201 ? 1_555 N3  ? L IMD .  ? A IMD 301 ? 1_555 95.0  ? 
32 OD1 ? A ASP 31 ? A ASP 31  ? 3_545 ZN ? C ZN . ? A ZN 202 ? 1_555 OE2 ? A GLU 58 ? A GLU 58  ? 1_555 123.0 ? 
33 OD1 ? A ASP 31 ? A ASP 31  ? 3_545 ZN ? C ZN . ? A ZN 202 ? 1_555 NE2 ? A HIS 75 ? A HIS 75  ? 1_555 106.0 ? 
34 OE2 ? A GLU 58 ? A GLU 58  ? 1_555 ZN ? C ZN . ? A ZN 202 ? 1_555 NE2 ? A HIS 75 ? A HIS 75  ? 1_555 118.1 ? 
35 OD1 ? A ASP 31 ? A ASP 31  ? 3_545 ZN ? C ZN . ? A ZN 202 ? 1_555 N1  ? O IMD .  ? A IMD 304 ? 1_555 103.0 ? 
36 OE2 ? A GLU 58 ? A GLU 58  ? 1_555 ZN ? C ZN . ? A ZN 202 ? 1_555 N1  ? O IMD .  ? A IMD 304 ? 1_555 97.6  ? 
37 NE2 ? A HIS 75 ? A HIS 75  ? 1_555 ZN ? C ZN . ? A ZN 202 ? 1_555 N1  ? O IMD .  ? A IMD 304 ? 1_555 106.4 ? 
38 OE1 ? A GLU 41 ? A GLU 41  ? 1_555 ZN ? J ZN . ? A ZN 209 ? 1_555 N1  ? L IMD .  ? A IMD 301 ? 1_555 95.2  ? 
39 OE1 ? A GLU 41 ? A GLU 41  ? 1_555 ZN ? J ZN . ? A ZN 209 ? 1_555 N1  ? L IMD .  ? A IMD 301 ? 4_465 112.1 ? 
40 N1  ? L IMD .  ? A IMD 301 ? 1_555 ZN ? J ZN . ? A ZN 209 ? 1_555 N1  ? L IMD .  ? A IMD 301 ? 4_465 37.8  ? 
41 OE1 ? A GLU 41 ? A GLU 41  ? 1_555 ZN ? J ZN . ? A ZN 209 ? 1_555 O   ? R HOH .  ? A HOH 378 ? 1_555 92.5  ? 
42 N1  ? L IMD .  ? A IMD 301 ? 1_555 ZN ? J ZN . ? A ZN 209 ? 1_555 O   ? R HOH .  ? A HOH 378 ? 1_555 139.1 ? 
43 N1  ? L IMD .  ? A IMD 301 ? 4_465 ZN ? J ZN . ? A ZN 209 ? 1_555 O   ? R HOH .  ? A HOH 378 ? 1_555 102.7 ? 
44 OE1 ? A GLU 48 ? A GLU 48  ? 1_555 ZN ? F ZN . ? A ZN 205 ? 1_555 OE2 ? A GLU 49 ? A GLU 49  ? 4_455 159.4 ? 
45 OE1 ? A GLU 48 ? A GLU 48  ? 1_555 ZN ? F ZN . ? A ZN 205 ? 1_555 OE1 ? A GLU 49 ? A GLU 49  ? 4_455 105.6 ? 
46 OE2 ? A GLU 49 ? A GLU 49  ? 4_455 ZN ? F ZN . ? A ZN 205 ? 1_555 OE1 ? A GLU 49 ? A GLU 49  ? 4_455 53.8  ? 
47 OE1 ? A GLU 48 ? A GLU 48  ? 1_555 ZN ? F ZN . ? A ZN 205 ? 1_555 N3  ? N IMD .  ? A IMD 303 ? 1_555 103.5 ? 
48 OE2 ? A GLU 49 ? A GLU 49  ? 4_455 ZN ? F ZN . ? A ZN 205 ? 1_555 N3  ? N IMD .  ? A IMD 303 ? 1_555 90.9  ? 
49 OE1 ? A GLU 49 ? A GLU 49  ? 4_455 ZN ? F ZN . ? A ZN 205 ? 1_555 N3  ? N IMD .  ? A IMD 303 ? 1_555 126.1 ? 
50 OE1 ? A GLU 48 ? A GLU 48  ? 1_555 ZN ? F ZN . ? A ZN 205 ? 1_555 O   ? R HOH .  ? A HOH 386 ? 1_555 105.8 ? 
51 OE2 ? A GLU 49 ? A GLU 49  ? 4_455 ZN ? F ZN . ? A ZN 205 ? 1_555 O   ? R HOH .  ? A HOH 386 ? 1_555 84.0  ? 
52 OE1 ? A GLU 49 ? A GLU 49  ? 4_455 ZN ? F ZN . ? A ZN 205 ? 1_555 O   ? R HOH .  ? A HOH 386 ? 1_555 109.0 ? 
53 N3  ? N IMD .  ? A IMD 303 ? 1_555 ZN ? F ZN . ? A ZN 205 ? 1_555 O   ? R HOH .  ? A HOH 386 ? 1_555 105.2 ? 
54 OD1 A A ASP 56 ? A ASP 56  ? 1_555 ZN ? G ZN . ? A ZN 206 ? 1_555 OE1 ? A GLU 60 ? A GLU 60  ? 1_555 141.0 ? 
55 OD1 A A ASP 56 ? A ASP 56  ? 1_555 ZN ? G ZN . ? A ZN 206 ? 1_555 O   ? R HOH .  ? A HOH 328 ? 1_555 85.3  ? 
56 OE1 ? A GLU 60 ? A GLU 60  ? 1_555 ZN ? G ZN . ? A ZN 206 ? 1_555 O   ? R HOH .  ? A HOH 328 ? 1_555 91.1  ? 
57 OD1 A A ASP 56 ? A ASP 56  ? 1_555 ZN ? G ZN . ? A ZN 206 ? 1_555 O   ? R HOH .  ? A HOH 343 ? 1_555 119.6 ? 
58 OE1 ? A GLU 60 ? A GLU 60  ? 1_555 ZN ? G ZN . ? A ZN 206 ? 1_555 O   ? R HOH .  ? A HOH 343 ? 1_555 99.3  ? 
59 O   ? R HOH .  ? A HOH 328 ? 1_555 ZN ? G ZN . ? A ZN 206 ? 1_555 O   ? R HOH .  ? A HOH 343 ? 1_555 92.3  ? 
60 OD1 A A ASP 56 ? A ASP 56  ? 1_555 ZN ? G ZN . ? A ZN 206 ? 1_555 O   ? R HOH .  ? A HOH 361 ? 1_555 111.0 ? 
61 OE1 ? A GLU 60 ? A GLU 60  ? 1_555 ZN ? G ZN . ? A ZN 206 ? 1_555 O   ? R HOH .  ? A HOH 361 ? 1_555 74.8  ? 
62 O   ? R HOH .  ? A HOH 328 ? 1_555 ZN ? G ZN . ? A ZN 206 ? 1_555 O   ? R HOH .  ? A HOH 361 ? 1_555 163.5 ? 
63 O   ? R HOH .  ? A HOH 343 ? 1_555 ZN ? G ZN . ? A ZN 206 ? 1_555 O   ? R HOH .  ? A HOH 361 ? 1_555 81.8  ? 
64 OD1 B A ASP 56 ? A ASP 56  ? 1_555 ZN ? H ZN . ? A ZN 207 ? 1_555 N3  ? P IMD .  ? A IMD 305 ? 1_555 98.0  ? 
65 OD1 B A ASP 56 ? A ASP 56  ? 1_555 ZN ? H ZN . ? A ZN 207 ? 1_555 N3  ? Q IMD .  ? A IMD 306 ? 1_555 120.9 ? 
66 N3  ? P IMD .  ? A IMD 305 ? 1_555 ZN ? H ZN . ? A ZN 207 ? 1_555 N3  ? Q IMD .  ? A IMD 306 ? 1_555 106.6 ? 
67 OD1 B A ASP 56 ? A ASP 56  ? 1_555 ZN ? H ZN . ? A ZN 207 ? 1_555 O   ? R HOH .  ? A HOH 389 ? 1_555 112.6 ? 
68 N3  ? P IMD .  ? A IMD 305 ? 1_555 ZN ? H ZN . ? A ZN 207 ? 1_555 O   ? R HOH .  ? A HOH 389 ? 1_555 103.4 ? 
69 N3  ? Q IMD .  ? A IMD 306 ? 1_555 ZN ? H ZN . ? A ZN 207 ? 1_555 O   ? R HOH .  ? A HOH 389 ? 1_555 112.5 ? 
70 O   ? R HOH .  ? A HOH 380 ? 1_555 ZN ? I ZN . ? A ZN 208 ? 1_555 O   ? R HOH .  ? A HOH 390 ? 1_555 69.4  ? 
71 O   ? R HOH .  ? A HOH 380 ? 1_555 ZN ? I ZN . ? A ZN 208 ? 1_555 O   ? R HOH .  ? A HOH 392 ? 1_555 55.6  ? 
72 O   ? R HOH .  ? A HOH 390 ? 1_555 ZN ? I ZN . ? A ZN 208 ? 1_555 O   ? R HOH .  ? A HOH 392 ? 1_555 87.6  ? 
73 O   ? R HOH .  ? A HOH 380 ? 1_555 ZN ? I ZN . ? A ZN 208 ? 1_555 O   A R HOH .  ? A HOH 406 ? 1_555 71.3  ? 
74 O   ? R HOH .  ? A HOH 390 ? 1_555 ZN ? I ZN . ? A ZN 208 ? 1_555 O   A R HOH .  ? A HOH 406 ? 1_555 139.5 ? 
75 O   ? R HOH .  ? A HOH 392 ? 1_555 ZN ? I ZN . ? A ZN 208 ? 1_555 O   A R HOH .  ? A HOH 406 ? 1_555 78.1  ? 
# 
loop_
_struct_site.id 
_struct_site.pdbx_evidence_code 
_struct_site.pdbx_auth_asym_id 
_struct_site.pdbx_auth_comp_id 
_struct_site.pdbx_auth_seq_id 
_struct_site.pdbx_auth_ins_code 
_struct_site.pdbx_num_residues 
_struct_site.details 
AC1 Software A ZN  201 ? 4 'BINDING SITE FOR RESIDUE ZN A 201'  
AC2 Software A ZN  202 ? 4 'BINDING SITE FOR RESIDUE ZN A 202'  
AC3 Software A ZN  203 ? 4 'BINDING SITE FOR RESIDUE ZN A 203'  
AC4 Software A ZN  204 ? 4 'BINDING SITE FOR RESIDUE ZN A 204'  
AC5 Software A ZN  205 ? 4 'BINDING SITE FOR RESIDUE ZN A 205'  
AC6 Software A ZN  206 ? 5 'BINDING SITE FOR RESIDUE ZN A 206'  
AC7 Software A ZN  207 ? 5 'BINDING SITE FOR RESIDUE ZN A 207'  
AC8 Software A ZN  208 ? 4 'BINDING SITE FOR RESIDUE ZN A 208'  
AC9 Software A ZN  209 ? 4 'BINDING SITE FOR RESIDUE ZN A 209'  
BC1 Software A ZN  210 ? 3 'BINDING SITE FOR RESIDUE ZN A 210'  
BC2 Software A IMD 301 ? 8 'BINDING SITE FOR RESIDUE IMD A 301' 
BC3 Software A IMD 302 ? 7 'BINDING SITE FOR RESIDUE IMD A 302' 
BC4 Software A IMD 303 ? 7 'BINDING SITE FOR RESIDUE IMD A 303' 
BC5 Software A IMD 304 ? 7 'BINDING SITE FOR RESIDUE IMD A 304' 
BC6 Software A IMD 305 ? 7 'BINDING SITE FOR RESIDUE IMD A 305' 
BC7 Software A IMD 306 ? 8 'BINDING SITE FOR RESIDUE IMD A 306' 
# 
loop_
_struct_site_gen.id 
_struct_site_gen.site_id 
_struct_site_gen.pdbx_num_res 
_struct_site_gen.label_comp_id 
_struct_site_gen.label_asym_id 
_struct_site_gen.label_seq_id 
_struct_site_gen.pdbx_auth_ins_code 
_struct_site_gen.auth_comp_id 
_struct_site_gen.auth_asym_id 
_struct_site_gen.auth_seq_id 
_struct_site_gen.label_atom_id 
_struct_site_gen.label_alt_id 
_struct_site_gen.symmetry 
_struct_site_gen.details 
1  AC1 4 GLU A 21 ? GLU A 21  . ? 1_555 ? 
2  AC1 4 ASP A 35 ? ASP A 35  . ? 4_565 ? 
3  AC1 4 ASP A 38 ? ASP A 38  . ? 4_565 ? 
4  AC1 4 IMD L .  ? IMD A 301 . ? 1_555 ? 
5  AC2 4 ASP A 31 ? ASP A 31  . ? 3_545 ? 
6  AC2 4 GLU A 58 ? GLU A 58  . ? 1_555 ? 
7  AC2 4 HIS A 75 ? HIS A 75  . ? 1_555 ? 
8  AC2 4 IMD O .  ? IMD A 304 . ? 1_555 ? 
9  AC3 4 GLU A 5  ? GLU A 5   . ? 1_555 ? 
10 AC3 4 GLU A 47 ? GLU A 47  . ? 1_655 ? 
11 AC3 4 GLU A 53 ? GLU A 53  . ? 1_655 ? 
12 AC3 4 HOH R .  ? HOH A 355 . ? 1_555 ? 
13 AC4 4 GLU A 13 ? GLU A 13  . ? 1_555 ? 
14 AC4 4 ASP A 51 ? ASP A 51  . ? 4_555 ? 
15 AC4 4 IMD M .  ? IMD A 302 . ? 1_555 ? 
16 AC4 4 HOH R .  ? HOH A 360 . ? 1_555 ? 
17 AC5 4 GLU A 48 ? GLU A 48  . ? 1_555 ? 
18 AC5 4 GLU A 49 ? GLU A 49  . ? 4_455 ? 
19 AC5 4 IMD N .  ? IMD A 303 . ? 1_555 ? 
20 AC5 4 HOH R .  ? HOH A 386 . ? 1_555 ? 
21 AC6 5 ASP A 56 ? ASP A 56  . ? 1_555 ? 
22 AC6 5 GLU A 60 ? GLU A 60  . ? 1_555 ? 
23 AC6 5 HOH R .  ? HOH A 328 . ? 1_555 ? 
24 AC6 5 HOH R .  ? HOH A 343 . ? 1_555 ? 
25 AC6 5 HOH R .  ? HOH A 361 . ? 1_555 ? 
26 AC7 5 ASP A 56 ? ASP A 56  . ? 1_555 ? 
27 AC7 5 IMD P .  ? IMD A 305 . ? 1_555 ? 
28 AC7 5 IMD Q .  ? IMD A 306 . ? 1_555 ? 
29 AC7 5 HOH R .  ? HOH A 361 . ? 1_555 ? 
30 AC7 5 HOH R .  ? HOH A 389 . ? 1_555 ? 
31 AC8 4 HOH R .  ? HOH A 380 . ? 1_555 ? 
32 AC8 4 HOH R .  ? HOH A 390 . ? 1_555 ? 
33 AC8 4 HOH R .  ? HOH A 392 . ? 1_555 ? 
34 AC8 4 HOH R .  ? HOH A 406 . ? 1_555 ? 
35 AC9 4 GLU A 41 ? GLU A 41  . ? 1_555 ? 
36 AC9 4 IMD L .  ? IMD A 301 . ? 4_465 ? 
37 AC9 4 HOH R .  ? HOH A 378 . ? 1_555 ? 
38 AC9 4 HOH R .  ? HOH A 395 . ? 1_555 ? 
39 BC1 3 GLU A 20 ? GLU A 20  . ? 1_555 ? 
40 BC1 3 HOH R .  ? HOH A 363 . ? 1_555 ? 
41 BC1 3 HOH R .  ? HOH A 370 . ? 1_555 ? 
42 BC2 8 GLU A 21 ? GLU A 21  . ? 1_555 ? 
43 BC2 8 ASP A 31 ? ASP A 31  . ? 1_555 ? 
44 BC2 8 ASP A 35 ? ASP A 35  . ? 4_565 ? 
45 BC2 8 LEU A 37 ? LEU A 37  . ? 4_565 ? 
46 BC2 8 ASP A 38 ? ASP A 38  . ? 4_565 ? 
47 BC2 8 GLU A 41 ? GLU A 41  . ? 4_565 ? 
48 BC2 8 ZN  B .  ? ZN  A 201 . ? 1_555 ? 
49 BC2 8 ZN  J .  ? ZN  A 209 . ? 4_565 ? 
50 BC3 7 LYS A 9  ? LYS A 9   . ? 1_555 ? 
51 BC3 7 ILE A 10 ? ILE A 10  . ? 1_555 ? 
52 BC3 7 GLU A 13 ? GLU A 13  . ? 1_555 ? 
53 BC3 7 GLU A 48 ? GLU A 48  . ? 4_555 ? 
54 BC3 7 ASP A 51 ? ASP A 51  . ? 4_555 ? 
55 BC3 7 ZN  E .  ? ZN  A 204 . ? 1_555 ? 
56 BC3 7 IMD N .  ? IMD A 303 . ? 4_555 ? 
57 BC4 7 GLU A 47 ? GLU A 47  . ? 1_555 ? 
58 BC4 7 GLU A 48 ? GLU A 48  . ? 1_555 ? 
59 BC4 7 GLU A 49 ? GLU A 49  . ? 4_455 ? 
60 BC4 7 THR A 52 ? THR A 52  . ? 1_555 ? 
61 BC4 7 GLU A 53 ? GLU A 53  . ? 1_555 ? 
62 BC4 7 ZN  F .  ? ZN  A 205 . ? 1_555 ? 
63 BC4 7 IMD M .  ? IMD A 302 . ? 4_455 ? 
64 BC5 7 ASN A 25 ? ASN A 25  . ? 3_545 ? 
65 BC5 7 ASP A 31 ? ASP A 31  . ? 3_545 ? 
66 BC5 7 PRO A 55 ? PRO A 55  . ? 1_555 ? 
67 BC5 7 GLU A 58 ? GLU A 58  . ? 1_555 ? 
68 BC5 7 TYR A 71 ? TYR A 71  . ? 1_555 ? 
69 BC5 7 HIS A 75 ? HIS A 75  . ? 1_555 ? 
70 BC5 7 ZN  C .  ? ZN  A 202 . ? 1_555 ? 
71 BC6 7 GLU A 5  ? GLU A 5   . ? 1_455 ? 
72 BC6 7 VAL A 43 ? VAL A 43  . ? 1_555 ? 
73 BC6 7 GLU A 47 ? GLU A 47  . ? 1_555 ? 
74 BC6 7 ILE A 54 ? ILE A 54  . ? 1_555 ? 
75 BC6 7 ASP A 56 ? ASP A 56  . ? 1_555 ? 
76 BC6 7 ZN  H .  ? ZN  A 207 . ? 1_555 ? 
77 BC6 7 IMD Q .  ? IMD A 306 . ? 1_555 ? 
78 BC7 8 LYS A 8  ? LYS A 8   . ? 1_455 ? 
79 BC7 8 GLN A 19 ? GLN A 19  . ? 1_455 ? 
80 BC7 8 VAL A 22 ? VAL A 22  . ? 1_455 ? 
81 BC7 8 ASP A 56 ? ASP A 56  . ? 1_555 ? 
82 BC7 8 ZN  H .  ? ZN  A 207 . ? 1_555 ? 
83 BC7 8 IMD P .  ? IMD A 305 . ? 1_555 ? 
84 BC7 8 HOH R .  ? HOH A 343 . ? 1_555 ? 
85 BC7 8 HOH R .  ? HOH A 359 . ? 1_455 ? 
# 
loop_
_pdbx_validate_close_contact.id 
_pdbx_validate_close_contact.PDB_model_num 
_pdbx_validate_close_contact.auth_atom_id_1 
_pdbx_validate_close_contact.auth_asym_id_1 
_pdbx_validate_close_contact.auth_comp_id_1 
_pdbx_validate_close_contact.auth_seq_id_1 
_pdbx_validate_close_contact.PDB_ins_code_1 
_pdbx_validate_close_contact.label_alt_id_1 
_pdbx_validate_close_contact.auth_atom_id_2 
_pdbx_validate_close_contact.auth_asym_id_2 
_pdbx_validate_close_contact.auth_comp_id_2 
_pdbx_validate_close_contact.auth_seq_id_2 
_pdbx_validate_close_contact.PDB_ins_code_2 
_pdbx_validate_close_contact.label_alt_id_2 
_pdbx_validate_close_contact.dist 
1 1 ZN  A ZN  210 ? ? O A HOH 363 ? ? 1.37 
2 1 OE1 A GLU 41  ? ? O A HOH 395 ? ? 1.96 
3 1 O   A HOH 388 ? B O A HOH 393 ? ? 1.97 
4 1 O   A HOH 380 ? ? O A HOH 392 ? ? 1.98 
5 1 O   A HOH 380 ? ? O A HOH 390 ? ? 2.11 
6 1 OD2 A ASP 70  ? ? O A HOH 404 ? ? 2.18 
7 1 O   A HOH 346 ? ? O A HOH 403 ? ? 2.19 
# 
loop_
_chem_comp_atom.comp_id 
_chem_comp_atom.atom_id 
_chem_comp_atom.type_symbol 
_chem_comp_atom.pdbx_aromatic_flag 
_chem_comp_atom.pdbx_stereo_config 
_chem_comp_atom.pdbx_ordinal 
ALA N    N  N N 1   
ALA CA   C  N S 2   
ALA C    C  N N 3   
ALA O    O  N N 4   
ALA CB   C  N N 5   
ALA OXT  O  N N 6   
ALA H    H  N N 7   
ALA H2   H  N N 8   
ALA HA   H  N N 9   
ALA HB1  H  N N 10  
ALA HB2  H  N N 11  
ALA HB3  H  N N 12  
ALA HXT  H  N N 13  
ARG N    N  N N 14  
ARG CA   C  N S 15  
ARG C    C  N N 16  
ARG O    O  N N 17  
ARG CB   C  N N 18  
ARG CG   C  N N 19  
ARG CD   C  N N 20  
ARG NE   N  N N 21  
ARG CZ   C  N N 22  
ARG NH1  N  N N 23  
ARG NH2  N  N N 24  
ARG OXT  O  N N 25  
ARG H    H  N N 26  
ARG H2   H  N N 27  
ARG HA   H  N N 28  
ARG HB2  H  N N 29  
ARG HB3  H  N N 30  
ARG HG2  H  N N 31  
ARG HG3  H  N N 32  
ARG HD2  H  N N 33  
ARG HD3  H  N N 34  
ARG HE   H  N N 35  
ARG HH11 H  N N 36  
ARG HH12 H  N N 37  
ARG HH21 H  N N 38  
ARG HH22 H  N N 39  
ARG HXT  H  N N 40  
ASN N    N  N N 41  
ASN CA   C  N S 42  
ASN C    C  N N 43  
ASN O    O  N N 44  
ASN CB   C  N N 45  
ASN CG   C  N N 46  
ASN OD1  O  N N 47  
ASN ND2  N  N N 48  
ASN OXT  O  N N 49  
ASN H    H  N N 50  
ASN H2   H  N N 51  
ASN HA   H  N N 52  
ASN HB2  H  N N 53  
ASN HB3  H  N N 54  
ASN HD21 H  N N 55  
ASN HD22 H  N N 56  
ASN HXT  H  N N 57  
ASP N    N  N N 58  
ASP CA   C  N S 59  
ASP C    C  N N 60  
ASP O    O  N N 61  
ASP CB   C  N N 62  
ASP CG   C  N N 63  
ASP OD1  O  N N 64  
ASP OD2  O  N N 65  
ASP OXT  O  N N 66  
ASP H    H  N N 67  
ASP H2   H  N N 68  
ASP HA   H  N N 69  
ASP HB2  H  N N 70  
ASP HB3  H  N N 71  
ASP HD2  H  N N 72  
ASP HXT  H  N N 73  
GLN N    N  N N 74  
GLN CA   C  N S 75  
GLN C    C  N N 76  
GLN O    O  N N 77  
GLN CB   C  N N 78  
GLN CG   C  N N 79  
GLN CD   C  N N 80  
GLN OE1  O  N N 81  
GLN NE2  N  N N 82  
GLN OXT  O  N N 83  
GLN H    H  N N 84  
GLN H2   H  N N 85  
GLN HA   H  N N 86  
GLN HB2  H  N N 87  
GLN HB3  H  N N 88  
GLN HG2  H  N N 89  
GLN HG3  H  N N 90  
GLN HE21 H  N N 91  
GLN HE22 H  N N 92  
GLN HXT  H  N N 93  
GLU N    N  N N 94  
GLU CA   C  N S 95  
GLU C    C  N N 96  
GLU O    O  N N 97  
GLU CB   C  N N 98  
GLU CG   C  N N 99  
GLU CD   C  N N 100 
GLU OE1  O  N N 101 
GLU OE2  O  N N 102 
GLU OXT  O  N N 103 
GLU H    H  N N 104 
GLU H2   H  N N 105 
GLU HA   H  N N 106 
GLU HB2  H  N N 107 
GLU HB3  H  N N 108 
GLU HG2  H  N N 109 
GLU HG3  H  N N 110 
GLU HE2  H  N N 111 
GLU HXT  H  N N 112 
GLY N    N  N N 113 
GLY CA   C  N N 114 
GLY C    C  N N 115 
GLY O    O  N N 116 
GLY OXT  O  N N 117 
GLY H    H  N N 118 
GLY H2   H  N N 119 
GLY HA2  H  N N 120 
GLY HA3  H  N N 121 
GLY HXT  H  N N 122 
HIS N    N  N N 123 
HIS CA   C  N S 124 
HIS C    C  N N 125 
HIS O    O  N N 126 
HIS CB   C  N N 127 
HIS CG   C  Y N 128 
HIS ND1  N  Y N 129 
HIS CD2  C  Y N 130 
HIS CE1  C  Y N 131 
HIS NE2  N  Y N 132 
HIS OXT  O  N N 133 
HIS H    H  N N 134 
HIS H2   H  N N 135 
HIS HA   H  N N 136 
HIS HB2  H  N N 137 
HIS HB3  H  N N 138 
HIS HD1  H  N N 139 
HIS HD2  H  N N 140 
HIS HE1  H  N N 141 
HIS HE2  H  N N 142 
HIS HXT  H  N N 143 
HOH O    O  N N 144 
HOH H1   H  N N 145 
HOH H2   H  N N 146 
ILE N    N  N N 147 
ILE CA   C  N S 148 
ILE C    C  N N 149 
ILE O    O  N N 150 
ILE CB   C  N S 151 
ILE CG1  C  N N 152 
ILE CG2  C  N N 153 
ILE CD1  C  N N 154 
ILE OXT  O  N N 155 
ILE H    H  N N 156 
ILE H2   H  N N 157 
ILE HA   H  N N 158 
ILE HB   H  N N 159 
ILE HG12 H  N N 160 
ILE HG13 H  N N 161 
ILE HG21 H  N N 162 
ILE HG22 H  N N 163 
ILE HG23 H  N N 164 
ILE HD11 H  N N 165 
ILE HD12 H  N N 166 
ILE HD13 H  N N 167 
ILE HXT  H  N N 168 
IMD N1   N  Y N 169 
IMD C2   C  Y N 170 
IMD N3   N  Y N 171 
IMD C4   C  Y N 172 
IMD C5   C  Y N 173 
IMD HN1  H  N N 174 
IMD H2   H  N N 175 
IMD HN3  H  N N 176 
IMD H4   H  N N 177 
IMD H5   H  N N 178 
LEU N    N  N N 179 
LEU CA   C  N S 180 
LEU C    C  N N 181 
LEU O    O  N N 182 
LEU CB   C  N N 183 
LEU CG   C  N N 184 
LEU CD1  C  N N 185 
LEU CD2  C  N N 186 
LEU OXT  O  N N 187 
LEU H    H  N N 188 
LEU H2   H  N N 189 
LEU HA   H  N N 190 
LEU HB2  H  N N 191 
LEU HB3  H  N N 192 
LEU HG   H  N N 193 
LEU HD11 H  N N 194 
LEU HD12 H  N N 195 
LEU HD13 H  N N 196 
LEU HD21 H  N N 197 
LEU HD22 H  N N 198 
LEU HD23 H  N N 199 
LEU HXT  H  N N 200 
LYS N    N  N N 201 
LYS CA   C  N S 202 
LYS C    C  N N 203 
LYS O    O  N N 204 
LYS CB   C  N N 205 
LYS CG   C  N N 206 
LYS CD   C  N N 207 
LYS CE   C  N N 208 
LYS NZ   N  N N 209 
LYS OXT  O  N N 210 
LYS H    H  N N 211 
LYS H2   H  N N 212 
LYS HA   H  N N 213 
LYS HB2  H  N N 214 
LYS HB3  H  N N 215 
LYS HG2  H  N N 216 
LYS HG3  H  N N 217 
LYS HD2  H  N N 218 
LYS HD3  H  N N 219 
LYS HE2  H  N N 220 
LYS HE3  H  N N 221 
LYS HZ1  H  N N 222 
LYS HZ2  H  N N 223 
LYS HZ3  H  N N 224 
LYS HXT  H  N N 225 
MET N    N  N N 226 
MET CA   C  N S 227 
MET C    C  N N 228 
MET O    O  N N 229 
MET CB   C  N N 230 
MET CG   C  N N 231 
MET SD   S  N N 232 
MET CE   C  N N 233 
MET OXT  O  N N 234 
MET H    H  N N 235 
MET H2   H  N N 236 
MET HA   H  N N 237 
MET HB2  H  N N 238 
MET HB3  H  N N 239 
MET HG2  H  N N 240 
MET HG3  H  N N 241 
MET HE1  H  N N 242 
MET HE2  H  N N 243 
MET HE3  H  N N 244 
MET HXT  H  N N 245 
PHE N    N  N N 246 
PHE CA   C  N S 247 
PHE C    C  N N 248 
PHE O    O  N N 249 
PHE CB   C  N N 250 
PHE CG   C  Y N 251 
PHE CD1  C  Y N 252 
PHE CD2  C  Y N 253 
PHE CE1  C  Y N 254 
PHE CE2  C  Y N 255 
PHE CZ   C  Y N 256 
PHE OXT  O  N N 257 
PHE H    H  N N 258 
PHE H2   H  N N 259 
PHE HA   H  N N 260 
PHE HB2  H  N N 261 
PHE HB3  H  N N 262 
PHE HD1  H  N N 263 
PHE HD2  H  N N 264 
PHE HE1  H  N N 265 
PHE HE2  H  N N 266 
PHE HZ   H  N N 267 
PHE HXT  H  N N 268 
PRO N    N  N N 269 
PRO CA   C  N S 270 
PRO C    C  N N 271 
PRO O    O  N N 272 
PRO CB   C  N N 273 
PRO CG   C  N N 274 
PRO CD   C  N N 275 
PRO OXT  O  N N 276 
PRO H    H  N N 277 
PRO HA   H  N N 278 
PRO HB2  H  N N 279 
PRO HB3  H  N N 280 
PRO HG2  H  N N 281 
PRO HG3  H  N N 282 
PRO HD2  H  N N 283 
PRO HD3  H  N N 284 
PRO HXT  H  N N 285 
SER N    N  N N 286 
SER CA   C  N S 287 
SER C    C  N N 288 
SER O    O  N N 289 
SER CB   C  N N 290 
SER OG   O  N N 291 
SER OXT  O  N N 292 
SER H    H  N N 293 
SER H2   H  N N 294 
SER HA   H  N N 295 
SER HB2  H  N N 296 
SER HB3  H  N N 297 
SER HG   H  N N 298 
SER HXT  H  N N 299 
THR N    N  N N 300 
THR CA   C  N S 301 
THR C    C  N N 302 
THR O    O  N N 303 
THR CB   C  N R 304 
THR OG1  O  N N 305 
THR CG2  C  N N 306 
THR OXT  O  N N 307 
THR H    H  N N 308 
THR H2   H  N N 309 
THR HA   H  N N 310 
THR HB   H  N N 311 
THR HG1  H  N N 312 
THR HG21 H  N N 313 
THR HG22 H  N N 314 
THR HG23 H  N N 315 
THR HXT  H  N N 316 
TYR N    N  N N 317 
TYR CA   C  N S 318 
TYR C    C  N N 319 
TYR O    O  N N 320 
TYR CB   C  N N 321 
TYR CG   C  Y N 322 
TYR CD1  C  Y N 323 
TYR CD2  C  Y N 324 
TYR CE1  C  Y N 325 
TYR CE2  C  Y N 326 
TYR CZ   C  Y N 327 
TYR OH   O  N N 328 
TYR OXT  O  N N 329 
TYR H    H  N N 330 
TYR H2   H  N N 331 
TYR HA   H  N N 332 
TYR HB2  H  N N 333 
TYR HB3  H  N N 334 
TYR HD1  H  N N 335 
TYR HD2  H  N N 336 
TYR HE1  H  N N 337 
TYR HE2  H  N N 338 
TYR HH   H  N N 339 
TYR HXT  H  N N 340 
VAL N    N  N N 341 
VAL CA   C  N S 342 
VAL C    C  N N 343 
VAL O    O  N N 344 
VAL CB   C  N N 345 
VAL CG1  C  N N 346 
VAL CG2  C  N N 347 
VAL OXT  O  N N 348 
VAL H    H  N N 349 
VAL H2   H  N N 350 
VAL HA   H  N N 351 
VAL HB   H  N N 352 
VAL HG11 H  N N 353 
VAL HG12 H  N N 354 
VAL HG13 H  N N 355 
VAL HG21 H  N N 356 
VAL HG22 H  N N 357 
VAL HG23 H  N N 358 
VAL HXT  H  N N 359 
ZN  ZN   ZN N N 360 
# 
loop_
_chem_comp_bond.comp_id 
_chem_comp_bond.atom_id_1 
_chem_comp_bond.atom_id_2 
_chem_comp_bond.value_order 
_chem_comp_bond.pdbx_aromatic_flag 
_chem_comp_bond.pdbx_stereo_config 
_chem_comp_bond.pdbx_ordinal 
ALA N   CA   sing N N 1   
ALA N   H    sing N N 2   
ALA N   H2   sing N N 3   
ALA CA  C    sing N N 4   
ALA CA  CB   sing N N 5   
ALA CA  HA   sing N N 6   
ALA C   O    doub N N 7   
ALA C   OXT  sing N N 8   
ALA CB  HB1  sing N N 9   
ALA CB  HB2  sing N N 10  
ALA CB  HB3  sing N N 11  
ALA OXT HXT  sing N N 12  
ARG N   CA   sing N N 13  
ARG N   H    sing N N 14  
ARG N   H2   sing N N 15  
ARG CA  C    sing N N 16  
ARG CA  CB   sing N N 17  
ARG CA  HA   sing N N 18  
ARG C   O    doub N N 19  
ARG C   OXT  sing N N 20  
ARG CB  CG   sing N N 21  
ARG CB  HB2  sing N N 22  
ARG CB  HB3  sing N N 23  
ARG CG  CD   sing N N 24  
ARG CG  HG2  sing N N 25  
ARG CG  HG3  sing N N 26  
ARG CD  NE   sing N N 27  
ARG CD  HD2  sing N N 28  
ARG CD  HD3  sing N N 29  
ARG NE  CZ   sing N N 30  
ARG NE  HE   sing N N 31  
ARG CZ  NH1  sing N N 32  
ARG CZ  NH2  doub N N 33  
ARG NH1 HH11 sing N N 34  
ARG NH1 HH12 sing N N 35  
ARG NH2 HH21 sing N N 36  
ARG NH2 HH22 sing N N 37  
ARG OXT HXT  sing N N 38  
ASN N   CA   sing N N 39  
ASN N   H    sing N N 40  
ASN N   H2   sing N N 41  
ASN CA  C    sing N N 42  
ASN CA  CB   sing N N 43  
ASN CA  HA   sing N N 44  
ASN C   O    doub N N 45  
ASN C   OXT  sing N N 46  
ASN CB  CG   sing N N 47  
ASN CB  HB2  sing N N 48  
ASN CB  HB3  sing N N 49  
ASN CG  OD1  doub N N 50  
ASN CG  ND2  sing N N 51  
ASN ND2 HD21 sing N N 52  
ASN ND2 HD22 sing N N 53  
ASN OXT HXT  sing N N 54  
ASP N   CA   sing N N 55  
ASP N   H    sing N N 56  
ASP N   H2   sing N N 57  
ASP CA  C    sing N N 58  
ASP CA  CB   sing N N 59  
ASP CA  HA   sing N N 60  
ASP C   O    doub N N 61  
ASP C   OXT  sing N N 62  
ASP CB  CG   sing N N 63  
ASP CB  HB2  sing N N 64  
ASP CB  HB3  sing N N 65  
ASP CG  OD1  doub N N 66  
ASP CG  OD2  sing N N 67  
ASP OD2 HD2  sing N N 68  
ASP OXT HXT  sing N N 69  
GLN N   CA   sing N N 70  
GLN N   H    sing N N 71  
GLN N   H2   sing N N 72  
GLN CA  C    sing N N 73  
GLN CA  CB   sing N N 74  
GLN CA  HA   sing N N 75  
GLN C   O    doub N N 76  
GLN C   OXT  sing N N 77  
GLN CB  CG   sing N N 78  
GLN CB  HB2  sing N N 79  
GLN CB  HB3  sing N N 80  
GLN CG  CD   sing N N 81  
GLN CG  HG2  sing N N 82  
GLN CG  HG3  sing N N 83  
GLN CD  OE1  doub N N 84  
GLN CD  NE2  sing N N 85  
GLN NE2 HE21 sing N N 86  
GLN NE2 HE22 sing N N 87  
GLN OXT HXT  sing N N 88  
GLU N   CA   sing N N 89  
GLU N   H    sing N N 90  
GLU N   H2   sing N N 91  
GLU CA  C    sing N N 92  
GLU CA  CB   sing N N 93  
GLU CA  HA   sing N N 94  
GLU C   O    doub N N 95  
GLU C   OXT  sing N N 96  
GLU CB  CG   sing N N 97  
GLU CB  HB2  sing N N 98  
GLU CB  HB3  sing N N 99  
GLU CG  CD   sing N N 100 
GLU CG  HG2  sing N N 101 
GLU CG  HG3  sing N N 102 
GLU CD  OE1  doub N N 103 
GLU CD  OE2  sing N N 104 
GLU OE2 HE2  sing N N 105 
GLU OXT HXT  sing N N 106 
GLY N   CA   sing N N 107 
GLY N   H    sing N N 108 
GLY N   H2   sing N N 109 
GLY CA  C    sing N N 110 
GLY CA  HA2  sing N N 111 
GLY CA  HA3  sing N N 112 
GLY C   O    doub N N 113 
GLY C   OXT  sing N N 114 
GLY OXT HXT  sing N N 115 
HIS N   CA   sing N N 116 
HIS N   H    sing N N 117 
HIS N   H2   sing N N 118 
HIS CA  C    sing N N 119 
HIS CA  CB   sing N N 120 
HIS CA  HA   sing N N 121 
HIS C   O    doub N N 122 
HIS C   OXT  sing N N 123 
HIS CB  CG   sing N N 124 
HIS CB  HB2  sing N N 125 
HIS CB  HB3  sing N N 126 
HIS CG  ND1  sing Y N 127 
HIS CG  CD2  doub Y N 128 
HIS ND1 CE1  doub Y N 129 
HIS ND1 HD1  sing N N 130 
HIS CD2 NE2  sing Y N 131 
HIS CD2 HD2  sing N N 132 
HIS CE1 NE2  sing Y N 133 
HIS CE1 HE1  sing N N 134 
HIS NE2 HE2  sing N N 135 
HIS OXT HXT  sing N N 136 
HOH O   H1   sing N N 137 
HOH O   H2   sing N N 138 
ILE N   CA   sing N N 139 
ILE N   H    sing N N 140 
ILE N   H2   sing N N 141 
ILE CA  C    sing N N 142 
ILE CA  CB   sing N N 143 
ILE CA  HA   sing N N 144 
ILE C   O    doub N N 145 
ILE C   OXT  sing N N 146 
ILE CB  CG1  sing N N 147 
ILE CB  CG2  sing N N 148 
ILE CB  HB   sing N N 149 
ILE CG1 CD1  sing N N 150 
ILE CG1 HG12 sing N N 151 
ILE CG1 HG13 sing N N 152 
ILE CG2 HG21 sing N N 153 
ILE CG2 HG22 sing N N 154 
ILE CG2 HG23 sing N N 155 
ILE CD1 HD11 sing N N 156 
ILE CD1 HD12 sing N N 157 
ILE CD1 HD13 sing N N 158 
ILE OXT HXT  sing N N 159 
IMD N1  C2   sing Y N 160 
IMD N1  C5   sing Y N 161 
IMD N1  HN1  sing N N 162 
IMD C2  N3   doub Y N 163 
IMD C2  H2   sing N N 164 
IMD N3  C4   sing Y N 165 
IMD N3  HN3  sing N N 166 
IMD C4  C5   doub Y N 167 
IMD C4  H4   sing N N 168 
IMD C5  H5   sing N N 169 
LEU N   CA   sing N N 170 
LEU N   H    sing N N 171 
LEU N   H2   sing N N 172 
LEU CA  C    sing N N 173 
LEU CA  CB   sing N N 174 
LEU CA  HA   sing N N 175 
LEU C   O    doub N N 176 
LEU C   OXT  sing N N 177 
LEU CB  CG   sing N N 178 
LEU CB  HB2  sing N N 179 
LEU CB  HB3  sing N N 180 
LEU CG  CD1  sing N N 181 
LEU CG  CD2  sing N N 182 
LEU CG  HG   sing N N 183 
LEU CD1 HD11 sing N N 184 
LEU CD1 HD12 sing N N 185 
LEU CD1 HD13 sing N N 186 
LEU CD2 HD21 sing N N 187 
LEU CD2 HD22 sing N N 188 
LEU CD2 HD23 sing N N 189 
LEU OXT HXT  sing N N 190 
LYS N   CA   sing N N 191 
LYS N   H    sing N N 192 
LYS N   H2   sing N N 193 
LYS CA  C    sing N N 194 
LYS CA  CB   sing N N 195 
LYS CA  HA   sing N N 196 
LYS C   O    doub N N 197 
LYS C   OXT  sing N N 198 
LYS CB  CG   sing N N 199 
LYS CB  HB2  sing N N 200 
LYS CB  HB3  sing N N 201 
LYS CG  CD   sing N N 202 
LYS CG  HG2  sing N N 203 
LYS CG  HG3  sing N N 204 
LYS CD  CE   sing N N 205 
LYS CD  HD2  sing N N 206 
LYS CD  HD3  sing N N 207 
LYS CE  NZ   sing N N 208 
LYS CE  HE2  sing N N 209 
LYS CE  HE3  sing N N 210 
LYS NZ  HZ1  sing N N 211 
LYS NZ  HZ2  sing N N 212 
LYS NZ  HZ3  sing N N 213 
LYS OXT HXT  sing N N 214 
MET N   CA   sing N N 215 
MET N   H    sing N N 216 
MET N   H2   sing N N 217 
MET CA  C    sing N N 218 
MET CA  CB   sing N N 219 
MET CA  HA   sing N N 220 
MET C   O    doub N N 221 
MET C   OXT  sing N N 222 
MET CB  CG   sing N N 223 
MET CB  HB2  sing N N 224 
MET CB  HB3  sing N N 225 
MET CG  SD   sing N N 226 
MET CG  HG2  sing N N 227 
MET CG  HG3  sing N N 228 
MET SD  CE   sing N N 229 
MET CE  HE1  sing N N 230 
MET CE  HE2  sing N N 231 
MET CE  HE3  sing N N 232 
MET OXT HXT  sing N N 233 
PHE N   CA   sing N N 234 
PHE N   H    sing N N 235 
PHE N   H2   sing N N 236 
PHE CA  C    sing N N 237 
PHE CA  CB   sing N N 238 
PHE CA  HA   sing N N 239 
PHE C   O    doub N N 240 
PHE C   OXT  sing N N 241 
PHE CB  CG   sing N N 242 
PHE CB  HB2  sing N N 243 
PHE CB  HB3  sing N N 244 
PHE CG  CD1  doub Y N 245 
PHE CG  CD2  sing Y N 246 
PHE CD1 CE1  sing Y N 247 
PHE CD1 HD1  sing N N 248 
PHE CD2 CE2  doub Y N 249 
PHE CD2 HD2  sing N N 250 
PHE CE1 CZ   doub Y N 251 
PHE CE1 HE1  sing N N 252 
PHE CE2 CZ   sing Y N 253 
PHE CE2 HE2  sing N N 254 
PHE CZ  HZ   sing N N 255 
PHE OXT HXT  sing N N 256 
PRO N   CA   sing N N 257 
PRO N   CD   sing N N 258 
PRO N   H    sing N N 259 
PRO CA  C    sing N N 260 
PRO CA  CB   sing N N 261 
PRO CA  HA   sing N N 262 
PRO C   O    doub N N 263 
PRO C   OXT  sing N N 264 
PRO CB  CG   sing N N 265 
PRO CB  HB2  sing N N 266 
PRO CB  HB3  sing N N 267 
PRO CG  CD   sing N N 268 
PRO CG  HG2  sing N N 269 
PRO CG  HG3  sing N N 270 
PRO CD  HD2  sing N N 271 
PRO CD  HD3  sing N N 272 
PRO OXT HXT  sing N N 273 
SER N   CA   sing N N 274 
SER N   H    sing N N 275 
SER N   H2   sing N N 276 
SER CA  C    sing N N 277 
SER CA  CB   sing N N 278 
SER CA  HA   sing N N 279 
SER C   O    doub N N 280 
SER C   OXT  sing N N 281 
SER CB  OG   sing N N 282 
SER CB  HB2  sing N N 283 
SER CB  HB3  sing N N 284 
SER OG  HG   sing N N 285 
SER OXT HXT  sing N N 286 
THR N   CA   sing N N 287 
THR N   H    sing N N 288 
THR N   H2   sing N N 289 
THR CA  C    sing N N 290 
THR CA  CB   sing N N 291 
THR CA  HA   sing N N 292 
THR C   O    doub N N 293 
THR C   OXT  sing N N 294 
THR CB  OG1  sing N N 295 
THR CB  CG2  sing N N 296 
THR CB  HB   sing N N 297 
THR OG1 HG1  sing N N 298 
THR CG2 HG21 sing N N 299 
THR CG2 HG22 sing N N 300 
THR CG2 HG23 sing N N 301 
THR OXT HXT  sing N N 302 
TYR N   CA   sing N N 303 
TYR N   H    sing N N 304 
TYR N   H2   sing N N 305 
TYR CA  C    sing N N 306 
TYR CA  CB   sing N N 307 
TYR CA  HA   sing N N 308 
TYR C   O    doub N N 309 
TYR C   OXT  sing N N 310 
TYR CB  CG   sing N N 311 
TYR CB  HB2  sing N N 312 
TYR CB  HB3  sing N N 313 
TYR CG  CD1  doub Y N 314 
TYR CG  CD2  sing Y N 315 
TYR CD1 CE1  sing Y N 316 
TYR CD1 HD1  sing N N 317 
TYR CD2 CE2  doub Y N 318 
TYR CD2 HD2  sing N N 319 
TYR CE1 CZ   doub Y N 320 
TYR CE1 HE1  sing N N 321 
TYR CE2 CZ   sing Y N 322 
TYR CE2 HE2  sing N N 323 
TYR CZ  OH   sing N N 324 
TYR OH  HH   sing N N 325 
TYR OXT HXT  sing N N 326 
VAL N   CA   sing N N 327 
VAL N   H    sing N N 328 
VAL N   H2   sing N N 329 
VAL CA  C    sing N N 330 
VAL CA  CB   sing N N 331 
VAL CA  HA   sing N N 332 
VAL C   O    doub N N 333 
VAL C   OXT  sing N N 334 
VAL CB  CG1  sing N N 335 
VAL CB  CG2  sing N N 336 
VAL CB  HB   sing N N 337 
VAL CG1 HG11 sing N N 338 
VAL CG1 HG12 sing N N 339 
VAL CG1 HG13 sing N N 340 
VAL CG2 HG21 sing N N 341 
VAL CG2 HG22 sing N N 342 
VAL CG2 HG23 sing N N 343 
VAL OXT HXT  sing N N 344 
# 
_atom_sites.entry_id                    1T8K 
_atom_sites.fract_transf_matrix[1][1]   0.01206612 
_atom_sites.fract_transf_matrix[1][2]   0.01177007 
_atom_sites.fract_transf_matrix[1][3]   0.03220554 
_atom_sites.fract_transf_matrix[2][1]   0.02284902 
_atom_sites.fract_transf_matrix[2][2]   -0.00354875 
_atom_sites.fract_transf_matrix[2][3]   -0.00726366 
_atom_sites.fract_transf_matrix[3][1]   0.00052312 
_atom_sites.fract_transf_matrix[3][2]   0.01496032 
_atom_sites.fract_transf_matrix[3][3]   -0.00566350 
_atom_sites.fract_transf_vector[1]      0.039292 
_atom_sites.fract_transf_vector[2]      0.482352 
_atom_sites.fract_transf_vector[3]      0.125942 
# 
loop_
_atom_type.symbol 
C  
N  
O  
S  
ZN 
# 
loop_
_atom_site.group_PDB 
_atom_site.id 
_atom_site.type_symbol 
_atom_site.label_atom_id 
_atom_site.label_alt_id 
_atom_site.label_comp_id 
_atom_site.label_asym_id 
_atom_site.label_entity_id 
_atom_site.label_seq_id 
_atom_site.pdbx_PDB_ins_code 
_atom_site.Cartn_x 
_atom_site.Cartn_y 
_atom_site.Cartn_z 
_atom_site.occupancy 
_atom_site.B_iso_or_equiv 
_atom_site.pdbx_formal_charge 
_atom_site.auth_seq_id 
_atom_site.auth_comp_id 
_atom_site.auth_asym_id 
_atom_site.auth_atom_id 
_atom_site.pdbx_PDB_model_num 
ATOM   1   N  N   . SER A 1 1  ? -7.188  1.627   15.699  1.00 17.44 ? 1   SER A N   1 
ATOM   2   C  CA  . SER A 1 1  ? -6.052  1.847   14.756  1.00 15.54 ? 1   SER A CA  1 
ATOM   3   C  C   . SER A 1 1  ? -6.481  2.817   13.681  1.00 13.98 ? 1   SER A C   1 
ATOM   4   O  O   . SER A 1 1  ? -7.631  2.776   13.214  1.00 15.69 ? 1   SER A O   1 
ATOM   5   C  CB  . SER A 1 1  ? -5.644  0.539   14.108  1.00 16.25 ? 1   SER A CB  1 
ATOM   6   O  OG  . SER A 1 1  ? -5.185  -0.340  15.106  1.00 20.05 ? 1   SER A OG  1 
ATOM   7   N  N   . THR A 1 2  ? -5.581  3.694   13.294  1.00 10.88 ? 2   THR A N   1 
ATOM   8   C  CA  . THR A 1 2  ? -5.904  4.678   12.267  1.00 9.80  ? 2   THR A CA  1 
ATOM   9   C  C   . THR A 1 2  ? -5.768  4.100   10.867  1.00 8.75  ? 2   THR A C   1 
ATOM   10  O  O   . THR A 1 2  ? -5.198  3.001   10.676  1.00 8.82  ? 2   THR A O   1 
ATOM   11  C  CB  . THR A 1 2  ? -4.970  5.864   12.383  1.00 10.15 ? 2   THR A CB  1 
ATOM   12  O  OG1 . THR A 1 2  ? -3.651  5.429   12.018  1.00 10.04 ? 2   THR A OG1 1 
ATOM   13  C  CG2 . THR A 1 2  ? -4.911  6.416   13.842  1.00 12.32 ? 2   THR A CG2 1 
ATOM   14  N  N   . ILE A 1 3  ? -6.284  4.821   9.869   1.00 9.10  ? 3   ILE A N   1 
ATOM   15  C  CA  . ILE A 1 3  ? -6.078  4.388   8.482   1.00 9.43  ? 3   ILE A CA  1 
ATOM   16  C  C   . ILE A 1 3  ? -4.584  4.301   8.183   1.00 8.50  ? 3   ILE A C   1 
ATOM   17  O  O   . ILE A 1 3  ? -4.155  3.320   7.565   1.00 8.98  ? 3   ILE A O   1 
ATOM   18  C  CB  . ILE A 1 3  ? -6.807  5.337   7.522   1.00 10.35 ? 3   ILE A CB  1 
ATOM   19  C  CG1 . ILE A 1 3  ? -8.314  5.074   7.612   1.00 13.74 ? 3   ILE A CG1 1 
ATOM   20  C  CG2 . ILE A 1 3  ? -6.285  5.168   6.104   1.00 11.06 ? 3   ILE A CG2 1 
ATOM   21  C  CD1 . ILE A 1 3  ? -9.192  6.009   6.759   1.00 16.28 ? 3   ILE A CD1 1 
ATOM   22  N  N   . GLU A 1 4  ? -3.797  5.293   8.591   1.00 9.10  ? 4   GLU A N   1 
ATOM   23  C  CA  . GLU A 1 4  ? -2.367  5.275   8.345   1.00 9.41  ? 4   GLU A CA  1 
ATOM   24  C  C   . GLU A 1 4  ? -1.762  3.979   8.892   1.00 7.94  ? 4   GLU A C   1 
ATOM   25  O  O   . GLU A 1 4  ? -0.984  3.309   8.219   1.00 8.37  ? 4   GLU A O   1 
ATOM   26  C  CB  . GLU A 1 4  ? -1.699  6.509   8.984   1.00 10.49 ? 4   GLU A CB  1 
ATOM   27  C  CG  . GLU A 1 4  ? -0.166  6.541   9.021   1.00 11.90 ? 4   GLU A CG  1 
ATOM   28  C  CD  . GLU A 1 4  ? 0.336   7.915   9.513   1.00 11.99 ? 4   GLU A CD  1 
ATOM   29  O  OE1 . GLU A 1 4  ? 0.223   8.206   10.745  1.00 13.10 ? 4   GLU A OE1 1 
ATOM   30  O  OE2 . GLU A 1 4  ? 0.828   8.717   8.669   1.00 13.49 ? 4   GLU A OE2 1 
ATOM   31  N  N   . GLU A 1 5  ? -2.076  3.641   10.139  1.00 7.95  ? 5   GLU A N   1 
ATOM   32  C  CA  . GLU A 1 5  ? -1.509  2.446   10.746  1.00 7.99  ? 5   GLU A CA  1 
ATOM   33  C  C   . GLU A 1 5  ? -1.939  1.176   10.028  1.00 7.51  ? 5   GLU A C   1 
ATOM   34  O  O   . GLU A 1 5  ? -1.138  0.251   9.833   1.00 7.68  ? 5   GLU A O   1 
ATOM   35  C  CB  . GLU A 1 5  ? -1.938  2.348   12.197  1.00 9.11  ? 5   GLU A CB  1 
ATOM   36  C  CG  . GLU A 1 5  ? -1.228  3.348   13.071  1.00 10.27 ? 5   GLU A CG  1 
ATOM   37  C  CD  . GLU A 1 5  ? -1.784  3.412   14.494  1.00 10.39 ? 5   GLU A CD  1 
ATOM   38  O  OE1 . GLU A 1 5  ? -3.009  3.228   14.705  1.00 12.25 ? 5   GLU A OE1 1 
ATOM   39  O  OE2 . GLU A 1 5  ? -0.960  3.673   15.423  1.00 11.92 ? 5   GLU A OE2 1 
ATOM   40  N  N   . ARG A 1 6  ? -3.217  1.102   9.653   1.00 6.91  ? 6   ARG A N   1 
ATOM   41  C  CA  . ARG A 1 6  ? -3.714  -0.110  8.989   1.00 6.77  ? 6   ARG A CA  1 
ATOM   42  C  C   . ARG A 1 6  ? -3.098  -0.269  7.607   1.00 6.37  ? 6   ARG A C   1 
ATOM   43  O  O   . ARG A 1 6  ? -2.763  -1.373  7.193   1.00 6.63  ? 6   ARG A O   1 
ATOM   44  C  CB  . ARG A 1 6  ? -5.240  -0.097  8.886   1.00 7.59  ? 6   ARG A CB  1 
ATOM   45  C  CG  . ARG A 1 6  ? -5.910  -0.352  10.244  1.00 9.91  ? 6   ARG A CG  1 
ATOM   46  C  CD  . ARG A 1 6  ? -7.366  0.018   10.268  1.00 11.48 ? 6   ARG A CD  1 
ATOM   47  N  NE  . ARG A 1 6  ? -8.108  -0.849  9.364   1.00 10.96 ? 6   ARG A NE  1 
ATOM   48  C  CZ  . ARG A 1 6  ? -9.183  -0.480  8.670   1.00 10.66 ? 6   ARG A CZ  1 
ATOM   49  N  NH1 . ARG A 1 6  ? -9.717  0.726   8.822   1.00 13.58 ? 6   ARG A NH1 1 
ATOM   50  N  NH2 . ARG A 1 6  ? -9.752  -1.343  7.833   1.00 12.42 ? 6   ARG A NH2 1 
ATOM   51  N  N   . VAL A 1 7  ? -2.957  0.822   6.851   1.00 6.00  ? 7   VAL A N   1 
ATOM   52  C  CA  . VAL A 1 7  ? -2.308  0.763   5.540   1.00 6.27  ? 7   VAL A CA  1 
ATOM   53  C  C   . VAL A 1 7  ? -0.857  0.291   5.734   1.00 6.06  ? 7   VAL A C   1 
ATOM   54  O  O   . VAL A 1 7  ? -0.380  -0.596  5.005   1.00 6.55  ? 7   VAL A O   1 
ATOM   55  C  CB  . VAL A 1 7  ? -2.329  2.142   4.845   1.00 6.60  ? 7   VAL A CB  1 
ATOM   56  C  CG1 . VAL A 1 7  ? -1.416  2.145   3.602   1.00 7.41  ? 7   VAL A CG1 1 
ATOM   57  C  CG2 . VAL A 1 7  ? -3.774  2.503   4.437   1.00 7.45  ? 7   VAL A CG2 1 
ATOM   58  N  N   . LYS A 1 8  ? -0.139  0.853   6.705   1.00 6.52  ? 8   LYS A N   1 
ATOM   59  C  CA  . LYS A 1 8  ? 1.243   0.435   6.931   1.00 7.51  ? 8   LYS A CA  1 
ATOM   60  C  C   . LYS A 1 8  ? 1.348   -1.038  7.324   1.00 7.31  ? 8   LYS A C   1 
ATOM   61  O  O   . LYS A 1 8  ? 2.307   -1.721  6.921   1.00 7.32  ? 8   LYS A O   1 
ATOM   62  C  CB  . LYS A 1 8  ? 1.911   1.316   7.990   1.00 8.25  ? 8   LYS A CB  1 
ATOM   63  C  CG  . LYS A 1 8  ? 2.187   2.690   7.514   1.00 9.27  ? 8   LYS A CG  1 
ATOM   64  C  CD  . LYS A 1 8  ? 3.116   3.392   8.543   1.00 12.11 ? 8   LYS A CD  1 
ATOM   65  C  CE  . LYS A 1 8  ? 3.560   4.712   8.025   1.00 12.49 ? 8   LYS A CE  1 
ATOM   66  N  NZ  . LYS A 1 8  ? 4.702   5.206   8.812   1.00 14.29 ? 8   LYS A NZ  1 
ATOM   67  N  N   . LYS A 1 9  ? 0.388   -1.523  8.126   1.00 7.23  ? 9   LYS A N   1 
ATOM   68  C  CA  . LYS A 1 9  ? 0.386   -2.941  8.497   1.00 8.12  ? 9   LYS A CA  1 
ATOM   69  C  C   . LYS A 1 9  ? 0.170   -3.854  7.283   1.00 7.07  ? 9   LYS A C   1 
ATOM   70  O  O   . LYS A 1 9  ? 0.859   -4.881  7.125   1.00 7.94  ? 9   LYS A O   1 
ATOM   71  C  CB  . LYS A 1 9  ? -0.610  -3.210  9.611   1.00 9.31  ? 9   LYS A CB  1 
ATOM   72  C  CG  . LYS A 1 9  ? -0.284  -4.470  10.334  1.00 14.14 ? 9   LYS A CG  1 
ATOM   73  C  CD  . LYS A 1 9  ? 0.942   -4.297  11.290  1.00 18.30 ? 9   LYS A CD  1 
ATOM   74  C  CE  . LYS A 1 9  ? 1.185   -5.560  12.136  1.00 20.66 ? 9   LYS A CE  1 
ATOM   75  N  NZ  . LYS A 1 9  ? 1.703   -6.737  11.356  1.00 20.49 ? 9   LYS A NZ  1 
ATOM   76  N  N   . ILE A 1 10 ? -0.789  -3.508  6.431   1.00 6.54  ? 10  ILE A N   1 
ATOM   77  C  CA  . ILE A 1 10 ? -0.976  -4.279  5.199   1.00 6.82  ? 10  ILE A CA  1 
ATOM   78  C  C   . ILE A 1 10 ? 0.268   -4.305  4.360   1.00 6.41  ? 10  ILE A C   1 
ATOM   79  O  O   . ILE A 1 10 ? 0.642   -5.350  3.818   1.00 6.41  ? 10  ILE A O   1 
ATOM   80  C  CB  . ILE A 1 10 ? -2.198  -3.738  4.399   1.00 7.03  ? 10  ILE A CB  1 
ATOM   81  C  CG1 . ILE A 1 10 ? -3.513  -3.953  5.167   1.00 8.74  ? 10  ILE A CG1 1 
ATOM   82  C  CG2 . ILE A 1 10 ? -2.261  -4.382  3.011   1.00 8.01  ? 10  ILE A CG2 1 
ATOM   83  C  CD1 . ILE A 1 10 ? -3.986  -5.377  5.188   1.00 9.49  ? 10  ILE A CD1 1 
ATOM   84  N  N   . ILE A 1 11 ? 0.894   -3.148  4.188   1.00 5.93  ? 11  ILE A N   1 
ATOM   85  C  CA  . ILE A 1 11 ? 2.115   -3.081  3.363   1.00 5.97  ? 11  ILE A CA  1 
ATOM   86  C  C   . ILE A 1 11 ? 3.204   -4.002  3.953   1.00 5.70  ? 11  ILE A C   1 
ATOM   87  O  O   . ILE A 1 11 ? 3.822   -4.790  3.244   1.00 6.51  ? 11  ILE A O   1 
ATOM   88  C  CB  . ILE A 1 11 ? 2.617   -1.627  3.272   1.00 6.36  ? 11  ILE A CB  1 
ATOM   89  C  CG1 . ILE A 1 11 ? 1.643   -0.775  2.453   1.00 6.60  ? 11  ILE A CG1 1 
ATOM   90  C  CG2 . ILE A 1 11 ? 4.029   -1.590  2.683   1.00 6.97  ? 11  ILE A CG2 1 
ATOM   91  C  CD1 . ILE A 1 11 ? 1.862   0.706   2.591   1.00 7.44  ? 11  ILE A CD1 1 
ATOM   92  N  N   . GLY A 1 12 ? 3.420   -3.904  5.263   1.00 6.68  ? 12  GLY A N   1 
ATOM   93  C  CA  . GLY A 1 12 ? 4.442   -4.726  5.895   1.00 7.22  ? 12  GLY A CA  1 
ATOM   94  C  C   . GLY A 1 12 ? 4.162   -6.222  5.785   1.00 6.24  ? 12  GLY A C   1 
ATOM   95  O  O   . GLY A 1 12 ? 5.067   -7.014  5.491   1.00 7.77  ? 12  GLY A O   1 
ATOM   96  N  N   . GLU A 1 13 ? 2.910   -6.612  5.980   1.00 7.30  ? 13  GLU A N   1 
ATOM   97  C  CA  . GLU A 1 13 ? 2.531   -8.012  5.866   1.00 7.09  ? 13  GLU A CA  1 
ATOM   98  C  C   . GLU A 1 13 ? 2.652   -8.524  4.443   1.00 7.14  ? 13  GLU A C   1 
ATOM   99  O  O   . GLU A 1 13 ? 3.183   -9.615  4.205   1.00 8.63  ? 13  GLU A O   1 
ATOM   100 C  CB  . GLU A 1 13 ? 1.119   -8.193  6.397   1.00 8.41  ? 13  GLU A CB  1 
ATOM   101 C  CG  . GLU A 1 13 ? 1.062   -7.958  7.898   1.00 9.81  ? 13  GLU A CG  1 
ATOM   102 C  CD  . GLU A 1 13 ? -0.321  -7.850  8.474   1.00 10.60 ? 13  GLU A CD  1 
ATOM   103 O  OE1 . GLU A 1 13 ? -1.319  -7.855  7.735   1.00 12.80 ? 13  GLU A OE1 1 
ATOM   104 O  OE2 . GLU A 1 13 ? -0.411  -7.765  9.738   1.00 12.89 ? 13  GLU A OE2 1 
ATOM   105 N  N   . GLN A 1 14 ? 2.160   -7.758  3.475   1.00 6.47  ? 14  GLN A N   1 
ATOM   106 C  CA  . GLN A 1 14 ? 2.203   -8.185  2.084   1.00 6.39  ? 14  GLN A CA  1 
ATOM   107 C  C   . GLN A 1 14 ? 3.612   -8.289  1.562   1.00 6.90  ? 14  GLN A C   1 
ATOM   108 O  O   . GLN A 1 14 ? 3.961   -9.263  0.898   1.00 8.15  ? 14  GLN A O   1 
ATOM   109 C  CB  . GLN A 1 14 ? 1.359   -7.241  1.234   1.00 6.97  ? 14  GLN A CB  1 
ATOM   110 C  CG  . GLN A 1 14 ? -0.120  -7.454  1.375   1.00 8.48  ? 14  GLN A CG  1 
ATOM   111 C  CD  . GLN A 1 14 ? -0.577  -8.769  0.790   1.00 9.80  ? 14  GLN A CD  1 
ATOM   112 O  OE1 . GLN A 1 14 ? -0.074  -9.216  -0.257  1.00 13.34 ? 14  GLN A OE1 1 
ATOM   113 N  NE2 . GLN A 1 14 ? -1.475  -9.403  1.459   1.00 10.62 ? 14  GLN A NE2 1 
ATOM   114 N  N   . LEU A 1 15 ? 4.430   -7.291  1.865   1.00 5.81  ? 15  LEU A N   1 
ATOM   115 C  CA  . LEU A 1 15 ? 5.779   -7.241  1.333   1.00 6.33  ? 15  LEU A CA  1 
ATOM   116 C  C   . LEU A 1 15 ? 6.752   -8.038  2.196   1.00 6.84  ? 15  LEU A C   1 
ATOM   117 O  O   . LEU A 1 15 ? 7.914   -8.223  1.801   1.00 7.68  ? 15  LEU A O   1 
ATOM   118 C  CB  . LEU A 1 15 ? 6.218   -5.791  1.188   1.00 6.44  ? 15  LEU A CB  1 
ATOM   119 C  CG  . LEU A 1 15 ? 5.373   -4.956  0.204   1.00 6.60  ? 15  LEU A CG  1 
ATOM   120 C  CD1 . LEU A 1 15 ? 6.017   -3.590  -0.003  1.00 7.31  ? 15  LEU A CD1 1 
ATOM   121 C  CD2 . LEU A 1 15 ? 5.171   -5.658  -1.112  1.00 8.29  ? 15  LEU A CD2 1 
ATOM   122 N  N   . GLY A 1 16 ? 6.315   -8.474  3.378   1.00 6.87  ? 16  GLY A N   1 
ATOM   123 C  CA  . GLY A 1 16 ? 7.172   -9.265  4.243   1.00 7.50  ? 16  GLY A CA  1 
ATOM   124 C  C   . GLY A 1 16 ? 8.315   -8.486  4.852   1.00 6.81  ? 16  GLY A C   1 
ATOM   125 O  O   . GLY A 1 16 ? 9.415   -9.017  5.028   1.00 7.91  ? 16  GLY A O   1 
ATOM   126 N  N   . VAL A 1 17 ? 8.060   -7.230  5.230   1.00 6.62  ? 17  VAL A N   1 
ATOM   127 C  CA  . VAL A 1 17 ? 9.089   -6.344  5.765   1.00 6.55  ? 17  VAL A CA  1 
ATOM   128 C  C   . VAL A 1 17 ? 8.732   -5.910  7.166   1.00 6.51  ? 17  VAL A C   1 
ATOM   129 O  O   . VAL A 1 17 ? 7.545   -5.812  7.532   1.00 7.74  ? 17  VAL A O   1 
ATOM   130 C  CB  . VAL A 1 17 ? 9.359   -5.116  4.850   1.00 6.67  ? 17  VAL A CB  1 
ATOM   131 C  CG1 . VAL A 1 17 ? 9.950   -5.590  3.539   1.00 8.38  ? 17  VAL A CG1 1 
ATOM   132 C  CG2 . VAL A 1 17 ? 8.106   -4.274  4.637   1.00 7.29  ? 17  VAL A CG2 1 
ATOM   133 N  N   . LYS A 1 18 ? 9.748   -5.639  7.976   1.00 6.79  ? 18  LYS A N   1 
ATOM   134 C  CA  . LYS A 1 18 ? 9.504   -5.187  9.350   1.00 7.43  ? 18  LYS A CA  1 
ATOM   135 C  C   . LYS A 1 18 ? 8.936   -3.775  9.410   1.00 7.56  ? 18  LYS A C   1 
ATOM   136 O  O   . LYS A 1 18 ? 9.179   -2.934  8.544   1.00 7.56  ? 18  LYS A O   1 
ATOM   137 C  CB  . LYS A 1 18 ? 10.786  -5.326  10.183  1.00 8.11  ? 18  LYS A CB  1 
ATOM   138 C  CG  . LYS A 1 18 ? 12.011  -4.491  9.710   1.00 8.03  ? 18  LYS A CG  1 
ATOM   139 C  CD  . LYS A 1 18 ? 13.012  -4.313  10.838  1.00 8.67  ? 18  LYS A CD  1 
ATOM   140 C  CE  . LYS A 1 18 ? 14.327  -3.723  10.398  1.00 8.33  ? 18  LYS A CE  1 
ATOM   141 N  NZ  . LYS A 1 18 ? 15.244  -4.799  9.911   1.00 9.18  ? 18  LYS A NZ  1 
ATOM   142 N  N   . GLN A 1 19 ? 8.212   -3.513  10.492  1.00 8.72  ? 19  GLN A N   1 
ATOM   143 C  CA  . GLN A 1 19 ? 7.498   -2.250  10.646  1.00 9.70  ? 19  GLN A CA  1 
ATOM   144 C  C   . GLN A 1 19 ? 8.409   -1.019  10.572  1.00 9.39  ? 19  GLN A C   1 
ATOM   145 O  O   . GLN A 1 19 ? 8.019   0.018   9.995   1.00 9.63  ? 19  GLN A O   1 
ATOM   146 C  CB  . GLN A 1 19 ? 6.752   -2.282  11.976  1.00 12.43 ? 19  GLN A CB  1 
ATOM   147 C  CG  . GLN A 1 19 ? 6.002   -1.029  12.306  1.00 15.59 ? 19  GLN A CG  1 
ATOM   148 C  CD  . GLN A 1 19 ? 5.257   -1.090  13.642  1.00 20.76 ? 19  GLN A CD  1 
ATOM   149 O  OE1 . GLN A 1 19 ? 5.275   -2.127  14.344  1.00 24.35 ? 19  GLN A OE1 1 
ATOM   150 N  NE2 . GLN A 1 19 ? 4.622   0.033   14.021  1.00 21.78 ? 19  GLN A NE2 1 
ATOM   151 N  N   . GLU A 1 20 ? 9.594   -1.096  11.171  1.00 9.15  ? 20  GLU A N   1 
ATOM   152 C  CA  . GLU A 1 20 ? 10.531  0.023   11.139  1.00 9.80  ? 20  GLU A CA  1 
ATOM   153 C  C   . GLU A 1 20 ? 10.873  0.522   9.737   1.00 8.62  ? 20  GLU A C   1 
ATOM   154 O  O   . GLU A 1 20 ? 11.196  1.698   9.559   1.00 10.11 ? 20  GLU A O   1 
ATOM   155 C  CB  . GLU A 1 20 ? 11.818  -0.369  11.886  1.00 11.84 ? 20  GLU A CB  1 
ATOM   156 C  CG  . GLU A 1 20 ? 12.891  0.703   11.961  1.00 12.68 ? 20  GLU A CG  1 
ATOM   157 C  CD  . GLU A 1 20 ? 13.818  0.725   10.762  1.00 12.28 ? 20  GLU A CD  1 
ATOM   158 O  OE1 . GLU A 1 20 ? 13.853  -0.228  9.959   1.00 14.20 ? 20  GLU A OE1 1 
ATOM   159 O  OE2 . GLU A 1 20 ? 14.497  1.761   10.619  1.00 15.99 ? 20  GLU A OE2 1 
ATOM   160 N  N   . GLU A 1 21 ? 10.795  -0.348  8.730   1.00 7.75  ? 21  GLU A N   1 
ATOM   161 C  CA  . GLU A 1 21 ? 11.130  0.042   7.385   1.00 7.77  ? 21  GLU A CA  1 
ATOM   162 C  C   . GLU A 1 21 ? 9.993   0.767   6.674   1.00 6.78  ? 21  GLU A C   1 
ATOM   163 O  O   . GLU A 1 21 ? 10.225  1.404   5.635   1.00 7.35  ? 21  GLU A O   1 
ATOM   164 C  CB  . GLU A 1 21 ? 11.518  -1.206  6.588   1.00 7.36  ? 21  GLU A CB  1 
ATOM   165 C  CG  . GLU A 1 21 ? 12.838  -1.801  7.027   1.00 7.64  ? 21  GLU A CG  1 
ATOM   166 C  CD  . GLU A 1 21 ? 13.041  -3.237  6.553   1.00 7.05  ? 21  GLU A CD  1 
ATOM   167 O  OE1 . GLU A 1 21 ? 12.232  -3.763  5.775   1.00 8.44  ? 21  GLU A OE1 1 
ATOM   168 O  OE2 . GLU A 1 21 ? 14.073  -3.849  6.929   1.00 7.72  ? 21  GLU A OE2 1 
ATOM   169 N  N   . VAL A 1 22 ? 8.759   0.625   7.184   1.00 7.13  ? 22  VAL A N   1 
ATOM   170 C  CA  . VAL A 1 22 ? 7.565   1.110   6.494   1.00 6.93  ? 22  VAL A CA  1 
ATOM   171 C  C   . VAL A 1 22 ? 7.341   2.567   6.896   1.00 7.03  ? 22  VAL A C   1 
ATOM   172 O  O   . VAL A 1 22 ? 6.372   2.934   7.577   1.00 8.89  ? 22  VAL A O   1 
ATOM   173 C  CB  . VAL A 1 22 ? 6.366   0.190   6.757   1.00 7.23  ? 22  VAL A CB  1 
ATOM   174 C  CG1 . VAL A 1 22 ? 5.191   0.607   5.864   1.00 8.39  ? 22  VAL A CG1 1 
ATOM   175 C  CG2 . VAL A 1 22 ? 6.731   -1.259  6.426   1.00 8.66  ? 22  VAL A CG2 1 
ATOM   176 N  N   . THR A 1 23 ? 8.281   3.397   6.478   1.00 7.48  ? 23  THR A N   1 
ATOM   177 C  CA  . THR A 1 23 ? 8.198   4.836   6.681   1.00 7.65  ? 23  THR A CA  1 
ATOM   178 C  C   . THR A 1 23 ? 7.338   5.457   5.589   1.00 7.33  ? 23  THR A C   1 
ATOM   179 O  O   . THR A 1 23 ? 7.181   4.895   4.495   1.00 7.24  ? 23  THR A O   1 
ATOM   180 C  CB  . THR A 1 23 ? 9.600   5.476   6.695   1.00 8.70  ? 23  THR A CB  1 
ATOM   181 O  OG1 . THR A 1 23 ? 10.201  5.307   5.418   1.00 10.66 ? 23  THR A OG1 1 
ATOM   182 C  CG2 . THR A 1 23 ? 10.523  4.865   7.728   1.00 12.20 ? 23  THR A CG2 1 
ATOM   183 N  N   . ASN A 1 24 ? 6.794   6.655   5.849   1.00 7.46  ? 24  ASN A N   1 
ATOM   184 C  CA  . ASN A 1 24 ? 5.845   7.196   4.897   1.00 7.27  ? 24  ASN A CA  1 
ATOM   185 C  C   . ASN A 1 24 ? 6.426   7.429   3.512   1.00 7.42  ? 24  ASN A C   1 
ATOM   186 O  O   . ASN A 1 24 ? 5.701   7.292   2.515   1.00 8.18  ? 24  ASN A O   1 
ATOM   187 C  CB  . ASN A 1 24 ? 5.202   8.481   5.426   1.00 8.59  ? 24  ASN A CB  1 
ATOM   188 C  CG  . ASN A 1 24 ? 4.237   8.212   6.559   1.00 8.98  ? 24  ASN A CG  1 
ATOM   189 O  OD1 . ASN A 1 24 ? 4.559   7.482   7.480   1.00 13.71 ? 24  ASN A OD1 1 
ATOM   190 N  ND2 . ASN A 1 24 ? 3.047   8.806   6.507   1.00 9.72  ? 24  ASN A ND2 1 
ATOM   191 N  N   . ASN A 1 25 ? 7.707   7.809   3.419   1.00 7.77  ? 25  ASN A N   1 
ATOM   192 C  CA  . ASN A 1 25 ? 8.273   8.073   2.109   1.00 8.66  ? 25  ASN A CA  1 
ATOM   193 C  C   . ASN A 1 25 ? 8.948   6.873   1.433   1.00 8.10  ? 25  ASN A C   1 
ATOM   194 O  O   . ASN A 1 25 ? 9.509   7.018   0.359   1.00 9.75  ? 25  ASN A O   1 
ATOM   195 C  CB  . ASN A 1 25 ? 9.171   9.320   2.172   1.00 12.02 ? 25  ASN A CB  1 
ATOM   196 C  CG  . ASN A 1 25 ? 8.358   10.617  2.378   1.00 16.99 ? 25  ASN A CG  1 
ATOM   197 O  OD1 . ASN A 1 25 ? 7.194   10.725  1.983   1.00 21.08 ? 25  ASN A OD1 1 
ATOM   198 N  ND2 . ASN A 1 25 ? 8.981   11.594  3.005   1.00 21.37 ? 25  ASN A ND2 1 
ATOM   199 N  N   . ALA A 1 26 ? 8.834   5.701   2.046   1.00 7.33  ? 26  ALA A N   1 
ATOM   200 C  CA  . ALA A 1 26 ? 9.469   4.515   1.497   1.00 7.12  ? 26  ALA A CA  1 
ATOM   201 C  C   . ALA A 1 26 ? 8.790   4.061   0.190   1.00 5.91  ? 26  ALA A C   1 
ATOM   202 O  O   . ALA A 1 26 ? 7.568   3.969   0.077   1.00 6.76  ? 26  ALA A O   1 
ATOM   203 C  CB  . ALA A 1 26 ? 9.425   3.372   2.510   1.00 8.07  ? 26  ALA A CB  1 
ATOM   204 N  N   . SER A 1 27 ? 9.643   3.681   -0.765  1.00 5.90  ? 27  SER A N   1 
ATOM   205 C  CA  . SER A 1 27 ? 9.252   3.052   -2.011  1.00 6.05  ? 27  SER A CA  1 
ATOM   206 C  C   . SER A 1 27 ? 9.092   1.537   -1.839  1.00 5.47  ? 27  SER A C   1 
ATOM   207 O  O   . SER A 1 27 ? 9.993   0.868   -1.279  1.00 5.91  ? 27  SER A O   1 
ATOM   208 C  CB  . SER A 1 27 ? 10.342  3.284   -3.051  1.00 6.86  ? 27  SER A CB  1 
ATOM   209 O  OG  . SER A 1 27 ? 10.186  2.443   -4.191  1.00 6.59  ? 27  SER A OG  1 
ATOM   210 N  N   . PHE A 1 28 ? 7.975   0.973   -2.321  1.00 5.58  ? 28  PHE A N   1 
ATOM   211 C  CA  . PHE A 1 28 ? 7.809   -0.476  -2.237  1.00 5.73  ? 28  PHE A CA  1 
ATOM   212 C  C   . PHE A 1 28 ? 8.985   -1.234  -2.859  1.00 5.60  ? 28  PHE A C   1 
ATOM   213 O  O   . PHE A 1 28 ? 9.535   -2.162  -2.253  1.00 6.41  ? 28  PHE A O   1 
ATOM   214 C  CB  . PHE A 1 28 ? 6.524   -0.943  -2.919  1.00 6.54  ? 28  PHE A CB  1 
ATOM   215 C  CG  . PHE A 1 28 ? 5.271   -0.247  -2.450  1.00 5.87  ? 28  PHE A CG  1 
ATOM   216 C  CD1 . PHE A 1 28 ? 5.108   0.198   -1.135  1.00 7.77  ? 28  PHE A CD1 1 
ATOM   217 C  CD2 . PHE A 1 28 ? 4.232   -0.054  -3.338  1.00 7.53  ? 28  PHE A CD2 1 
ATOM   218 C  CE1 . PHE A 1 28 ? 3.927   0.832   -0.732  1.00 7.61  ? 28  PHE A CE1 1 
ATOM   219 C  CE2 . PHE A 1 28 ? 3.065   0.570   -2.940  1.00 9.00  ? 28  PHE A CE2 1 
ATOM   220 C  CZ  . PHE A 1 28 ? 2.910   1.007   -1.651  1.00 8.81  ? 28  PHE A CZ  1 
ATOM   221 N  N   . VAL A 1 29 ? 9.352   -0.857  -4.081  1.00 6.10  ? 29  VAL A N   1 
ATOM   222 C  CA  . VAL A 1 29 ? 10.410  -1.539  -4.814  1.00 7.11  ? 29  VAL A CA  1 
ATOM   223 C  C   . VAL A 1 29 ? 11.771  -1.115  -4.304  1.00 6.90  ? 29  VAL A C   1 
ATOM   224 O  O   . VAL A 1 29 ? 12.641  -1.974  -4.059  1.00 9.02  ? 29  VAL A O   1 
ATOM   225 C  CB  . VAL A 1 29 ? 10.276  -1.264  -6.341  1.00 7.75  ? 29  VAL A CB  1 
ATOM   226 C  CG1 . VAL A 1 29 ? 11.477  -1.814  -7.110  1.00 9.64  ? 29  VAL A CG1 1 
ATOM   227 C  CG2 . VAL A 1 29 ? 8.997   -1.911  -6.868  1.00 8.69  ? 29  VAL A CG2 1 
ATOM   228 N  N   . GLU A 1 30 ? 12.012  0.184   -4.178  1.00 7.14  ? 30  GLU A N   1 
ATOM   229 C  CA  . GLU A 1 30 ? 13.384  0.655   -3.933  1.00 7.94  ? 30  GLU A CA  1 
ATOM   230 C  C   . GLU A 1 30 ? 13.834  0.525   -2.494  1.00 8.26  ? 30  GLU A C   1 
ATOM   231 O  O   . GLU A 1 30 ? 15.022  0.331   -2.244  1.00 10.35 ? 30  GLU A O   1 
ATOM   232 C  CB  . GLU A 1 30 ? 13.540  2.091   -4.392  1.00 8.79  ? 30  GLU A CB  1 
ATOM   233 C  CG  . GLU A 1 30 ? 13.340  2.269   -5.882  1.00 9.86  ? 30  GLU A CG  1 
ATOM   234 C  CD  . GLU A 1 30 ? 14.371  1.523   -6.706  1.00 12.32 ? 30  GLU A CD  1 
ATOM   235 O  OE1 . GLU A 1 30 ? 15.573  1.727   -6.454  1.00 17.60 ? 30  GLU A OE1 1 
ATOM   236 O  OE2 . GLU A 1 30 ? 13.980  0.726   -7.586  1.00 11.76 ? 30  GLU A OE2 1 
ATOM   237 N  N   . ASP A 1 31 ? 12.895  0.626   -1.543  1.00 7.39  ? 31  ASP A N   1 
ATOM   238 C  CA  . ASP A 1 31 ? 13.200  0.569   -0.110  1.00 7.25  ? 31  ASP A CA  1 
ATOM   239 C  C   . ASP A 1 31 ? 12.722  -0.735  0.530   1.00 6.98  ? 31  ASP A C   1 
ATOM   240 O  O   . ASP A 1 31 ? 13.360  -1.221  1.477   1.00 8.83  ? 31  ASP A O   1 
ATOM   241 C  CB  . ASP A 1 31 ? 12.608  1.775   0.622   1.00 7.59  ? 31  ASP A CB  1 
ATOM   242 C  CG  . ASP A 1 31 ? 13.258  3.047   0.185   1.00 8.12  ? 31  ASP A CG  1 
ATOM   243 O  OD1 . ASP A 1 31 ? 12.562  3.881   -0.447  1.00 7.24  ? 31  ASP A OD1 1 
ATOM   244 O  OD2 . ASP A 1 31 ? 14.463  3.255   0.440   1.00 11.84 ? 31  ASP A OD2 1 
ATOM   245 N  N   . LEU A 1 32 ? 11.588  -1.271  0.091   1.00 6.45  ? 32  LEU A N   1 
ATOM   246 C  CA  . LEU A 1 32 ? 10.981  -2.426  0.736   1.00 6.83  ? 32  LEU A CA  1 
ATOM   247 C  C   . LEU A 1 32 ? 11.198  -3.724  -0.024  1.00 7.24  ? 32  LEU A C   1 
ATOM   248 O  O   . LEU A 1 32 ? 10.594  -4.746  0.327   1.00 8.91  ? 32  LEU A O   1 
ATOM   249 C  CB  . LEU A 1 32 ? 9.515   -2.164  1.038   1.00 6.35  ? 32  LEU A CB  1 
ATOM   250 C  CG  . LEU A 1 32 ? 9.266   -0.871  1.858   1.00 7.03  ? 32  LEU A CG  1 
ATOM   251 C  CD1 . LEU A 1 32 ? 7.764   -0.699  2.115   1.00 8.28  ? 32  LEU A CD1 1 
ATOM   252 C  CD2 . LEU A 1 32 ? 10.069  -0.839  3.144   1.00 8.19  ? 32  LEU A CD2 1 
ATOM   253 N  N   . GLY A 1 33 ? 12.030  -3.688  -1.060  1.00 7.34  ? 33  GLY A N   1 
ATOM   254 C  CA  . GLY A 1 33 ? 12.461  -4.916  -1.714  1.00 8.43  ? 33  GLY A CA  1 
ATOM   255 C  C   . GLY A 1 33 ? 11.422  -5.592  -2.569  1.00 7.57  ? 33  GLY A C   1 
ATOM   256 O  O   . GLY A 1 33 ? 11.647  -6.739  -2.986  1.00 8.50  ? 33  GLY A O   1 
ATOM   257 N  N   . ALA A 1 34 ? 10.294  -4.931  -2.867  1.00 6.86  ? 34  ALA A N   1 
ATOM   258 C  CA  . ALA A 1 34 ? 9.206   -5.581  -3.584  1.00 7.28  ? 34  ALA A CA  1 
ATOM   259 C  C   . ALA A 1 34 ? 9.555   -5.896  -5.023  1.00 6.45  ? 34  ALA A C   1 
ATOM   260 O  O   . ALA A 1 34 ? 10.260  -5.125  -5.688  1.00 8.12  ? 34  ALA A O   1 
ATOM   261 C  CB  . ALA A 1 34 ? 7.965   -4.686  -3.582  1.00 7.73  ? 34  ALA A CB  1 
ATOM   262 N  N   . ASP A 1 35 ? 8.980   -6.994  -5.506  1.00 6.06  ? 35  ASP A N   1 
ATOM   263 C  CA  . ASP A 1 35 ? 8.924   -7.251  -6.924  1.00 7.37  ? 35  ASP A CA  1 
ATOM   264 C  C   . ASP A 1 35 ? 7.546   -6.795  -7.480  1.00 7.70  ? 35  ASP A C   1 
ATOM   265 O  O   . ASP A 1 35 ? 6.639   -6.433  -6.709  1.00 7.96  ? 35  ASP A O   1 
ATOM   266 C  CB  . ASP A 1 35 ? 9.273   -8.720  -7.239  1.00 7.35  ? 35  ASP A CB  1 
ATOM   267 C  CG  . ASP A 1 35 ? 8.272   -9.698  -6.688  1.00 6.78  ? 35  ASP A CG  1 
ATOM   268 O  OD1 . ASP A 1 35 ? 7.058   -9.535  -6.990  1.00 6.52  ? 35  ASP A OD1 1 
ATOM   269 O  OD2 . ASP A 1 35 ? 8.676   -10.668 -5.948  1.00 6.46  ? 35  ASP A OD2 1 
ATOM   270 N  N   . SER A 1 36 ? 7.384   -6.774  -8.799  1.00 8.29  ? 36  SER A N   1 
ATOM   271 C  CA  . SER A 1 36 ? 6.139   -6.228  -9.366  1.00 9.13  ? 36  SER A CA  1 
ATOM   272 C  C   . SER A 1 36 ? 4.957   -7.139  -9.120  1.00 8.48  ? 36  SER A C   1 
ATOM   273 O  O   . SER A 1 36 ? 3.802   -6.669  -9.112  1.00 10.31 ? 36  SER A O   1 
ATOM   274 C  CB  A SER A 1 36 ? 6.312   -5.800  -10.810 0.50 10.30 ? 36  SER A CB  1 
ATOM   275 C  CB  B SER A 1 36 ? 6.262   -6.129  -10.888 0.50 11.10 ? 36  SER A CB  1 
ATOM   276 O  OG  A SER A 1 36 ? 6.702   -6.928  -11.537 0.50 11.10 ? 36  SER A OG  1 
ATOM   277 O  OG  B SER A 1 36 ? 7.312   -5.295  -11.274 0.50 13.21 ? 36  SER A OG  1 
ATOM   278 N  N   . LEU A 1 37 ? 5.196   -8.437  -8.962  1.00 7.54  ? 37  LEU A N   1 
ATOM   279 C  CA  . LEU A 1 37 ? 4.083   -9.311  -8.566  1.00 7.94  ? 37  LEU A CA  1 
ATOM   280 C  C   . LEU A 1 37 ? 3.544   -8.902  -7.193  1.00 7.35  ? 37  LEU A C   1 
ATOM   281 O  O   . LEU A 1 37 ? 2.325   -8.877  -6.966  1.00 8.87  ? 37  LEU A O   1 
ATOM   282 C  CB  . LEU A 1 37 ? 4.432   -10.802 -8.571  1.00 7.31  ? 37  LEU A CB  1 
ATOM   283 C  CG  . LEU A 1 37 ? 4.806   -11.461 -9.901  1.00 8.57  ? 37  LEU A CG  1 
ATOM   284 C  CD1 . LEU A 1 37 ? 6.214   -11.024 -10.406 1.00 9.39  ? 37  LEU A CD1 1 
ATOM   285 C  CD2 . LEU A 1 37 ? 4.755   -12.975 -9.713  1.00 10.37 ? 37  LEU A CD2 1 
ATOM   286 N  N   . ASP A 1 38 ? 4.476   -8.605  -6.292  1.00 6.67  ? 38  ASP A N   1 
ATOM   287 C  CA  . ASP A 1 38 ? 4.129   -8.214  -4.943  1.00 6.77  ? 38  ASP A CA  1 
ATOM   288 C  C   . ASP A 1 38 ? 3.291   -6.937  -4.952  1.00 6.98  ? 38  ASP A C   1 
ATOM   289 O  O   . ASP A 1 38 ? 2.378   -6.787  -4.157  1.00 7.29  ? 38  ASP A O   1 
ATOM   290 C  CB  . ASP A 1 38 ? 5.367   -7.936  -4.106  1.00 6.77  ? 38  ASP A CB  1 
ATOM   291 C  CG  . ASP A 1 38 ? 6.343   -9.082  -4.031  1.00 5.96  ? 38  ASP A CG  1 
ATOM   292 O  OD1 . ASP A 1 38 ? 5.937   -10.274 -4.214  1.00 6.84  ? 38  ASP A OD1 1 
ATOM   293 O  OD2 . ASP A 1 38 ? 7.545   -8.800  -3.764  1.00 6.75  ? 38  ASP A OD2 1 
ATOM   294 N  N   . THR A 1 39 ? 3.653   -5.979  -5.800  1.00 7.28  ? 39  THR A N   1 
ATOM   295 C  CA  . THR A 1 39 ? 2.917   -4.709  -5.749  1.00 8.34  ? 39  THR A CA  1 
ATOM   296 C  C   . THR A 1 39 ? 1.484   -4.860  -6.245  1.00 7.79  ? 39  THR A C   1 
ATOM   297 O  O   . THR A 1 39 ? 0.570   -4.255  -5.699  1.00 8.36  ? 39  THR A O   1 
ATOM   298 C  CB  . THR A 1 39 ? 3.649   -3.582  -6.459  1.00 10.33 ? 39  THR A CB  1 
ATOM   299 O  OG1 . THR A 1 39 ? 3.876   -3.896  -7.805  1.00 14.03 ? 39  THR A OG1 1 
ATOM   300 C  CG2 . THR A 1 39 ? 5.016   -3.363  -5.854  1.00 11.83 ? 39  THR A CG2 1 
ATOM   301 N  N   . VAL A 1 40 ? 1.272   -5.698  -7.260  1.00 8.63  ? 40  VAL A N   1 
ATOM   302 C  CA  . VAL A 1 40 ? -0.077  -5.989  -7.697  1.00 9.72  ? 40  VAL A CA  1 
ATOM   303 C  C   . VAL A 1 40 ? -0.877  -6.661  -6.550  1.00 8.69  ? 40  VAL A C   1 
ATOM   304 O  O   . VAL A 1 40 ? -2.024  -6.303  -6.292  1.00 9.61  ? 40  VAL A O   1 
ATOM   305 C  CB  . VAL A 1 40 ? -0.073  -6.825  -8.979  1.00 10.96 ? 40  VAL A CB  1 
ATOM   306 C  CG1 . VAL A 1 40 ? -1.494  -7.322  -9.315  1.00 13.35 ? 40  VAL A CG1 1 
ATOM   307 C  CG2 . VAL A 1 40 ? 0.511   -6.048  -10.141 1.00 13.03 ? 40  VAL A CG2 1 
ATOM   308 N  N   . GLU A 1 41 ? -0.273  -7.652  -5.889  1.00 8.68  ? 41  GLU A N   1 
ATOM   309 C  CA  . GLU A 1 41 ? -0.923  -8.332  -4.764  1.00 8.26  ? 41  GLU A CA  1 
ATOM   310 C  C   . GLU A 1 41 ? -1.202  -7.385  -3.590  1.00 7.06  ? 41  GLU A C   1 
ATOM   311 O  O   . GLU A 1 41 ? -2.210  -7.506  -2.904  1.00 8.08  ? 41  GLU A O   1 
ATOM   312 C  CB  . GLU A 1 41 ? -0.106  -9.550  -4.313  1.00 9.03  ? 41  GLU A CB  1 
ATOM   313 C  CG  . GLU A 1 41 ? -0.116  -10.633 -5.384  1.00 11.95 ? 41  GLU A CG  1 
ATOM   314 C  CD  . GLU A 1 41 ? 0.861   -11.748 -5.202  1.00 13.82 ? 41  GLU A CD  1 
ATOM   315 O  OE1 . GLU A 1 41 ? 0.861   -12.641 -6.080  1.00 16.20 ? 41  GLU A OE1 1 
ATOM   316 O  OE2 . GLU A 1 41 ? 1.567   -11.793 -4.166  1.00 15.26 ? 41  GLU A OE2 1 
ATOM   317 N  N   . LEU A 1 42 ? -0.326  -6.403  -3.382  1.00 7.01  ? 42  LEU A N   1 
ATOM   318 C  CA  . LEU A 1 42 ? -0.510  -5.398  -2.360  1.00 6.32  ? 42  LEU A CA  1 
ATOM   319 C  C   . LEU A 1 42 ? -1.727  -4.522  -2.672  1.00 5.59  ? 42  LEU A C   1 
ATOM   320 O  O   . LEU A 1 42 ? -2.544  -4.254  -1.792  1.00 6.70  ? 42  LEU A O   1 
ATOM   321 C  CB  . LEU A 1 42 ? 0.745   -4.536  -2.243  1.00 6.61  ? 42  LEU A CB  1 
ATOM   322 C  CG  . LEU A 1 42 ? 0.661   -3.322  -1.326  1.00 6.63  ? 42  LEU A CG  1 
ATOM   323 C  CD1 . LEU A 1 42 ? 0.135   -3.641  0.056   1.00 7.60  ? 42  LEU A CD1 1 
ATOM   324 C  CD2 . LEU A 1 42 ? 2.041   -2.668  -1.259  1.00 9.08  ? 42  LEU A CD2 1 
ATOM   325 N  N   . VAL A 1 43 ? -1.865  -4.097  -3.920  1.00 6.50  ? 43  VAL A N   1 
ATOM   326 C  CA  . VAL A 1 43 ? -3.052  -3.354  -4.289  1.00 7.26  ? 43  VAL A CA  1 
ATOM   327 C  C   . VAL A 1 43 ? -4.343  -4.150  -4.039  1.00 6.75  ? 43  VAL A C   1 
ATOM   328 O  O   . VAL A 1 43 ? -5.321  -3.644  -3.484  1.00 7.12  ? 43  VAL A O   1 
ATOM   329 C  CB  . VAL A 1 43 ? -2.952  -2.818  -5.747  1.00 8.57  ? 43  VAL A CB  1 
ATOM   330 C  CG1 . VAL A 1 43 ? -4.303  -2.237  -6.242  1.00 10.34 ? 43  VAL A CG1 1 
ATOM   331 C  CG2 . VAL A 1 43 ? -1.842  -1.776  -5.881  1.00 11.27 ? 43  VAL A CG2 1 
ATOM   332 N  N   . MET A 1 44 ? -4.318  -5.417  -4.427  1.00 7.23  ? 44  MET A N   1 
ATOM   333 C  CA  . MET A 1 44 ? -5.464  -6.296  -4.178  1.00 7.81  ? 44  MET A CA  1 
ATOM   334 C  C   . MET A 1 44 ? -5.759  -6.396  -2.667  1.00 6.44  ? 44  MET A C   1 
ATOM   335 O  O   . MET A 1 44 ? -6.921  -6.377  -2.253  1.00 7.62  ? 44  MET A O   1 
ATOM   336 C  CB  . MET A 1 44 ? -5.227  -7.668  -4.763  1.00 9.43  ? 44  MET A CB  1 
ATOM   337 C  CG  . MET A 1 44 ? -5.165  -7.664  -6.276  1.00 11.83 ? 44  MET A CG  1 
ATOM   338 S  SD  . MET A 1 44 ? -4.739  -9.229  -7.010  1.00 21.65 ? 44  MET A SD  1 
ATOM   339 C  CE  . MET A 1 44 ? -3.803  -10.046 -5.881  1.00 26.16 ? 44  MET A CE  1 
ATOM   340 N  N   . ALA A 1 45 ? -4.704  -6.485  -1.851  1.00 6.62  ? 45  ALA A N   1 
ATOM   341 C  CA  . ALA A 1 45 ? -4.888  -6.595  -0.420  1.00 7.15  ? 45  ALA A CA  1 
ATOM   342 C  C   . ALA A 1 45 ? -5.476  -5.321  0.179   1.00 6.55  ? 45  ALA A C   1 
ATOM   343 O  O   . ALA A 1 45 ? -6.262  -5.384  1.138   1.00 7.60  ? 45  ALA A O   1 
ATOM   344 C  CB  . ALA A 1 45 ? -3.560  -6.913  0.250   1.00 7.90  ? 45  ALA A CB  1 
ATOM   345 N  N   . LEU A 1 46 ? -5.085  -4.165  -0.338  1.00 6.30  ? 46  LEU A N   1 
ATOM   346 C  CA  . LEU A 1 46 ? -5.663  -2.906  0.111   1.00 6.49  ? 46  LEU A CA  1 
ATOM   347 C  C   . LEU A 1 46 ? -7.140  -2.843  -0.253  1.00 5.84  ? 46  LEU A C   1 
ATOM   348 O  O   . LEU A 1 46 ? -7.949  -2.337  0.533   1.00 6.83  ? 46  LEU A O   1 
ATOM   349 C  CB  . LEU A 1 46 ? -4.899  -1.732  -0.498  1.00 6.93  ? 46  LEU A CB  1 
ATOM   350 C  CG  . LEU A 1 46 ? -3.482  -1.532  0.031   1.00 7.91  ? 46  LEU A CG  1 
ATOM   351 C  CD1 . LEU A 1 46 ? -2.716  -0.529  -0.841  1.00 10.60 ? 46  LEU A CD1 1 
ATOM   352 C  CD2 . LEU A 1 46 ? -3.471  -1.068  1.478   1.00 8.80  ? 46  LEU A CD2 1 
ATOM   353 N  N   . GLU A 1 47 ? -7.493  -3.347  -1.441  1.00 6.43  ? 47  GLU A N   1 
ATOM   354 C  CA  . GLU A 1 47 ? -8.915  -3.381  -1.825  1.00 6.98  ? 47  GLU A CA  1 
ATOM   355 C  C   . GLU A 1 47 ? -9.734  -4.178  -0.844  1.00 7.03  ? 47  GLU A C   1 
ATOM   356 O  O   . GLU A 1 47 ? -10.855 -3.776  -0.485  1.00 7.78  ? 47  GLU A O   1 
ATOM   357 C  CB  . GLU A 1 47 ? -9.114  -3.999  -3.212  1.00 7.23  ? 47  GLU A CB  1 
ATOM   358 C  CG  . GLU A 1 47 ? -8.570  -3.167  -4.347  1.00 8.20  ? 47  GLU A CG  1 
ATOM   359 C  CD  . GLU A 1 47 ? -9.126  -3.609  -5.695  1.00 9.36  ? 47  GLU A CD  1 
ATOM   360 O  OE1 . GLU A 1 47 ? -9.688  -4.737  -5.783  1.00 11.93 ? 47  GLU A OE1 1 
ATOM   361 O  OE2 . GLU A 1 47 ? -9.053  -2.844  -6.698  1.00 9.60  ? 47  GLU A OE2 1 
ATOM   362 N  N   . GLU A 1 48 ? -9.201  -5.323  -0.397  1.00 6.93  ? 48  GLU A N   1 
ATOM   363 C  CA  . GLU A 1 48 ? -9.930  -6.154  0.561   1.00 8.50  ? 48  GLU A CA  1 
ATOM   364 C  C   . GLU A 1 48 ? -9.999  -5.485  1.940   1.00 8.25  ? 48  GLU A C   1 
ATOM   365 O  O   . GLU A 1 48 ? -11.063 -5.457  2.573   1.00 10.58 ? 48  GLU A O   1 
ATOM   366 C  CB  . GLU A 1 48 ? -9.332  -7.573  0.677   1.00 9.26  ? 48  GLU A CB  1 
ATOM   367 C  CG  . GLU A 1 48 ? -9.281  -8.349  -0.640  1.00 9.85  ? 48  GLU A CG  1 
ATOM   368 C  CD  . GLU A 1 48 ? -10.623 -8.682  -1.257  1.00 10.96 ? 48  GLU A CD  1 
ATOM   369 O  OE1 . GLU A 1 48 ? -10.649 -8.899  -2.496  1.00 13.20 ? 48  GLU A OE1 1 
ATOM   370 O  OE2 . GLU A 1 48 ? -11.664 -8.698  -0.558  1.00 13.75 ? 48  GLU A OE2 1 
ATOM   371 N  N   . GLU A 1 49 ? -8.869  -4.973  2.438   1.00 7.76  ? 49  GLU A N   1 
ATOM   372 C  CA  . GLU A 1 49 ? -8.828  -4.437  3.805   1.00 8.16  ? 49  GLU A CA  1 
ATOM   373 C  C   . GLU A 1 49 ? -9.759  -3.236  3.957   1.00 7.59  ? 49  GLU A C   1 
ATOM   374 O  O   . GLU A 1 49 ? -10.363 -3.043  5.010   1.00 9.65  ? 49  GLU A O   1 
ATOM   375 C  CB  . GLU A 1 49 ? -7.423  -4.066  4.194   1.00 8.16  ? 49  GLU A CB  1 
ATOM   376 C  CG  . GLU A 1 49 ? -7.285  -3.384  5.556   1.00 9.59  ? 49  GLU A CG  1 
ATOM   377 C  CD  . GLU A 1 49 ? -7.641  -4.242  6.752   1.00 9.47  ? 49  GLU A CD  1 
ATOM   378 O  OE1 . GLU A 1 49 ? -7.960  -3.694  7.870   1.00 10.49 ? 49  GLU A OE1 1 
ATOM   379 O  OE2 . GLU A 1 49 ? -7.638  -5.489  6.615   1.00 11.23 ? 49  GLU A OE2 1 
ATOM   380 N  N   . PHE A 1 50 ? -9.853  -2.430  2.892   1.00 7.46  ? 50  PHE A N   1 
ATOM   381 C  CA  . PHE A 1 50 ? -10.560 -1.140  2.957   1.00 7.81  ? 50  PHE A CA  1 
ATOM   382 C  C   . PHE A 1 50 ? -11.826 -1.130  2.139   1.00 8.06  ? 50  PHE A C   1 
ATOM   383 O  O   . PHE A 1 50 ? -12.498 -0.071  2.014   1.00 9.10  ? 50  PHE A O   1 
ATOM   384 C  CB  . PHE A 1 50 ? -9.606  0.001   2.575   1.00 7.87  ? 50  PHE A CB  1 
ATOM   385 C  CG  . PHE A 1 50 ? -8.467  0.140   3.544   1.00 6.83  ? 50  PHE A CG  1 
ATOM   386 C  CD1 . PHE A 1 50 ? -8.682  0.679   4.828   1.00 8.66  ? 50  PHE A CD1 1 
ATOM   387 C  CD2 . PHE A 1 50 ? -7.217  -0.368  3.222   1.00 7.60  ? 50  PHE A CD2 1 
ATOM   388 C  CE1 . PHE A 1 50 ? -7.621  0.748   5.732   1.00 9.10  ? 50  PHE A CE1 1 
ATOM   389 C  CE2 . PHE A 1 50 ? -6.156  -0.288  4.122   1.00 8.77  ? 50  PHE A CE2 1 
ATOM   390 C  CZ  . PHE A 1 50 ? -6.364  0.276   5.385   1.00 8.98  ? 50  PHE A CZ  1 
ATOM   391 N  N   . ASP A 1 51 ? -12.200 -2.302  1.623   1.00 7.75  ? 51  ASP A N   1 
ATOM   392 C  CA  . ASP A 1 51 ? -13.442 -2.483  0.892   1.00 9.06  ? 51  ASP A CA  1 
ATOM   393 C  C   . ASP A 1 51 ? -13.642 -1.446  -0.214  1.00 9.65  ? 51  ASP A C   1 
ATOM   394 O  O   . ASP A 1 51 ? -14.647 -0.713  -0.246  1.00 10.97 ? 51  ASP A O   1 
ATOM   395 C  CB  . ASP A 1 51 ? -14.637 -2.502  1.845   1.00 10.89 ? 51  ASP A CB  1 
ATOM   396 C  CG  . ASP A 1 51 ? -15.878 -2.945  1.168   1.00 12.60 ? 51  ASP A CG  1 
ATOM   397 O  OD1 . ASP A 1 51 ? -15.750 -3.725  0.194   1.00 12.80 ? 51  ASP A OD1 1 
ATOM   398 O  OD2 . ASP A 1 51 ? -17.017 -2.558  1.530   1.00 16.60 ? 51  ASP A OD2 1 
ATOM   399 N  N   . THR A 1 52 ? -12.681 -1.385  -1.131  1.00 10.20 ? 52  THR A N   1 
ATOM   400 C  CA  . THR A 1 52 ? -12.686 -0.359  -2.159  1.00 11.11 ? 52  THR A CA  1 
ATOM   401 C  C   . THR A 1 52 ? -12.105 -0.911  -3.437  1.00 10.16 ? 52  THR A C   1 
ATOM   402 O  O   . THR A 1 52 ? -11.257 -1.791  -3.399  1.00 12.60 ? 52  THR A O   1 
ATOM   403 C  CB  . THR A 1 52 ? -11.947 0.888   -1.633  1.00 12.25 ? 52  THR A CB  1 
ATOM   404 O  OG1 . THR A 1 52 ? -12.185 2.010   -2.513  1.00 17.43 ? 52  THR A OG1 1 
ATOM   405 C  CG2 . THR A 1 52 ? -10.461 0.691   -1.622  1.00 13.37 ? 52  THR A CG2 1 
ATOM   406 N  N   . GLU A 1 53 ? -12.575 -0.441  -4.579  1.00 9.91  ? 53  GLU A N   1 
ATOM   407 C  CA  . GLU A 1 53 ? -12.019 -0.855  -5.864  1.00 10.23 ? 53  GLU A CA  1 
ATOM   408 C  C   . GLU A 1 53 ? -11.073 0.209   -6.383  1.00 10.61 ? 53  GLU A C   1 
ATOM   409 O  O   . GLU A 1 53 ? -11.525 1.334   -6.596  1.00 12.62 ? 53  GLU A O   1 
ATOM   410 C  CB  . GLU A 1 53 ? -13.161 -1.065  -6.879  1.00 12.50 ? 53  GLU A CB  1 
ATOM   411 C  CG  . GLU A 1 53 ? -14.002 -2.295  -6.611  1.00 14.73 ? 53  GLU A CG  1 
ATOM   412 C  CD  . GLU A 1 53 ? -13.288 -3.603  -6.888  1.00 15.96 ? 53  GLU A CD  1 
ATOM   413 O  OE1 . GLU A 1 53 ? -12.085 -3.582  -7.254  1.00 15.44 ? 53  GLU A OE1 1 
ATOM   414 O  OE2 . GLU A 1 53 ? -13.937 -4.678  -6.730  1.00 19.52 ? 53  GLU A OE2 1 
ATOM   415 N  N   . ILE A 1 54 ? -9.812  -0.142  -6.657  1.00 8.83  ? 54  ILE A N   1 
ATOM   416 C  CA  . ILE A 1 54 ? -8.774  0.798   -7.059  1.00 9.24  ? 54  ILE A CA  1 
ATOM   417 C  C   . ILE A 1 54 ? -8.576  0.681   -8.555  1.00 9.04  ? 54  ILE A C   1 
ATOM   418 O  O   . ILE A 1 54 ? -8.084  -0.344  -9.041  1.00 10.46 ? 54  ILE A O   1 
ATOM   419 C  CB  . ILE A 1 54 ? -7.464  0.504   -6.296  1.00 9.08  ? 54  ILE A CB  1 
ATOM   420 C  CG1 . ILE A 1 54 ? -7.700  0.501   -4.767  1.00 9.66  ? 54  ILE A CG1 1 
ATOM   421 C  CG2 . ILE A 1 54 ? -6.375  1.469   -6.747  1.00 9.86  ? 54  ILE A CG2 1 
ATOM   422 C  CD1 . ILE A 1 54 ? -6.484  0.164   -3.916  1.00 12.12 ? 54  ILE A CD1 1 
ATOM   423 N  N   . PRO A 1 55 ? -8.966  1.690   -9.329  1.00 8.74  ? 55  PRO A N   1 
ATOM   424 C  CA  . PRO A 1 55 ? -8.782  1.623   -10.781 1.00 9.85  ? 55  PRO A CA  1 
ATOM   425 C  C   . PRO A 1 55 ? -7.309  1.605   -11.137 1.00 8.47  ? 55  PRO A C   1 
ATOM   426 O  O   . PRO A 1 55 ? -6.498  2.231   -10.439 1.00 7.55  ? 55  PRO A O   1 
ATOM   427 C  CB  . PRO A 1 55 ? -9.416  2.917   -11.280 1.00 11.20 ? 55  PRO A CB  1 
ATOM   428 C  CG  . PRO A 1 55 ? -10.317 3.421   -10.148 1.00 13.68 ? 55  PRO A CG  1 
ATOM   429 C  CD  . PRO A 1 55 ? -9.618  2.949   -8.904  1.00 10.57 ? 55  PRO A CD  1 
ATOM   430 N  N   A ASP A 1 56 ? -6.986  0.939   -12.244 0.60 8.97  ? 56  ASP A N   1 
ATOM   431 N  N   B ASP A 1 56 ? -6.928  0.888   -12.191 0.40 8.71  ? 56  ASP A N   1 
ATOM   432 C  CA  A ASP A 1 56 ? -5.620  0.854   -12.709 0.60 8.83  ? 56  ASP A CA  1 
ATOM   433 C  CA  B ASP A 1 56 ? -5.509  0.805   -12.501 0.40 8.57  ? 56  ASP A CA  1 
ATOM   434 C  C   A ASP A 1 56 ? -4.918  2.202   -12.809 0.60 8.83  ? 56  ASP A C   1 
ATOM   435 C  C   B ASP A 1 56 ? -4.863  2.176   -12.878 0.40 9.12  ? 56  ASP A C   1 
ATOM   436 O  O   A ASP A 1 56 ? -3.752  2.363   -12.431 0.60 8.58  ? 56  ASP A O   1 
ATOM   437 O  O   B ASP A 1 56 ? -3.657  2.338   -12.695 0.40 9.17  ? 56  ASP A O   1 
ATOM   438 C  CB  A ASP A 1 56 ? -5.568  0.187   -14.075 0.60 9.79  ? 56  ASP A CB  1 
ATOM   439 C  CB  B ASP A 1 56 ? -5.201  -0.324  -13.511 0.40 8.18  ? 56  ASP A CB  1 
ATOM   440 C  CG  A ASP A 1 56 ? -4.183  -0.131  -14.468 0.60 10.11 ? 56  ASP A CG  1 
ATOM   441 C  CG  B ASP A 1 56 ? -5.022  -1.705  -12.848 0.40 8.38  ? 56  ASP A CG  1 
ATOM   442 O  OD1 A ASP A 1 56 ? -3.632  -1.095  -13.889 0.60 10.97 ? 56  ASP A OD1 1 
ATOM   443 O  OD1 B ASP A 1 56 ? -4.397  -1.772  -11.767 0.40 10.02 ? 56  ASP A OD1 1 
ATOM   444 O  OD2 A ASP A 1 56 ? -3.562  0.574   -15.308 0.60 12.03 ? 56  ASP A OD2 1 
ATOM   445 O  OD2 B ASP A 1 56 ? -5.465  -2.771  -13.354 0.40 9.40  ? 56  ASP A OD2 1 
ATOM   446 N  N   . GLU A 1 57 ? -5.635  3.170   -13.336 1.00 10.09 ? 57  GLU A N   1 
ATOM   447 C  CA  . GLU A 1 57 ? -5.051  4.476   -13.559 1.00 12.49 ? 57  GLU A CA  1 
ATOM   448 C  C   . GLU A 1 57 ? -4.486  5.050   -12.262 1.00 11.09 ? 57  GLU A C   1 
ATOM   449 O  O   . GLU A 1 57 ? -3.430  5.696   -12.284 1.00 12.72 ? 57  GLU A O   1 
ATOM   450 C  CB  . GLU A 1 57 ? -6.071  5.432   -14.176 1.00 16.05 ? 57  GLU A CB  1 
ATOM   451 C  CG  . GLU A 1 57 ? -5.473  6.740   -14.669 1.00 22.61 ? 57  GLU A CG  1 
ATOM   452 C  CD  . GLU A 1 57 ? -6.456  7.894   -14.664 1.00 29.45 ? 57  GLU A CD  1 
ATOM   453 O  OE1 . GLU A 1 57 ? -7.651  7.669   -14.976 1.00 31.77 ? 57  GLU A OE1 1 
ATOM   454 O  OE2 . GLU A 1 57 ? -6.026  9.035   -14.346 1.00 33.67 ? 57  GLU A OE2 1 
ATOM   455 N  N   . GLU A 1 58 ? -5.164  4.827   -11.144 1.00 8.52  ? 58  GLU A N   1 
ATOM   456 C  CA  . GLU A 1 58 ? -4.636  5.276   -9.871  1.00 8.15  ? 58  GLU A CA  1 
ATOM   457 C  C   . GLU A 1 58 ? -3.691  4.257   -9.254  1.00 7.63  ? 58  GLU A C   1 
ATOM   458 O  O   . GLU A 1 58 ? -2.700  4.656   -8.620  1.00 9.57  ? 58  GLU A O   1 
ATOM   459 C  CB  . GLU A 1 58 ? -5.767  5.610   -8.898  1.00 8.45  ? 58  GLU A CB  1 
ATOM   460 C  CG  . GLU A 1 58 ? -6.569  6.851   -9.324  1.00 10.59 ? 58  GLU A CG  1 
ATOM   461 C  CD  . GLU A 1 58 ? -7.627  7.264   -8.314  1.00 9.59  ? 58  GLU A CD  1 
ATOM   462 O  OE1 . GLU A 1 58 ? -7.338  7.967   -7.326  1.00 11.12 ? 58  GLU A OE1 1 
ATOM   463 O  OE2 . GLU A 1 58 ? -8.787  6.874   -8.523  1.00 10.57 ? 58  GLU A OE2 1 
ATOM   464 N  N   . ALA A 1 59 ? -3.953  2.952   -9.428  1.00 7.50  ? 59  ALA A N   1 
ATOM   465 C  CA  . ALA A 1 59 ? -3.081  1.936   -8.835  1.00 8.24  ? 59  ALA A CA  1 
ATOM   466 C  C   . ALA A 1 59 ? -1.654  2.074   -9.325  1.00 9.09  ? 59  ALA A C   1 
ATOM   467 O  O   . ALA A 1 59 ? -0.716  1.841   -8.566  1.00 9.63  ? 59  ALA A O   1 
ATOM   468 C  CB  . ALA A 1 59 ? -3.581  0.565   -9.140  1.00 8.49  ? 59  ALA A CB  1 
ATOM   469 N  N   . GLU A 1 60 ? -1.486  2.432   -10.595 1.00 10.26 ? 60  GLU A N   1 
ATOM   470 C  CA  . GLU A 1 60 ? -0.149  2.525   -11.159 1.00 12.14 ? 60  GLU A CA  1 
ATOM   471 C  C   . GLU A 1 60 ? 0.701   3.589   -10.501 1.00 12.20 ? 60  GLU A C   1 
ATOM   472 O  O   . GLU A 1 60 ? 1.940   3.547   -10.585 1.00 14.61 ? 60  GLU A O   1 
ATOM   473 C  CB  . GLU A 1 60 ? -0.222  2.759   -12.668 1.00 13.59 ? 60  GLU A CB  1 
ATOM   474 C  CG  . GLU A 1 60 ? -0.655  1.513   -13.407 1.00 15.98 ? 60  GLU A CG  1 
ATOM   475 C  CD  . GLU A 1 60 ? 0.380   0.418   -13.295 1.00 20.55 ? 60  GLU A CD  1 
ATOM   476 O  OE1 . GLU A 1 60 ? 0.046   -0.772  -13.511 1.00 22.53 ? 60  GLU A OE1 1 
ATOM   477 O  OE2 . GLU A 1 60 ? 1.554   0.752   -12.983 1.00 23.07 ? 60  GLU A OE2 1 
ATOM   478 N  N   . LYS A 1 61 ? 0.080   4.572   -9.893  1.00 12.08 ? 61  LYS A N   1 
ATOM   479 C  CA  . LYS A 1 61 ? 0.833   5.630   -9.233  1.00 13.09 ? 61  LYS A CA  1 
ATOM   480 C  C   . LYS A 1 61 ? 1.082   5.326   -7.765  1.00 10.88 ? 61  LYS A C   1 
ATOM   481 O  O   . LYS A 1 61 ? 1.753   6.123   -7.094  1.00 13.69 ? 61  LYS A O   1 
ATOM   482 C  CB  . LYS A 1 61 ? 0.068   6.954   -9.399  1.00 15.76 ? 61  LYS A CB  1 
ATOM   483 C  CG  . LYS A 1 61 ? -0.062  7.447   -10.849 1.00 20.22 ? 61  LYS A CG  1 
ATOM   484 C  CD  . LYS A 1 61 ? 0.850   6.686   -11.824 1.00 26.18 ? 61  LYS A CD  1 
ATOM   485 C  CE  . LYS A 1 61 ? 1.778   7.612   -12.621 1.00 28.93 ? 61  LYS A CE  1 
ATOM   486 N  NZ  . LYS A 1 61 ? 2.808   6.848   -13.407 1.00 29.79 ? 61  LYS A NZ  1 
ATOM   487 N  N   . ILE A 1 62 ? 0.584   4.195   -7.258  1.00 9.43  ? 62  ILE A N   1 
ATOM   488 C  CA  . ILE A 1 62 ? 0.781   3.878   -5.850  1.00 8.32  ? 62  ILE A CA  1 
ATOM   489 C  C   . ILE A 1 62 ? 2.087   3.120   -5.730  1.00 7.33  ? 62  ILE A C   1 
ATOM   490 O  O   . ILE A 1 62 ? 2.119   1.891   -5.858  1.00 8.36  ? 62  ILE A O   1 
ATOM   491 C  CB  . ILE A 1 62 ? -0.410  3.065   -5.293  1.00 8.00  ? 62  ILE A CB  1 
ATOM   492 C  CG1 . ILE A 1 62 ? -1.700  3.846   -5.450  1.00 10.10 ? 62  ILE A CG1 1 
ATOM   493 C  CG2 . ILE A 1 62 ? -0.154  2.782   -3.792  1.00 9.26  ? 62  ILE A CG2 1 
ATOM   494 C  CD1 . ILE A 1 62 ? -2.940  3.067   -4.971  1.00 10.07 ? 62  ILE A CD1 1 
ATOM   495 N  N   . THR A 1 63 ? 3.177   3.846   -5.465  1.00 7.04  ? 63  THR A N   1 
ATOM   496 C  CA  . THR A 1 63 ? 4.508   3.232   -5.453  1.00 6.65  ? 63  THR A CA  1 
ATOM   497 C  C   . THR A 1 63 ? 5.233   3.446   -4.142  1.00 5.97  ? 63  THR A C   1 
ATOM   498 O  O   . THR A 1 63 ? 6.291   2.843   -3.916  1.00 5.89  ? 63  THR A O   1 
ATOM   499 C  CB  . THR A 1 63 ? 5.402   3.760   -6.598  1.00 8.34  ? 63  THR A CB  1 
ATOM   500 O  OG1 . THR A 1 63 ? 5.717   5.156   -6.397  1.00 9.93  ? 63  THR A OG1 1 
ATOM   501 C  CG2 . THR A 1 63 ? 4.684   3.655   -7.952  1.00 10.38 ? 63  THR A CG2 1 
ATOM   502 N  N   . THR A 1 64 ? 4.656   4.263   -3.244  1.00 5.88  ? 64  THR A N   1 
ATOM   503 C  CA  . THR A 1 64 ? 5.213   4.555   -1.930  1.00 6.29  ? 64  THR A CA  1 
ATOM   504 C  C   . THR A 1 64 ? 4.146   4.323   -0.871  1.00 5.52  ? 64  THR A C   1 
ATOM   505 O  O   . THR A 1 64 ? 2.930   4.323   -1.149  1.00 5.87  ? 64  THR A O   1 
ATOM   506 C  CB  . THR A 1 64 ? 5.693   6.008   -1.801  1.00 6.52  ? 64  THR A CB  1 
ATOM   507 O  OG1 . THR A 1 64 ? 4.547   6.862   -1.991  1.00 7.65  ? 64  THR A OG1 1 
ATOM   508 C  CG2 . THR A 1 64 ? 6.783   6.340   -2.831  1.00 8.64  ? 64  THR A CG2 1 
ATOM   509 N  N   . VAL A 1 65 ? 4.604   4.219   0.368   1.00 6.03  ? 65  VAL A N   1 
ATOM   510 C  CA  . VAL A 1 65 ? 3.717   4.115   1.525   1.00 5.97  ? 65  VAL A CA  1 
ATOM   511 C  C   . VAL A 1 65 ? 2.738   5.291   1.542   1.00 5.25  ? 65  VAL A C   1 
ATOM   512 O  O   . VAL A 1 65 ? 1.523   5.100   1.675   1.00 6.10  ? 65  VAL A O   1 
ATOM   513 C  CB  . VAL A 1 65 ? 4.545   3.985   2.802   1.00 5.75  ? 65  VAL A CB  1 
ATOM   514 C  CG1 . VAL A 1 65 ? 3.690   4.027   4.039   1.00 6.42  ? 65  VAL A CG1 1 
ATOM   515 C  CG2 . VAL A 1 65 ? 5.423   2.720   2.765   1.00 6.46  ? 65  VAL A CG2 1 
ATOM   516 N  N   . GLN A 1 66 ? 3.252   6.519   1.391   1.00 6.25  ? 66  GLN A N   1 
ATOM   517 C  CA  . GLN A 1 66 ? 2.388   7.703   1.447   1.00 6.53  ? 66  GLN A CA  1 
ATOM   518 C  C   . GLN A 1 66 ? 1.330   7.665   0.353   1.00 5.98  ? 66  GLN A C   1 
ATOM   519 O  O   . GLN A 1 66 ? 0.197   8.064   0.590   1.00 6.54  ? 66  GLN A O   1 
ATOM   520 C  CB  . GLN A 1 66 ? 3.201   8.994   1.346   1.00 7.11  ? 66  GLN A CB  1 
ATOM   521 C  CG  . GLN A 1 66 ? 2.342   10.256  1.662   1.00 9.10  ? 66  GLN A CG  1 
ATOM   522 C  CD  . GLN A 1 66 ? 1.860   10.230  3.098   1.00 8.92  ? 66  GLN A CD  1 
ATOM   523 O  OE1 . GLN A 1 66 ? 0.621   10.210  3.395   1.00 11.49 ? 66  GLN A OE1 1 
ATOM   524 N  NE2 . GLN A 1 66 ? 2.803   10.246  4.003   1.00 8.69  ? 66  GLN A NE2 1 
ATOM   525 N  N   . ALA A 1 67 ? 1.691   7.230   -0.856  1.00 6.04  ? 67  ALA A N   1 
ATOM   526 C  CA  . ALA A 1 67 ? 0.698   7.182   -1.925  1.00 6.43  ? 67  ALA A CA  1 
ATOM   527 C  C   . ALA A 1 67 ? -0.446  6.230   -1.578  1.00 6.20  ? 67  ALA A C   1 
ATOM   528 O  O   . ALA A 1 67 ? -1.607  6.479   -1.915  1.00 6.36  ? 67  ALA A O   1 
ATOM   529 C  CB  . ALA A 1 67 ? 1.351   6.742   -3.223  1.00 7.22  ? 67  ALA A CB  1 
ATOM   530 N  N   . ALA A 1 68 ? -0.125  5.120   -0.934  1.00 5.75  ? 68  ALA A N   1 
ATOM   531 C  CA  . ALA A 1 68 ? -1.175  4.167   -0.509  1.00 6.13  ? 68  ALA A CA  1 
ATOM   532 C  C   . ALA A 1 68 ? -2.055  4.787   0.577   1.00 5.76  ? 68  ALA A C   1 
ATOM   533 O  O   . ALA A 1 68 ? -3.281  4.663   0.517   1.00 6.22  ? 68  ALA A O   1 
ATOM   534 C  CB  . ALA A 1 68 ? -0.536  2.878   -0.017  1.00 6.21  ? 68  ALA A CB  1 
ATOM   535 N  N   . ILE A 1 69 ? -1.428  5.422   1.569   1.00 5.54  ? 69  ILE A N   1 
ATOM   536 C  CA  . ILE A 1 69 ? -2.188  6.097   2.615   1.00 6.20  ? 69  ILE A CA  1 
ATOM   537 C  C   . ILE A 1 69 ? -3.126  7.151   1.990   1.00 6.00  ? 69  ILE A C   1 
ATOM   538 O  O   . ILE A 1 69 ? -4.307  7.216   2.322   1.00 6.57  ? 69  ILE A O   1 
ATOM   539 C  CB  . ILE A 1 69 ? -1.248  6.749   3.639   1.00 6.52  ? 69  ILE A CB  1 
ATOM   540 C  CG1 . ILE A 1 69 ? -0.435  5.703   4.407   1.00 6.45  ? 69  ILE A CG1 1 
ATOM   541 C  CG2 . ILE A 1 69 ? -2.069  7.636   4.586   1.00 8.83  ? 69  ILE A CG2 1 
ATOM   542 C  CD1 . ILE A 1 69 ? 0.737   6.293   5.159   1.00 8.36  ? 69  ILE A CD1 1 
ATOM   543 N  N   . ASP A 1 70 ? -2.583  7.966   1.087   1.00 6.78  ? 70  ASP A N   1 
ATOM   544 C  CA  . ASP A 1 70 ? -3.367  9.006   0.446   1.00 7.00  ? 70  ASP A CA  1 
ATOM   545 C  C   . ASP A 1 70 ? -4.531  8.427   -0.340  1.00 6.73  ? 70  ASP A C   1 
ATOM   546 O  O   . ASP A 1 70 ? -5.664  8.947   -0.280  1.00 7.20  ? 70  ASP A O   1 
ATOM   547 C  CB  . ASP A 1 70 ? -2.518  9.848   -0.482  1.00 8.02  ? 70  ASP A CB  1 
ATOM   548 C  CG  . ASP A 1 70 ? -1.528  10.722  0.209   1.00 10.41 ? 70  ASP A CG  1 
ATOM   549 O  OD1 . ASP A 1 70 ? -1.537  10.862  1.439   1.00 10.62 ? 70  ASP A OD1 1 
ATOM   550 O  OD2 . ASP A 1 70 ? -0.726  11.344  -0.495  1.00 13.78 ? 70  ASP A OD2 1 
ATOM   551 N  N   . TYR A 1 71 ? -4.308  7.340   -1.092  1.00 6.99  ? 71  TYR A N   1 
ATOM   552 C  CA  . TYR A 1 71 ? -5.407  6.754   -1.853  1.00 6.12  ? 71  TYR A CA  1 
ATOM   553 C  C   . TYR A 1 71 ? -6.514  6.329   -0.893  1.00 5.64  ? 71  TYR A C   1 
ATOM   554 O  O   . TYR A 1 71 ? -7.695  6.653   -1.084  1.00 5.91  ? 71  TYR A O   1 
ATOM   555 C  CB  . TYR A 1 71 ? -4.933  5.527   -2.692  1.00 6.94  ? 71  TYR A CB  1 
ATOM   556 C  CG  . TYR A 1 71 ? -6.091  4.999   -3.496  1.00 6.61  ? 71  TYR A CG  1 
ATOM   557 C  CD1 . TYR A 1 71 ? -6.240  5.404   -4.834  1.00 8.09  ? 71  TYR A CD1 1 
ATOM   558 C  CD2 . TYR A 1 71 ? -7.071  4.209   -2.923  1.00 7.80  ? 71  TYR A CD2 1 
ATOM   559 C  CE1 . TYR A 1 71 ? -7.345  5.049   -5.587  1.00 9.03  ? 71  TYR A CE1 1 
ATOM   560 C  CE2 . TYR A 1 71 ? -8.215  3.851   -3.654  1.00 8.35  ? 71  TYR A CE2 1 
ATOM   561 C  CZ  . TYR A 1 71 ? -8.346  4.284   -4.978  1.00 8.06  ? 71  TYR A CZ  1 
ATOM   562 O  OH  . TYR A 1 71 ? -9.442  3.980   -5.738  1.00 9.77  ? 71  TYR A OH  1 
ATOM   563 N  N   . ILE A 1 72 ? -6.160  5.576   0.151   1.00 6.17  ? 72  ILE A N   1 
ATOM   564 C  CA  . ILE A 1 72 ? -7.162  5.025   1.042   1.00 6.91  ? 72  ILE A CA  1 
ATOM   565 C  C   . ILE A 1 72 ? -7.887  6.114   1.823   1.00 6.48  ? 72  ILE A C   1 
ATOM   566 O  O   . ILE A 1 72 ? -9.124  6.102   1.932   1.00 7.19  ? 72  ILE A O   1 
ATOM   567 C  CB  . ILE A 1 72 ? -6.519  3.951   1.970   1.00 6.76  ? 72  ILE A CB  1 
ATOM   568 C  CG1 . ILE A 1 72 ? -5.990  2.768   1.145   1.00 7.99  ? 72  ILE A CG1 1 
ATOM   569 C  CG2 . ILE A 1 72 ? -7.502  3.525   3.056   1.00 8.28  ? 72  ILE A CG2 1 
ATOM   570 C  CD1 . ILE A 1 72 ? -7.058  1.969   0.410   1.00 7.66  ? 72  ILE A CD1 1 
ATOM   571 N  N   . ASN A 1 73 ? -7.130  7.097   2.333   1.00 6.96  ? 73  ASN A N   1 
ATOM   572 C  CA  . ASN A 1 73 ? -7.756  8.220   3.033   1.00 7.99  ? 73  ASN A CA  1 
ATOM   573 C  C   . ASN A 1 73 ? -8.708  8.982   2.126   1.00 7.14  ? 73  ASN A C   1 
ATOM   574 O  O   . ASN A 1 73 ? -9.706  9.523   2.591   1.00 9.82  ? 73  ASN A O   1 
ATOM   575 C  CB  . ASN A 1 73 ? -6.699  9.227   3.513   1.00 9.83  ? 73  ASN A CB  1 
ATOM   576 C  CG  . ASN A 1 73 ? -6.246  8.984   4.897   1.00 12.50 ? 73  ASN A CG  1 
ATOM   577 O  OD1 . ASN A 1 73 ? -6.970  8.432   5.727   1.00 16.22 ? 73  ASN A OD1 1 
ATOM   578 N  ND2 . ASN A 1 73 ? -5.036  9.427   5.178   1.00 15.11 ? 73  ASN A ND2 1 
ATOM   579 N  N   . GLY A 1 74 ? -8.376  9.086   0.846   1.00 6.51  ? 74  GLY A N   1 
ATOM   580 C  CA  . GLY A 1 74 ? -9.152  9.844   -0.115  1.00 6.88  ? 74  GLY A CA  1 
ATOM   581 C  C   . GLY A 1 74 ? -10.327 9.108   -0.704  1.00 6.05  ? 74  GLY A C   1 
ATOM   582 O  O   . GLY A 1 74 ? -11.103 9.719   -1.407  1.00 6.64  ? 74  GLY A O   1 
ATOM   583 N  N   . HIS A 1 75 ? -10.468 7.802   -0.444  1.00 6.35  ? 75  HIS A N   1 
ATOM   584 C  CA  . HIS A 1 75 ? -11.536 7.011   -1.034  1.00 6.88  ? 75  HIS A CA  1 
ATOM   585 C  C   . HIS A 1 75 ? -12.258 6.214   0.063   1.00 7.66  ? 75  HIS A C   1 
ATOM   586 O  O   . HIS A 1 75 ? -12.533 5.015   -0.100  1.00 9.59  ? 75  HIS A O   1 
ATOM   587 C  CB  . HIS A 1 75 ? -11.025 6.034   -2.112  1.00 6.61  ? 75  HIS A CB  1 
ATOM   588 C  CG  . HIS A 1 75 ? -10.451 6.668   -3.336  1.00 6.20  ? 75  HIS A CG  1 
ATOM   589 N  ND1 . HIS A 1 75 ? -9.170  7.156   -3.380  1.00 6.18  ? 75  HIS A ND1 1 
ATOM   590 C  CD2 . HIS A 1 75 ? -10.965 6.861   -4.574  1.00 6.56  ? 75  HIS A CD2 1 
ATOM   591 C  CE1 . HIS A 1 75 ? -8.912  7.594   -4.610  1.00 6.48  ? 75  HIS A CE1 1 
ATOM   592 N  NE2 . HIS A 1 75 ? -9.981  7.406   -5.366  1.00 6.73  ? 75  HIS A NE2 1 
ATOM   593 N  N   . GLN A 1 76 ? -12.565 6.833   1.190   1.00 8.97  ? 76  GLN A N   1 
ATOM   594 C  CA  . GLN A 1 76 ? -13.101 6.049   2.339   1.00 11.46 ? 76  GLN A CA  1 
ATOM   595 C  C   . GLN A 1 76 ? -14.444 5.421   1.998   1.00 12.61 ? 76  GLN A C   1 
ATOM   596 O  O   . GLN A 1 76 ? -15.362 6.138   1.499   1.00 13.72 ? 76  GLN A O   1 
ATOM   597 C  CB  . GLN A 1 76 ? -13.160 6.918   3.591   1.00 11.36 ? 76  GLN A CB  1 
ATOM   598 C  CG  . GLN A 1 76 ? -11.798 7.185   4.082   1.00 11.27 ? 76  GLN A CG  1 
ATOM   599 C  CD  . GLN A 1 76 ? -11.771 8.023   5.287   1.00 11.11 ? 76  GLN A CD  1 
ATOM   600 O  OE1 . GLN A 1 76 ? -12.510 7.759   6.249   1.00 13.89 ? 76  GLN A OE1 1 
ATOM   601 N  NE2 . GLN A 1 76 ? -10.891 9.014   5.306   1.00 12.11 ? 76  GLN A NE2 1 
ATOM   602 N  N   . ALA A 1 77 ? -14.550 4.101   2.271   1.00 15.28 ? 77  ALA A N   1 
ATOM   603 C  CA  . ALA A 1 77 ? -15.698 3.285   1.875   1.00 17.04 ? 77  ALA A CA  1 
ATOM   604 C  C   . ALA A 1 77 ? -16.970 3.673   2.625   1.00 18.91 ? 77  ALA A C   1 
ATOM   605 O  O   . ALA A 1 77 ? -16.892 4.192   3.738   1.00 19.72 ? 77  ALA A O   1 
ATOM   606 C  CB  . ALA A 1 77 ? -15.407 1.788   2.079   1.00 17.66 ? 77  ALA A CB  1 
ATOM   607 O  OXT . ALA A 1 77 ? -18.082 3.440   2.119   1.00 21.28 ? 77  ALA A OXT 1 
HETATM 608 ZN ZN  . ZN  B 2 .  ? 13.800  -5.563  5.900   1.00 6.64  ? 201 ZN  A ZN  1 
HETATM 609 ZN ZN  . ZN  C 2 .  ? -10.118 7.710   -7.379  1.00 7.45  ? 202 ZN  A ZN  1 
HETATM 610 ZN ZN  . ZN  D 2 .  ? -1.887  3.769   17.137  0.75 10.69 ? 203 ZN  A ZN  1 
HETATM 611 ZN ZN  . ZN  E 2 .  ? -2.245  -7.790  10.283  0.75 10.64 ? 204 ZN  A ZN  1 
HETATM 612 ZN ZN  . ZN  F 2 .  ? -12.195 -8.959  -3.633  0.70 10.79 ? 205 ZN  A ZN  1 
HETATM 613 ZN ZN  . ZN  G 2 .  ? -1.680  -1.575  -13.792 0.40 10.00 ? 206 ZN  A ZN  1 
HETATM 614 ZN ZN  . ZN  H 2 .  ? -3.706  -3.348  -10.938 0.50 12.10 ? 207 ZN  A ZN  1 
HETATM 615 ZN ZN  . ZN  I 2 .  ? 17.836  -1.014  -8.191  0.35 12.40 ? 208 ZN  A ZN  1 
HETATM 616 ZN ZN  . ZN  J 2 .  ? 1.901   -14.117 -5.832  0.40 15.21 ? 209 ZN  A ZN  1 
HETATM 617 ZN ZN  . ZN  K 2 .  ? 15.286  2.618   8.918   0.35 14.62 ? 210 ZN  A ZN  1 
HETATM 618 N  N1  . IMD L 3 .  ? 15.398  -5.286  2.091   1.00 9.87  ? 301 IMD A N1  1 
HETATM 619 C  C2  . IMD L 3 .  ? 15.290  -5.758  3.348   1.00 8.23  ? 301 IMD A C2  1 
HETATM 620 N  N3  . IMD L 3 .  ? 14.222  -5.285  3.966   1.00 6.80  ? 301 IMD A N3  1 
HETATM 621 C  C4  . IMD L 3 .  ? 13.616  -4.455  3.065   1.00 7.94  ? 301 IMD A C4  1 
HETATM 622 C  C5  . IMD L 3 .  ? 14.340  -4.459  1.902   1.00 9.37  ? 301 IMD A C5  1 
HETATM 623 N  N1  . IMD M 3 .  ? -4.879  -4.591  10.067  1.00 13.40 ? 302 IMD A N1  1 
HETATM 624 C  C2  . IMD M 3 .  ? -4.219  -5.600  10.685  1.00 13.91 ? 302 IMD A C2  1 
HETATM 625 N  N3  . IMD M 3 .  ? -3.358  -6.176  9.815   1.00 12.50 ? 302 IMD A N3  1 
HETATM 626 C  C4  . IMD M 3 .  ? -3.446  -5.479  8.645   1.00 12.89 ? 302 IMD A C4  1 
HETATM 627 C  C5  . IMD M 3 .  ? -4.400  -4.483  8.791   1.00 13.16 ? 302 IMD A C5  1 
HETATM 628 N  N1  . IMD N 3 .  ? -14.308 -5.423  -3.546  1.00 14.26 ? 303 IMD A N1  1 
HETATM 629 C  C2  . IMD N 3 .  ? -14.199 -6.754  -3.785  1.00 14.38 ? 303 IMD A C2  1 
HETATM 630 N  N3  . IMD N 3 .  ? -12.948 -7.151  -3.479  1.00 13.21 ? 303 IMD A N3  1 
HETATM 631 C  C4  . IMD N 3 .  ? -12.244 -6.048  -3.046  1.00 13.93 ? 303 IMD A C4  1 
HETATM 632 C  C5  . IMD N 3 .  ? -13.105 -4.975  -3.086  1.00 13.71 ? 303 IMD A C5  1 
HETATM 633 N  N1  . IMD O 3 .  ? -11.683 6.668   -7.997  1.00 10.19 ? 304 IMD A N1  1 
HETATM 634 C  C2  . IMD O 3 .  ? -12.420 6.981   -9.100  1.00 12.05 ? 304 IMD A C2  1 
HETATM 635 N  N3  . IMD O 3 .  ? -13.229 5.933   -9.388  1.00 14.88 ? 304 IMD A N3  1 
HETATM 636 C  C4  . IMD O 3 .  ? -12.962 4.945   -8.512  1.00 12.67 ? 304 IMD A C4  1 
HETATM 637 C  C5  . IMD O 3 .  ? -11.968 5.400   -7.657  1.00 12.29 ? 304 IMD A C5  1 
HETATM 638 N  N1  . IMD P 3 .  ? -6.987  -3.352  -8.444  1.00 16.54 ? 305 IMD A N1  1 
HETATM 639 C  C2  . IMD P 3 .  ? -6.200  -2.779  -9.377  1.00 16.31 ? 305 IMD A C2  1 
HETATM 640 N  N3  . IMD P 3 .  ? -5.220  -3.677  -9.657  1.00 16.90 ? 305 IMD A N3  1 
HETATM 641 C  C4  . IMD P 3 .  ? -5.363  -4.793  -8.886  1.00 17.64 ? 305 IMD A C4  1 
HETATM 642 C  C5  . IMD P 3 .  ? -6.494  -4.561  -8.108  1.00 17.74 ? 305 IMD A C5  1 
HETATM 643 N  N1  . IMD Q 3 .  ? -2.528  -6.352  -13.478 1.00 20.75 ? 306 IMD A N1  1 
HETATM 644 C  C2  . IMD Q 3 .  ? -2.439  -5.144  -12.866 1.00 23.28 ? 306 IMD A C2  1 
HETATM 645 N  N3  . IMD Q 3 .  ? -3.461  -5.045  -11.989 1.00 22.63 ? 306 IMD A N3  1 
HETATM 646 C  C4  . IMD Q 3 .  ? -4.202  -6.179  -12.044 1.00 19.91 ? 306 IMD A C4  1 
HETATM 647 C  C5  . IMD Q 3 .  ? -3.629  -6.983  -13.003 1.00 21.43 ? 306 IMD A C5  1 
HETATM 648 O  O   . HOH R 4 .  ? 7.761   1.084   -5.585  1.00 7.87  ? 307 HOH A O   1 
HETATM 649 O  O   . HOH R 4 .  ? 9.157   -7.068  -0.365  1.00 8.54  ? 308 HOH A O   1 
HETATM 650 O  O   . HOH R 4 .  ? 14.228  -7.703  -2.602  1.00 10.79 ? 309 HOH A O   1 
HETATM 651 O  O   . HOH R 4 .  ? 10.303  -3.073  13.195  1.00 11.14 ? 310 HOH A O   1 
HETATM 652 O  O   . HOH R 4 .  ? -6.092  11.698  -0.405  1.00 11.32 ? 311 HOH A O   1 
HETATM 653 O  O   . HOH R 4 .  ? -5.913  -7.655  2.706   1.00 12.79 ? 312 HOH A O   1 
HETATM 654 O  O   . HOH R 4 .  ? -4.605  7.970   9.580   1.00 13.97 ? 313 HOH A O   1 
HETATM 655 O  O   . HOH R 4 .  ? -12.218 2.503   2.941   1.00 13.37 ? 314 HOH A O   1 
HETATM 656 O  O   . HOH R 4 .  ? 6.273   -10.579 -0.045  1.00 14.45 ? 315 HOH A O   1 
HETATM 657 O  O   . HOH R 4 .  ? 2.274   -8.323  -1.813  1.00 12.56 ? 316 HOH A O   1 
HETATM 658 O  O   . HOH R 4 .  ? -0.101  10.218  6.323   1.00 16.22 ? 317 HOH A O   1 
HETATM 659 O  O   . HOH R 4 .  ? -10.483 3.666   1.228   1.00 14.06 ? 318 HOH A O   1 
HETATM 660 O  O   . HOH R 4 .  ? -1.666  7.356   12.408  1.00 16.17 ? 319 HOH A O   1 
HETATM 661 O  O   . HOH R 4 .  ? 12.938  -4.497  -5.110  1.00 15.71 ? 320 HOH A O   1 
HETATM 662 O  O   . HOH R 4 .  ? 9.428   9.186   -1.509  1.00 15.96 ? 321 HOH A O   1 
HETATM 663 O  O   . HOH R 4 .  ? 6.122   0.125   -7.676  1.00 15.11 ? 322 HOH A O   1 
HETATM 664 O  O   . HOH R 4 .  ? 1.155   0.141   11.520  1.00 14.77 ? 323 HOH A O   1 
HETATM 665 O  O   . HOH R 4 .  ? -7.026  -7.641  5.173   1.00 15.93 ? 324 HOH A O   1 
HETATM 666 O  O   . HOH R 4 .  ? -3.458  -9.985  -2.455  1.00 15.36 ? 325 HOH A O   1 
HETATM 667 O  O   . HOH R 4 .  ? -15.634 8.676   1.622   1.00 16.95 ? 326 HOH A O   1 
HETATM 668 O  O   . HOH R 4 .  ? 7.981   -5.715  12.418  1.00 15.55 ? 327 HOH A O   1 
HETATM 669 O  O   . HOH R 4 .  ? -1.628  -1.053  -15.879 1.00 17.35 ? 328 HOH A O   1 
HETATM 670 O  O   . HOH R 4 .  ? 5.429   -4.905  9.135   1.00 17.57 ? 329 HOH A O   1 
HETATM 671 O  O   . HOH R 4 .  ? -1.342  2.779   -17.215 1.00 19.03 ? 330 HOH A O   1 
HETATM 672 O  O   . HOH R 4 .  ? 3.427   -10.730 -2.471  1.00 17.75 ? 331 HOH A O   1 
HETATM 673 O  O   . HOH R 4 .  ? -3.513  11.073  3.420   1.00 15.85 ? 332 HOH A O   1 
HETATM 674 O  O   . HOH R 4 .  ? -15.161 1.030   -4.577  1.00 19.58 ? 333 HOH A O   1 
HETATM 675 O  O   . HOH R 4 .  ? -11.693 3.387   -4.602  1.00 17.22 ? 334 HOH A O   1 
HETATM 676 O  O   . HOH R 4 .  ? 1.025   11.338  9.567   1.00 15.94 ? 335 HOH A O   1 
HETATM 677 O  O   . HOH R 4 .  ? -10.417 -1.940  -9.345  1.00 19.31 ? 336 HOH A O   1 
HETATM 678 O  O   . HOH R 4 .  ? -7.803  7.230   10.478  1.00 19.92 ? 337 HOH A O   1 
HETATM 679 O  O   . HOH R 4 .  ? 0.845   -10.813 -8.649  1.00 17.23 ? 338 HOH A O   1 
HETATM 680 O  O   . HOH R 4 .  ? -17.037 6.159   -0.918  1.00 19.52 ? 339 HOH A O   1 
HETATM 681 O  O   . HOH R 4 .  ? 16.666  -3.131  6.309   1.00 20.98 ? 340 HOH A O   1 
HETATM 682 O  O   . HOH R 4 .  ? -3.117  -8.425  3.311   1.00 18.61 ? 341 HOH A O   1 
HETATM 683 O  O   . HOH R 4 .  ? -4.770  8.475   -6.715  1.00 20.52 ? 342 HOH A O   1 
HETATM 684 O  O   . HOH R 4 .  ? -1.128  -3.378  -14.148 1.00 20.74 ? 343 HOH A O   1 
HETATM 685 O  O   . HOH R 4 .  ? 6.086   -2.455  -8.771  1.00 16.99 ? 344 HOH A O   1 
HETATM 686 O  O   . HOH R 4 .  ? -9.238  1.591   14.258  1.00 17.58 ? 345 HOH A O   1 
HETATM 687 O  O   . HOH R 4 .  ? 3.397   -0.190  -7.051  1.00 22.52 ? 346 HOH A O   1 
HETATM 688 O  O   . HOH R 4 .  ? -11.911 0.348   -10.300 1.00 24.65 ? 347 HOH A O   1 
HETATM 689 O  O   . HOH R 4 .  ? 1.622   4.803   12.002  1.00 26.68 ? 348 HOH A O   1 
HETATM 690 O  O   . HOH R 4 .  ? -16.534 -4.937  -7.369  1.00 20.44 ? 349 HOH A O   1 
HETATM 691 O  O   . HOH R 4 .  ? -6.054  -9.805  -1.665  1.00 22.07 ? 350 HOH A O   1 
HETATM 692 O  O   . HOH R 4 .  ? 12.615  1.912   4.372   1.00 19.65 ? 351 HOH A O   1 
HETATM 693 O  O   . HOH R 4 .  ? -8.400  -7.094  -5.846  1.00 26.29 ? 352 HOH A O   1 
HETATM 694 O  O   . HOH R 4 .  ? -17.268 7.310   3.878   1.00 22.37 ? 353 HOH A O   1 
HETATM 695 O  O   . HOH R 4 .  ? -9.186  2.711   10.941  1.00 19.90 ? 354 HOH A O   1 
HETATM 696 O  O   . HOH R 4 .  ? -2.702  2.220   17.661  1.00 19.02 ? 355 HOH A O   1 
HETATM 697 O  O   . HOH R 4 .  ? 5.065   11.729  3.578   1.00 20.71 ? 356 HOH A O   1 
HETATM 698 O  O   . HOH R 4 .  ? 11.791  4.059   11.057  1.00 24.06 ? 357 HOH A O   1 
HETATM 699 O  O   . HOH R 4 .  ? -4.099  2.855   -16.829 1.00 25.60 ? 358 HOH A O   1 
HETATM 700 O  O   . HOH R 4 .  ? 2.274   2.604   12.372  1.00 21.82 ? 359 HOH A O   1 
HETATM 701 O  O   . HOH R 4 .  ? -3.258  -9.555  9.801   1.00 20.35 ? 360 HOH A O   1 
HETATM 702 O  O   . HOH R 4 .  ? -0.990  -2.256  -11.317 0.50 16.35 ? 361 HOH A O   1 
HETATM 703 O  O   . HOH R 4 .  ? -1.713  6.160   -14.395 1.00 24.67 ? 362 HOH A O   1 
HETATM 704 O  O   . HOH R 4 .  ? 16.347  1.931   9.447   1.00 18.23 ? 363 HOH A O   1 
HETATM 705 O  O   . HOH R 4 .  ? -15.867 1.636   -1.720  1.00 25.71 ? 364 HOH A O   1 
HETATM 706 O  O   . HOH R 4 .  ? -3.285  9.545   7.543   1.00 21.06 ? 365 HOH A O   1 
HETATM 707 O  O   . HOH R 4 .  ? -6.936  9.009   8.182   1.00 23.57 ? 366 HOH A O   1 
HETATM 708 O  O   . HOH R 4 .  ? 14.614  -2.434  -1.530  1.00 23.52 ? 367 HOH A O   1 
HETATM 709 O  O   . HOH R 4 .  ? 14.336  -0.215  3.926   1.00 25.09 ? 368 HOH A O   1 
HETATM 710 O  O   . HOH R 4 .  ? -2.990  9.372   11.456  1.00 26.86 ? 369 HOH A O   1 
HETATM 711 O  O   . HOH R 4 .  ? 13.466  2.930   7.935   1.00 23.03 ? 370 HOH A O   1 
HETATM 712 O  O   . HOH R 4 .  ? -2.427  -9.087  5.787   1.00 21.01 ? 371 HOH A O   1 
HETATM 713 O  O   . HOH R 4 .  ? 10.430  -4.678  -8.701  1.00 23.10 ? 372 HOH A O   1 
HETATM 714 O  O   . HOH R 4 .  ? -4.995  -8.926  6.757   1.00 23.97 ? 373 HOH A O   1 
HETATM 715 O  O   . HOH R 4 .  ? 7.022   1.586   -9.740  1.00 22.97 ? 374 HOH A O   1 
HETATM 716 O  O   . HOH R 4 .  ? 2.702   -11.729 0.402   1.00 26.22 ? 375 HOH A O   1 
HETATM 717 O  O   . HOH R 4 .  ? 3.055   -4.355  -10.710 1.00 24.84 ? 376 HOH A O   1 
HETATM 718 O  O   . HOH R 4 .  ? -4.697  0.621   17.369  1.00 20.18 ? 377 HOH A O   1 
HETATM 719 O  O   . HOH R 4 .  ? 1.328   -15.016 -8.005  1.00 21.49 ? 378 HOH A O   1 
HETATM 720 O  O   . HOH R 4 .  ? 4.436   -11.184 6.212   1.00 24.96 ? 379 HOH A O   1 
HETATM 721 O  O   . HOH R 4 .  ? 17.363  -0.380  -9.787  1.00 11.80 ? 380 HOH A O   1 
HETATM 722 O  O   . HOH R 4 .  ? 4.187   -2.440  9.014   1.00 15.83 ? 381 HOH A O   1 
HETATM 723 O  O   . HOH R 4 .  ? 3.680   -0.578  10.521  1.00 24.83 ? 382 HOH A O   1 
HETATM 724 O  O   . HOH R 4 .  ? -9.270  6.645   -11.277 1.00 27.51 ? 383 HOH A O   1 
HETATM 725 O  O   . HOH R 4 .  ? -3.151  6.709   -6.472  1.00 17.64 ? 384 HOH A O   1 
HETATM 726 O  O   . HOH R 4 .  ? 2.094   12.231  6.910   1.00 28.76 ? 385 HOH A O   1 
HETATM 727 O  O   . HOH R 4 .  ? -11.504 -9.075  -5.470  1.00 20.47 ? 386 HOH A O   1 
HETATM 728 O  O   A HOH R 4 .  ? 8.822   9.375   5.816   0.50 26.44 ? 387 HOH A O   1 
HETATM 729 O  O   B HOH R 4 .  ? 10.122  8.167   4.885   0.50 24.10 ? 387 HOH A O   1 
HETATM 730 O  O   B HOH R 4 .  ? 9.097   -7.911  -10.966 1.00 17.53 ? 388 HOH A O   1 
HETATM 731 O  O   . HOH R 4 .  ? -2.051  -2.938  -9.651  1.00 19.14 ? 389 HOH A O   1 
HETATM 732 O  O   . HOH R 4 .  ? 18.126  -2.334  -9.555  1.00 24.87 ? 390 HOH A O   1 
HETATM 733 O  O   . HOH R 4 .  ? 17.816  3.196   -8.372  1.00 20.08 ? 391 HOH A O   1 
HETATM 734 O  O   . HOH R 4 .  ? 15.639  -0.856  -8.947  1.00 20.76 ? 392 HOH A O   1 
HETATM 735 O  O   . HOH R 4 .  ? 10.264  -6.614  -10.054 1.00 31.91 ? 393 HOH A O   1 
HETATM 736 O  O   . HOH R 4 .  ? 8.444   -3.454  -9.859  1.00 27.49 ? 394 HOH A O   1 
HETATM 737 O  O   . HOH R 4 .  ? 0.093   -13.062 -7.836  1.00 15.23 ? 395 HOH A O   1 
HETATM 738 O  O   . HOH R 4 .  ? -8.074  -7.339  -8.685  1.00 27.37 ? 396 HOH A O   1 
HETATM 739 O  O   . HOH R 4 .  ? -13.685 -6.036  2.694   1.00 26.09 ? 397 HOH A O   1 
HETATM 740 O  O   . HOH R 4 .  ? -13.706 5.311   6.698   1.00 30.22 ? 398 HOH A O   1 
HETATM 741 O  O   . HOH R 4 .  ? -19.250 -1.568  -0.071  1.00 29.97 ? 399 HOH A O   1 
HETATM 742 O  O   . HOH R 4 .  ? 17.025  1.865   -0.515  1.00 31.40 ? 400 HOH A O   1 
HETATM 743 O  O   . HOH R 4 .  ? -10.807 -0.322  14.915  1.00 29.25 ? 401 HOH A O   1 
HETATM 744 O  O   . HOH R 4 .  ? -14.351 3.321   -1.326  1.00 24.43 ? 402 HOH A O   1 
HETATM 745 O  O   . HOH R 4 .  ? 1.437   0.166   -7.957  1.00 25.82 ? 403 HOH A O   1 
HETATM 746 O  O   . HOH R 4 .  ? 0.182   13.197  0.199   1.00 19.39 ? 404 HOH A O   1 
HETATM 747 O  O   A HOH R 4 .  ? 2.783   -0.793  -11.943 0.50 8.74  ? 405 HOH A O   1 
HETATM 748 O  O   B HOH R 4 .  ? 2.796   -0.714  -13.537 0.50 12.39 ? 405 HOH A O   1 
HETATM 749 O  O   A HOH R 4 .  ? 17.467  1.020   -8.017  0.50 14.16 ? 406 HOH A O   1 
HETATM 750 O  O   B HOH R 4 .  ? 16.854  -0.284  -7.387  0.50 11.19 ? 406 HOH A O   1 
# 
loop_
_atom_site_anisotrop.id 
_atom_site_anisotrop.type_symbol 
_atom_site_anisotrop.pdbx_label_atom_id 
_atom_site_anisotrop.pdbx_label_alt_id 
_atom_site_anisotrop.pdbx_label_comp_id 
_atom_site_anisotrop.pdbx_label_asym_id 
_atom_site_anisotrop.pdbx_label_seq_id 
_atom_site_anisotrop.pdbx_PDB_ins_code 
_atom_site_anisotrop.U[1][1] 
_atom_site_anisotrop.U[2][2] 
_atom_site_anisotrop.U[3][3] 
_atom_site_anisotrop.U[1][2] 
_atom_site_anisotrop.U[1][3] 
_atom_site_anisotrop.U[2][3] 
_atom_site_anisotrop.pdbx_auth_seq_id 
_atom_site_anisotrop.pdbx_auth_comp_id 
_atom_site_anisotrop.pdbx_auth_asym_id 
_atom_site_anisotrop.pdbx_auth_atom_id 
1   N  N   . SER A 1  ? 0.2272 0.2289 0.2064 0.0058  0.0223  0.0231  1   SER A N   
2   C  CA  . SER A 1  ? 0.2095 0.1992 0.1817 0.0025  0.0086  0.0181  1   SER A CA  
3   C  C   . SER A 1  ? 0.1696 0.1928 0.1687 0.0016  0.0143  0.0159  1   SER A C   
4   O  O   . SER A 1  ? 0.1798 0.2163 0.2000 -0.0144 0.0025  0.0269  1   SER A O   
5   C  CB  . SER A 1  ? 0.2059 0.2112 0.2001 0.0076  0.0089  0.0083  1   SER A CB  
6   O  OG  . SER A 1  ? 0.2873 0.2287 0.2455 0.0211  0.0021  0.0005  1   SER A OG  
7   N  N   . THR A 2  ? 0.1427 0.1549 0.1156 0.0044  0.0219  -0.0090 2   THR A N   
8   C  CA  . THR A 2  ? 0.1226 0.1377 0.1118 0.0066  0.0129  -0.0093 2   THR A CA  
9   C  C   . THR A 2  ? 0.1080 0.1189 0.1055 0.0050  0.0074  -0.0155 2   THR A C   
10  O  O   . THR A 2  ? 0.1138 0.1145 0.1065 0.0073  0.0142  -0.0113 2   THR A O   
11  C  CB  . THR A 2  ? 0.1290 0.1387 0.1178 0.0109  0.0132  -0.0266 2   THR A CB  
12  O  OG1 . THR A 2  ? 0.1187 0.1387 0.1239 0.0145  -0.0038 -0.0259 2   THR A OG1 
13  C  CG2 . THR A 2  ? 0.1793 0.1540 0.1348 0.0096  0.0267  -0.0447 2   THR A CG2 
14  N  N   . ILE A 3  ? 0.1094 0.1248 0.1113 0.0173  0.0089  -0.0227 3   ILE A N   
15  C  CA  . ILE A 3  ? 0.1139 0.1280 0.1162 0.0153  -0.0055 -0.0130 3   ILE A CA  
16  C  C   . ILE A 3  ? 0.1114 0.1150 0.0964 0.0176  -0.0053 -0.0046 3   ILE A C   
17  O  O   . ILE A 3  ? 0.1260 0.1193 0.0959 0.0350  -0.0041 -0.0153 3   ILE A O   
18  C  CB  . ILE A 3  ? 0.1242 0.1379 0.1310 0.0246  -0.0119 -0.0001 3   ILE A CB  
19  C  CG1 . ILE A 3  ? 0.1364 0.1980 0.1876 0.0266  -0.0226 0.0098  3   ILE A CG1 
20  C  CG2 . ILE A 3  ? 0.1650 0.1384 0.1168 0.0264  -0.0180 -0.0063 3   ILE A CG2 
21  C  CD1 . ILE A 3  ? 0.2016 0.2009 0.2160 0.0182  -0.0204 0.0180  3   ILE A CD1 
22  N  N   . GLU A 4  ? 0.1179 0.1260 0.1020 0.0171  0.0004  -0.0130 4   GLU A N   
23  C  CA  . GLU A 4  ? 0.1124 0.1346 0.1104 0.0052  0.0123  -0.0072 4   GLU A CA  
24  C  C   . GLU A 4  ? 0.0953 0.1166 0.0897 0.0043  0.0129  -0.0187 4   GLU A C   
25  O  O   . GLU A 4  ? 0.1054 0.1124 0.1000 0.0135  0.0201  -0.0157 4   GLU A O   
26  C  CB  . GLU A 4  ? 0.1241 0.1324 0.1420 -0.0045 0.0175  -0.0071 4   GLU A CB  
27  C  CG  . GLU A 4  ? 0.1366 0.1477 0.1678 -0.0198 0.0129  -0.0210 4   GLU A CG  
28  C  CD  . GLU A 4  ? 0.1583 0.1549 0.1423 -0.0233 0.0112  -0.0076 4   GLU A CD  
29  O  OE1 . GLU A 4  ? 0.1671 0.1964 0.1340 -0.0363 0.0164  -0.0251 4   GLU A OE1 
30  O  OE2 . GLU A 4  ? 0.1570 0.1966 0.1588 -0.0341 0.0084  0.0043  4   GLU A OE2 
31  N  N   . GLU A 5  ? 0.1028 0.1127 0.0862 0.0032  0.0063  -0.0154 5   GLU A N   
32  C  CA  . GLU A 5  ? 0.1037 0.1168 0.0830 0.0059  -0.0012 -0.0113 5   GLU A CA  
33  C  C   . GLU A 5  ? 0.0996 0.1143 0.0712 0.0050  -0.0081 -0.0091 5   GLU A C   
34  O  O   . GLU A 5  ? 0.0856 0.1181 0.0879 0.0139  -0.0019 -0.0051 5   GLU A O   
35  C  CB  . GLU A 5  ? 0.1273 0.1360 0.0828 0.0060  -0.0091 -0.0116 5   GLU A CB  
36  C  CG  . GLU A 5  ? 0.1258 0.1617 0.1029 0.0092  0.0021  -0.0306 5   GLU A CG  
37  C  CD  . GLU A 5  ? 0.1248 0.1471 0.1227 0.0136  -0.0176 -0.0117 5   GLU A CD  
38  O  OE1 . GLU A 5  ? 0.1576 0.1901 0.1177 -0.0017 0.0087  -0.0277 5   GLU A OE1 
39  O  OE2 . GLU A 5  ? 0.1538 0.1746 0.1243 0.0048  -0.0353 -0.0151 5   GLU A OE2 
40  N  N   . ARG A 6  ? 0.0883 0.1048 0.0694 0.0023  0.0027  -0.0082 6   ARG A N   
41  C  CA  . ARG A 6  ? 0.0803 0.1034 0.0732 0.0032  0.0046  0.0023  6   ARG A CA  
42  C  C   . ARG A 6  ? 0.0754 0.0907 0.0756 0.0066  0.0094  -0.0005 6   ARG A C   
43  O  O   . ARG A 6  ? 0.0822 0.0843 0.0850 0.0047  0.0073  -0.0031 6   ARG A O   
44  C  CB  . ARG A 6  ? 0.0805 0.1274 0.0802 0.0091  0.0096  0.0068  6   ARG A CB  
45  C  CG  . ARG A 6  ? 0.1154 0.1616 0.0992 0.0011  0.0244  0.0078  6   ARG A CG  
46  C  CD  . ARG A 6  ? 0.1178 0.1802 0.1380 -0.0072 0.0292  0.0034  6   ARG A CD  
47  N  NE  . ARG A 6  ? 0.1129 0.1481 0.1552 -0.0124 0.0281  0.0058  6   ARG A NE  
48  C  CZ  . ARG A 6  ? 0.1293 0.1438 0.1318 0.0039  0.0355  0.0130  6   ARG A CZ  
49  N  NH1 . ARG A 6  ? 0.1703 0.1633 0.1823 0.0126  0.0201  -0.0050 6   ARG A NH1 
50  N  NH2 . ARG A 6  ? 0.1402 0.1710 0.1607 -0.0074 0.0206  0.0055  6   ARG A NH2 
51  N  N   . VAL A 7  ? 0.0751 0.0828 0.0699 0.0073  0.0029  -0.0022 7   VAL A N   
52  C  CA  . VAL A 7  ? 0.0795 0.0842 0.0746 0.0097  -0.0010 -0.0002 7   VAL A CA  
53  C  C   . VAL A 7  ? 0.0823 0.0852 0.0625 -0.0014 0.0050  -0.0038 7   VAL A C   
54  O  O   . VAL A 7  ? 0.0756 0.0966 0.0764 0.0023  0.0082  -0.0021 7   VAL A O   
55  C  CB  . VAL A 7  ? 0.0861 0.0822 0.0822 0.0083  0.0014  0.0022  7   VAL A CB  
56  C  CG1 . VAL A 7  ? 0.1018 0.0911 0.0886 0.0047  0.0116  0.0008  7   VAL A CG1 
57  C  CG2 . VAL A 7  ? 0.0814 0.1162 0.0850 0.0094  -0.0031 -0.0028 7   VAL A CG2 
58  N  N   . LYS A 8  ? 0.0721 0.0971 0.0784 0.0027  0.0008  -0.0119 8   LYS A N   
59  C  CA  . LYS A 8  ? 0.0839 0.1069 0.0943 0.0050  0.0021  -0.0157 8   LYS A CA  
60  C  C   . LYS A 8  ? 0.0898 0.1113 0.0763 0.0065  0.0047  -0.0140 8   LYS A C   
61  O  O   . LYS A 8  ? 0.0764 0.1139 0.0878 0.0148  0.0028  -0.0175 8   LYS A O   
62  C  CB  . LYS A 8  ? 0.0819 0.1226 0.1088 -0.0047 -0.0031 -0.0242 8   LYS A CB  
63  C  CG  . LYS A 8  ? 0.1012 0.1281 0.1229 -0.0110 0.0022  -0.0318 8   LYS A CG  
64  C  CD  . LYS A 8  ? 0.1639 0.1614 0.1346 -0.0032 0.0011  0.0049  8   LYS A CD  
65  C  CE  . LYS A 8  ? 0.1721 0.1469 0.1556 -0.0234 -0.0044 -0.0275 8   LYS A CE  
66  N  NZ  . LYS A 8  ? 0.1912 0.1498 0.2018 -0.0331 -0.0397 -0.0056 8   LYS A NZ  
67  N  N   . LYS A 9  ? 0.0779 0.1109 0.0856 0.0182  0.0013  -0.0057 9   LYS A N   
68  C  CA  . LYS A 9  ? 0.0971 0.1199 0.0915 0.0115  0.0117  0.0029  9   LYS A CA  
69  C  C   . LYS A 9  ? 0.0790 0.1039 0.0854 0.0052  0.0123  0.0052  9   LYS A C   
70  O  O   . LYS A 9  ? 0.0932 0.1118 0.0965 0.0197  0.0150  0.0149  9   LYS A O   
71  C  CB  . LYS A 9  ? 0.1273 0.1348 0.0916 0.0128  0.0146  0.0117  9   LYS A CB  
72  C  CG  . LYS A 9  ? 0.1789 0.1681 0.1900 0.0059  0.0077  0.0171  9   LYS A CG  
73  C  CD  . LYS A 9  ? 0.2222 0.2489 0.2243 -0.0064 -0.0185 0.0207  9   LYS A CD  
74  C  CE  . LYS A 9  ? 0.2794 0.2546 0.2508 -0.0042 -0.0042 0.0254  9   LYS A CE  
75  N  NZ  . LYS A 9  ? 0.2498 0.2849 0.2437 -0.0078 0.0042  0.0134  9   LYS A NZ  
76  N  N   . ILE A 10 ? 0.0745 0.0898 0.0841 0.0060  0.0131  0.0034  10  ILE A N   
77  C  CA  . ILE A 10 ? 0.0837 0.0840 0.0914 -0.0002 0.0126  -0.0038 10  ILE A CA  
78  C  C   . ILE A 10 ? 0.0684 0.0881 0.0868 0.0015  0.0010  0.0009  10  ILE A C   
79  O  O   . ILE A 10 ? 0.0732 0.0808 0.0892 0.0070  0.0070  -0.0036 10  ILE A O   
80  C  CB  . ILE A 10 ? 0.0684 0.0958 0.1028 -0.0008 0.0125  -0.0018 10  ILE A CB  
81  C  CG1 . ILE A 10 ? 0.0825 0.1169 0.1324 -0.0123 0.0074  0.0065  10  ILE A CG1 
82  C  CG2 . ILE A 10 ? 0.0835 0.1185 0.1022 -0.0026 -0.0081 -0.0104 10  ILE A CG2 
83  C  CD1 . ILE A 10 ? 0.0916 0.1221 0.1465 -0.0059 0.0064  0.0161  10  ILE A CD1 
84  N  N   . ILE A 11 ? 0.0660 0.0844 0.0748 0.0030  0.0118  0.0024  11  ILE A N   
85  C  CA  . ILE A 11 ? 0.0644 0.0758 0.0865 -0.0027 0.0119  -0.0007 11  ILE A CA  
86  C  C   . ILE A 11 ? 0.0601 0.0810 0.0753 -0.0079 0.0120  0.0012  11  ILE A C   
87  O  O   . ILE A 11 ? 0.0680 0.0858 0.0935 -0.0014 0.0076  -0.0091 11  ILE A O   
88  C  CB  . ILE A 11 ? 0.0684 0.0869 0.0862 -0.0009 0.0113  -0.0090 11  ILE A CB  
89  C  CG1 . ILE A 11 ? 0.0827 0.0791 0.0887 -0.0002 0.0071  -0.0002 11  ILE A CG1 
90  C  CG2 . ILE A 11 ? 0.0675 0.0889 0.1084 0.0023  0.0189  0.0002  11  ILE A CG2 
91  C  CD1 . ILE A 11 ? 0.0951 0.0739 0.1135 0.0058  0.0188  0.0169  11  ILE A CD1 
92  N  N   . GLY A 12 ? 0.0686 0.0954 0.0898 0.0033  -0.0051 -0.0040 12  GLY A N   
93  C  CA  . GLY A 12 ? 0.0799 0.0920 0.1023 0.0063  -0.0053 0.0008  12  GLY A CA  
94  C  C   . GLY A 12 ? 0.0656 0.0875 0.0837 0.0071  -0.0066 0.0017  12  GLY A C   
95  O  O   . GLY A 12 ? 0.0755 0.1026 0.1170 0.0161  -0.0047 0.0003  12  GLY A O   
96  N  N   . GLU A 13 ? 0.0824 0.0953 0.0995 0.0106  0.0058  0.0151  13  GLU A N   
97  C  CA  . GLU A 13 ? 0.0799 0.0916 0.0979 0.0037  0.0084  0.0103  13  GLU A CA  
98  C  C   . GLU A 13 ? 0.0843 0.0831 0.1039 0.0104  0.0035  0.0104  13  GLU A C   
99  O  O   . GLU A 13 ? 0.1218 0.0954 0.1103 0.0230  -0.0002 0.0052  13  GLU A O   
100 C  CB  . GLU A 13 ? 0.0962 0.1064 0.1166 0.0016  0.0194  0.0197  13  GLU A CB  
101 C  CG  . GLU A 13 ? 0.1054 0.1339 0.1333 -0.0015 0.0228  0.0192  13  GLU A CG  
102 C  CD  . GLU A 13 ? 0.1285 0.1616 0.1126 -0.0015 0.0262  0.0253  13  GLU A CD  
103 O  OE1 . GLU A 13 ? 0.1170 0.2225 0.1466 -0.0017 0.0320  -0.0100 13  GLU A OE1 
104 O  OE2 . GLU A 13 ? 0.1433 0.2178 0.1288 -0.0093 0.0455  0.0156  13  GLU A OE2 
105 N  N   . GLN A 14 ? 0.0730 0.0767 0.0962 0.0038  0.0026  0.0034  14  GLN A N   
106 C  CA  . GLN A 14 ? 0.0693 0.0782 0.0951 0.0075  -0.0055 -0.0079 14  GLN A CA  
107 C  C   . GLN A 14 ? 0.0818 0.0916 0.0886 0.0066  0.0023  -0.0107 14  GLN A C   
108 O  O   . GLN A 14 ? 0.0912 0.0872 0.1313 -0.0037 0.0040  -0.0333 14  GLN A O   
109 C  CB  . GLN A 14 ? 0.0771 0.0866 0.1010 0.0128  -0.0084 0.0009  14  GLN A CB  
110 C  CG  . GLN A 14 ? 0.0843 0.1033 0.1345 -0.0024 -0.0096 0.0000  14  GLN A CG  
111 C  CD  . GLN A 14 ? 0.1000 0.1231 0.1492 0.0035  -0.0102 0.0031  14  GLN A CD  
112 O  OE1 . GLN A 14 ? 0.1786 0.1525 0.1756 0.0093  -0.0285 -0.0312 14  GLN A OE1 
113 N  NE2 . GLN A 14 ? 0.1188 0.1165 0.1682 -0.0066 -0.0042 0.0124  14  GLN A NE2 
114 N  N   . LEU A 15 ? 0.0660 0.0750 0.0797 0.0006  -0.0008 -0.0122 15  LEU A N   
115 C  CA  . LEU A 15 ? 0.0621 0.0941 0.0844 0.0043  -0.0039 -0.0030 15  LEU A CA  
116 C  C   . LEU A 15 ? 0.0812 0.0807 0.0979 0.0069  0.0000  -0.0050 15  LEU A C   
117 O  O   . LEU A 15 ? 0.0724 0.1070 0.1123 0.0188  0.0040  0.0011  15  LEU A O   
118 C  CB  . LEU A 15 ? 0.0807 0.0856 0.0783 0.0014  -0.0016 0.0004  15  LEU A CB  
119 C  CG  . LEU A 15 ? 0.0811 0.0957 0.0737 -0.0023 0.0004  0.0020  15  LEU A CG  
120 C  CD1 . LEU A 15 ? 0.0827 0.0937 0.1013 0.0032  0.0096  0.0055  15  LEU A CD1 
121 C  CD2 . LEU A 15 ? 0.1126 0.1190 0.0832 -0.0043 0.0012  -0.0008 15  LEU A CD2 
122 N  N   . GLY A 16 ? 0.0884 0.0809 0.0916 0.0033  -0.0069 -0.0003 16  GLY A N   
123 C  CA  . GLY A 16 ? 0.0817 0.0955 0.1075 0.0105  -0.0200 -0.0006 16  GLY A CA  
124 C  C   . GLY A 16 ? 0.0775 0.0877 0.0936 0.0114  -0.0148 0.0022  16  GLY A C   
125 O  O   . GLY A 16 ? 0.0927 0.1006 0.1070 0.0245  -0.0179 -0.0073 16  GLY A O   
126 N  N   . VAL A 17 ? 0.0744 0.0900 0.0868 0.0093  -0.0093 0.0058  17  VAL A N   
127 C  CA  . VAL A 17 ? 0.0674 0.0997 0.0815 0.0097  -0.0068 -0.0071 17  VAL A CA  
128 C  C   . VAL A 17 ? 0.0613 0.0993 0.0866 0.0207  -0.0033 -0.0027 17  VAL A C   
129 O  O   . VAL A 17 ? 0.0719 0.1277 0.0944 0.0171  0.0020  -0.0012 17  VAL A O   
130 C  CB  . VAL A 17 ? 0.0782 0.0868 0.0884 0.0151  0.0078  -0.0040 17  VAL A CB  
131 C  CG1 . VAL A 17 ? 0.0966 0.1204 0.1012 0.0160  0.0202  -0.0003 17  VAL A CG1 
132 C  CG2 . VAL A 17 ? 0.0761 0.1055 0.0954 0.0064  -0.0064 0.0044  17  VAL A CG2 
133 N  N   . LYS A 18 ? 0.0784 0.0991 0.0804 0.0155  -0.0007 -0.0143 18  LYS A N   
134 C  CA  . LYS A 18 ? 0.0915 0.1186 0.0722 0.0207  -0.0022 -0.0097 18  LYS A CA  
135 C  C   . LYS A 18 ? 0.0834 0.1257 0.0781 0.0188  0.0099  -0.0163 18  LYS A C   
136 O  O   . LYS A 18 ? 0.0915 0.1091 0.0867 0.0262  -0.0027 -0.0131 18  LYS A O   
137 C  CB  . LYS A 18 ? 0.1014 0.1141 0.0926 0.0151  -0.0032 -0.0055 18  LYS A CB  
138 C  CG  . LYS A 18 ? 0.0690 0.1302 0.1057 0.0062  -0.0166 -0.0091 18  LYS A CG  
139 C  CD  . LYS A 18 ? 0.0955 0.1230 0.1108 0.0019  -0.0077 0.0017  18  LYS A CD  
140 C  CE  . LYS A 18 ? 0.0919 0.1026 0.1218 0.0204  -0.0062 -0.0114 18  LYS A CE  
141 N  NZ  . LYS A 18 ? 0.1068 0.1160 0.1257 0.0135  -0.0007 -0.0281 18  LYS A NZ  
142 N  N   . GLN A 19 ? 0.0962 0.1415 0.0936 0.0392  0.0100  -0.0138 19  GLN A N   
143 C  CA  . GLN A 19 ? 0.1136 0.1457 0.1091 0.0284  0.0091  -0.0152 19  GLN A CA  
144 C  C   . GLN A 19 ? 0.1268 0.1348 0.0952 0.0319  -0.0001 -0.0056 19  GLN A C   
145 O  O   . GLN A 19 ? 0.1437 0.1216 0.1005 0.0526  0.0001  -0.0146 19  GLN A O   
146 C  CB  . GLN A 19 ? 0.1497 0.1760 0.1465 0.0219  0.0286  -0.0193 19  GLN A CB  
147 C  CG  . GLN A 19 ? 0.1979 0.1874 0.2069 0.0187  0.0054  -0.0130 19  GLN A CG  
148 C  CD  . GLN A 19 ? 0.2672 0.2685 0.2529 0.0096  0.0199  -0.0095 19  GLN A CD  
149 O  OE1 . GLN A 19 ? 0.3113 0.3024 0.3114 0.0057  0.0271  0.0132  19  GLN A OE1 
150 N  NE2 . GLN A 19 ? 0.2648 0.2872 0.2754 0.0229  0.0220  -0.0110 19  GLN A NE2 
151 N  N   . GLU A 20 ? 0.1240 0.1305 0.0931 0.0328  -0.0060 -0.0095 20  GLU A N   
152 C  CA  . GLU A 20 ? 0.1421 0.1242 0.1059 0.0164  -0.0175 -0.0067 20  GLU A CA  
153 C  C   . GLU A 20 ? 0.1074 0.1089 0.1112 0.0227  -0.0247 -0.0085 20  GLU A C   
154 O  O   . GLU A 20 ? 0.1554 0.1135 0.1149 0.0164  -0.0221 -0.0185 20  GLU A O   
155 C  CB  . GLU A 20 ? 0.1647 0.1613 0.1236 0.0066  -0.0300 -0.0003 20  GLU A CB  
156 C  CG  . GLU A 20 ? 0.1652 0.1781 0.1383 -0.0025 -0.0190 0.0026  20  GLU A CG  
157 C  CD  . GLU A 20 ? 0.1566 0.1645 0.1452 0.0079  -0.0186 -0.0092 20  GLU A CD  
158 O  OE1 . GLU A 20 ? 0.1854 0.1660 0.1881 0.0210  -0.0128 -0.0103 20  GLU A OE1 
159 O  OE2 . GLU A 20 ? 0.2031 0.2152 0.1889 -0.0330 -0.0032 -0.0118 20  GLU A OE2 
160 N  N   . GLU A 21 ? 0.0952 0.1101 0.0891 0.0284  -0.0207 -0.0248 21  GLU A N   
161 C  CA  . GLU A 21 ? 0.0958 0.1079 0.0914 0.0190  -0.0268 -0.0147 21  GLU A CA  
162 C  C   . GLU A 21 ? 0.0847 0.0811 0.0918 0.0107  -0.0174 -0.0163 21  GLU A C   
163 O  O   . GLU A 21 ? 0.0872 0.0900 0.1018 0.0133  -0.0081 -0.0118 21  GLU A O   
164 C  CB  . GLU A 21 ? 0.0878 0.0949 0.0968 0.0230  -0.0079 -0.0159 21  GLU A CB  
165 C  CG  . GLU A 21 ? 0.0930 0.0786 0.1185 0.0234  -0.0115 -0.0085 21  GLU A CG  
166 C  CD  . GLU A 21 ? 0.0663 0.1045 0.0972 0.0154  0.0155  -0.0118 21  GLU A CD  
167 O  OE1 . GLU A 21 ? 0.0904 0.1009 0.1292 0.0161  -0.0072 -0.0142 21  GLU A OE1 
168 O  OE2 . GLU A 21 ? 0.0746 0.1043 0.1142 0.0189  -0.0002 0.0121  21  GLU A OE2 
169 N  N   . VAL A 22 ? 0.0851 0.0878 0.0975 0.0137  -0.0224 -0.0118 22  VAL A N   
170 C  CA  . VAL A 22 ? 0.0698 0.0974 0.0960 0.0116  -0.0130 -0.0017 22  VAL A CA  
171 C  C   . VAL A 22 ? 0.0752 0.0978 0.0938 0.0230  -0.0104 -0.0019 22  VAL A C   
172 O  O   . VAL A 22 ? 0.1046 0.1198 0.1133 0.0132  0.0136  -0.0130 22  VAL A O   
173 C  CB  . VAL A 22 ? 0.0751 0.1038 0.0959 0.0140  -0.0115 0.0049  22  VAL A CB  
174 C  CG1 . VAL A 22 ? 0.0737 0.1112 0.1338 0.0109  -0.0166 0.0140  22  VAL A CG1 
175 C  CG2 . VAL A 22 ? 0.1137 0.1028 0.1124 0.0157  -0.0257 0.0166  22  VAL A CG2 
176 N  N   . THR A 23 ? 0.0948 0.0907 0.0984 0.0078  -0.0070 -0.0085 23  THR A N   
177 C  CA  . THR A 23 ? 0.0976 0.0897 0.1035 0.0141  -0.0139 -0.0103 23  THR A CA  
178 C  C   . THR A 23 ? 0.0880 0.0915 0.0989 0.0122  -0.0011 -0.0152 23  THR A C   
179 O  O   . THR A 23 ? 0.0906 0.0824 0.1022 0.0146  -0.0132 -0.0063 23  THR A O   
180 C  CB  . THR A 23 ? 0.1007 0.1145 0.1151 0.0129  -0.0256 -0.0161 23  THR A CB  
181 O  OG1 . THR A 23 ? 0.1184 0.1396 0.1470 0.0010  0.0118  -0.0114 23  THR A OG1 
182 C  CG2 . THR A 23 ? 0.1264 0.1707 0.1661 0.0029  -0.0396 0.0049  23  THR A CG2 
183 N  N   . ASN A 24 ? 0.0823 0.0890 0.1119 0.0228  0.0015  -0.0023 24  ASN A N   
184 C  CA  . ASN A 24 ? 0.0809 0.0797 0.1156 0.0199  -0.0052 -0.0051 24  ASN A CA  
185 C  C   . ASN A 24 ? 0.0922 0.0734 0.1161 -0.0032 -0.0061 -0.0140 24  ASN A C   
186 O  O   . ASN A 24 ? 0.0937 0.0924 0.1246 -0.0137 -0.0232 0.0007  24  ASN A O   
187 C  CB  . ASN A 24 ? 0.1093 0.0905 0.1264 0.0212  0.0036  -0.0019 24  ASN A CB  
188 C  CG  . ASN A 24 ? 0.1164 0.1152 0.1095 0.0292  -0.0066 -0.0083 24  ASN A CG  
189 O  OD1 . ASN A 24 ? 0.2055 0.1764 0.1387 0.0754  0.0259  0.0099  24  ASN A OD1 
190 N  ND2 . ASN A 24 ? 0.0971 0.1247 0.1475 0.0186  0.0033  -0.0075 24  ASN A ND2 
191 N  N   . ASN A 25 ? 0.0750 0.0964 0.1238 -0.0020 -0.0080 -0.0169 25  ASN A N   
192 C  CA  . ASN A 25 ? 0.0909 0.1024 0.1359 -0.0102 0.0064  -0.0181 25  ASN A CA  
193 C  C   . ASN A 25 ? 0.0875 0.1036 0.1164 -0.0075 0.0052  -0.0165 25  ASN A C   
194 O  O   . ASN A 25 ? 0.1123 0.1171 0.1408 -0.0058 0.0183  -0.0173 25  ASN A O   
195 C  CB  . ASN A 25 ? 0.1467 0.1335 0.1764 -0.0261 0.0197  -0.0074 25  ASN A CB  
196 C  CG  . ASN A 25 ? 0.2090 0.2026 0.2338 -0.0018 0.0179  -0.0007 25  ASN A CG  
197 O  OD1 . ASN A 25 ? 0.2521 0.2239 0.3248 0.0122  0.0038  0.0078  25  ASN A OD1 
198 N  ND2 . ASN A 25 ? 0.2828 0.2531 0.2759 -0.0143 0.0042  -0.0194 25  ASN A ND2 
199 N  N   . ALA A 26 ? 0.0769 0.0942 0.1074 -0.0022 -0.0032 -0.0162 26  ALA A N   
200 C  CA  . ALA A 26 ? 0.0827 0.0934 0.0942 0.0090  -0.0124 -0.0150 26  ALA A CA  
201 C  C   . ALA A 26 ? 0.0735 0.0703 0.0805 0.0024  -0.0076 -0.0040 26  ALA A C   
202 O  O   . ALA A 26 ? 0.0665 0.0981 0.0921 0.0019  -0.0071 -0.0110 26  ALA A O   
203 C  CB  . ALA A 26 ? 0.1077 0.0970 0.1018 0.0146  -0.0182 -0.0104 26  ALA A CB  
204 N  N   . SER A 27 ? 0.0791 0.0729 0.0720 0.0085  -0.0079 0.0002  27  SER A N   
205 C  CA  . SER A 27 ? 0.0841 0.0668 0.0790 -0.0020 0.0007  -0.0006 27  SER A CA  
206 C  C   . SER A 27 ? 0.0656 0.0721 0.0702 0.0053  0.0073  0.0050  27  SER A C   
207 O  O   . SER A 27 ? 0.0676 0.0786 0.0783 0.0053  -0.0041 0.0035  27  SER A O   
208 C  CB  . SER A 27 ? 0.0875 0.0824 0.0907 -0.0174 0.0012  -0.0071 27  SER A CB  
209 O  OG  . SER A 27 ? 0.0866 0.0799 0.0836 -0.0074 0.0089  0.0030  27  SER A OG  
210 N  N   . PHE A 28 ? 0.0697 0.0715 0.0705 -0.0023 0.0032  0.0033  28  PHE A N   
211 C  CA  . PHE A 28 ? 0.0642 0.0756 0.0777 0.0007  0.0045  -0.0023 28  PHE A CA  
212 C  C   . PHE A 28 ? 0.0736 0.0642 0.0750 -0.0041 -0.0027 0.0001  28  PHE A C   
213 O  O   . PHE A 28 ? 0.0845 0.0763 0.0827 0.0104  -0.0047 -0.0046 28  PHE A O   
214 C  CB  . PHE A 28 ? 0.0683 0.0969 0.0830 0.0051  0.0002  -0.0015 28  PHE A CB  
215 C  CG  . PHE A 28 ? 0.0646 0.0724 0.0859 -0.0131 0.0074  0.0057  28  PHE A CG  
216 C  CD1 . PHE A 28 ? 0.1005 0.0956 0.0989 -0.0003 0.0082  -0.0083 28  PHE A CD1 
217 C  CD2 . PHE A 28 ? 0.0813 0.0981 0.1066 0.0007  0.0008  0.0204  28  PHE A CD2 
218 C  CE1 . PHE A 28 ? 0.1036 0.0739 0.1116 -0.0088 0.0259  -0.0067 28  PHE A CE1 
219 C  CE2 . PHE A 28 ? 0.0950 0.1122 0.1346 0.0135  -0.0040 0.0202  28  PHE A CE2 
220 C  CZ  . PHE A 28 ? 0.0870 0.0986 0.1491 -0.0027 0.0222  0.0115  28  PHE A CZ  
221 N  N   . VAL A 29 ? 0.0666 0.0811 0.0838 -0.0068 0.0077  -0.0036 29  VAL A N   
222 C  CA  . VAL A 29 ? 0.0833 0.0992 0.0876 -0.0048 0.0154  -0.0027 29  VAL A CA  
223 C  C   . VAL A 29 ? 0.0706 0.0864 0.1050 -0.0002 0.0103  0.0004  29  VAL A C   
224 O  O   . VAL A 29 ? 0.0894 0.0960 0.1572 0.0068  0.0004  -0.0100 29  VAL A O   
225 C  CB  . VAL A 29 ? 0.0949 0.1116 0.0879 -0.0003 0.0161  -0.0057 29  VAL A CB  
226 C  CG1 . VAL A 29 ? 0.1193 0.1260 0.1209 -0.0045 0.0279  -0.0119 29  VAL A CG1 
227 C  CG2 . VAL A 29 ? 0.1008 0.1159 0.1132 0.0072  0.0050  -0.0109 29  VAL A CG2 
228 N  N   . GLU A 30 ? 0.0826 0.0987 0.0897 -0.0091 0.0067  0.0012  30  GLU A N   
229 C  CA  . GLU A 30 ? 0.0829 0.1056 0.1130 -0.0088 0.0045  0.0002  30  GLU A CA  
230 C  C   . GLU A 30 ? 0.0826 0.1133 0.1176 -0.0069 -0.0038 0.0000  30  GLU A C   
231 O  O   . GLU A 30 ? 0.0907 0.1693 0.1332 0.0017  -0.0009 -0.0003 30  GLU A O   
232 C  CB  . GLU A 30 ? 0.1078 0.1069 0.1192 -0.0126 0.0206  0.0061  30  GLU A CB  
233 C  CG  . GLU A 30 ? 0.1284 0.1305 0.1154 0.0007  0.0331  0.0013  30  GLU A CG  
234 C  CD  . GLU A 30 ? 0.1386 0.1718 0.1577 -0.0089 0.0295  -0.0033 30  GLU A CD  
235 O  OE1 . GLU A 30 ? 0.1556 0.2930 0.2201 -0.0094 0.0339  -0.0331 30  GLU A OE1 
236 O  OE2 . GLU A 30 ? 0.1584 0.1412 0.1469 0.0039  0.0340  0.0064  30  GLU A OE2 
237 N  N   . ASP A 31 ? 0.0891 0.0939 0.0975 -0.0021 0.0039  -0.0001 31  ASP A N   
238 C  CA  . ASP A 31 ? 0.0854 0.0874 0.1024 -0.0054 -0.0135 0.0067  31  ASP A CA  
239 C  C   . ASP A 31 ? 0.0894 0.0801 0.0957 0.0011  -0.0110 -0.0006 31  ASP A C   
240 O  O   . ASP A 31 ? 0.1024 0.0975 0.1355 0.0004  -0.0335 0.0252  31  ASP A O   
241 C  CB  . ASP A 31 ? 0.0833 0.0923 0.1125 0.0023  -0.0051 -0.0047 31  ASP A CB  
242 C  CG  . ASP A 31 ? 0.0685 0.1241 0.1157 0.0002  -0.0238 0.0017  31  ASP A CG  
243 O  OD1 . ASP A 31 ? 0.0723 0.1003 0.1023 -0.0166 -0.0112 0.0116  31  ASP A OD1 
244 O  OD2 . ASP A 31 ? 0.1020 0.1414 0.2061 -0.0133 -0.0475 0.0284  31  ASP A OD2 
245 N  N   . LEU A 32 ? 0.0775 0.0785 0.0890 -0.0022 -0.0141 0.0042  32  LEU A N   
246 C  CA  . LEU A 32 ? 0.0860 0.0811 0.0921 -0.0003 -0.0088 0.0022  32  LEU A CA  
247 C  C   . LEU A 32 ? 0.1009 0.0877 0.0863 0.0078  -0.0066 -0.0094 32  LEU A C   
248 O  O   . LEU A 32 ? 0.1520 0.0854 0.1008 -0.0006 0.0097  0.0015  32  LEU A O   
249 C  CB  . LEU A 32 ? 0.0823 0.0811 0.0776 0.0087  -0.0008 -0.0043 32  LEU A CB  
250 C  CG  . LEU A 32 ? 0.1004 0.0860 0.0803 0.0002  -0.0038 -0.0079 32  LEU A CG  
251 C  CD1 . LEU A 32 ? 0.1011 0.1070 0.1064 0.0180  -0.0004 -0.0005 32  LEU A CD1 
252 C  CD2 . LEU A 32 ? 0.1019 0.1094 0.0996 -0.0028 -0.0050 -0.0145 32  LEU A CD2 
253 N  N   . GLY A 33 ? 0.0881 0.0894 0.1015 0.0170  0.0045  -0.0128 33  GLY A N   
254 C  CA  . GLY A 33 ? 0.1078 0.0967 0.1156 0.0133  0.0014  -0.0208 33  GLY A CA  
255 C  C   . GLY A 33 ? 0.1009 0.0890 0.0975 0.0059  0.0093  -0.0099 33  GLY A C   
256 O  O   . GLY A 33 ? 0.1111 0.0888 0.1229 0.0111  0.0083  -0.0141 33  GLY A O   
257 N  N   . ALA A 34 ? 0.0873 0.0849 0.0881 0.0043  0.0082  -0.0070 34  ALA A N   
258 C  CA  . ALA A 34 ? 0.0862 0.0884 0.1019 -0.0006 0.0131  -0.0161 34  ALA A CA  
259 C  C   . ALA A 34 ? 0.0792 0.0763 0.0894 0.0033  0.0156  -0.0055 34  ALA A C   
260 O  O   . ALA A 34 ? 0.1179 0.0956 0.0950 -0.0115 0.0260  -0.0042 34  ALA A O   
261 C  CB  . ALA A 34 ? 0.0852 0.0990 0.1094 0.0031  0.0120  -0.0085 34  ALA A CB  
262 N  N   . ASP A 35 ? 0.0771 0.0674 0.0858 0.0090  0.0045  -0.0102 35  ASP A N   
263 C  CA  . ASP A 35 ? 0.0879 0.0986 0.0934 0.0038  0.0060  -0.0170 35  ASP A CA  
264 C  C   . ASP A 35 ? 0.1020 0.0903 0.1002 -0.0011 0.0099  -0.0069 35  ASP A C   
265 O  O   . ASP A 35 ? 0.1025 0.0901 0.1096 0.0096  -0.0043 -0.0029 35  ASP A O   
266 C  CB  . ASP A 35 ? 0.0845 0.0884 0.1063 0.0016  0.0198  -0.0164 35  ASP A CB  
267 C  CG  . ASP A 35 ? 0.0743 0.1009 0.0824 0.0170  -0.0023 -0.0227 35  ASP A CG  
268 O  OD1 . ASP A 35 ? 0.0809 0.0771 0.0897 0.0085  0.0087  -0.0154 35  ASP A OD1 
269 O  OD2 . ASP A 35 ? 0.0654 0.0934 0.0866 0.0199  0.0016  -0.0130 35  ASP A OD2 
270 N  N   . SER A 36 ? 0.1023 0.1077 0.1048 0.0157  0.0044  -0.0002 36  SER A N   
271 C  CA  . SER A 36 ? 0.1080 0.1221 0.1168 0.0175  -0.0073 0.0083  36  SER A CA  
272 C  C   . SER A 36 ? 0.0998 0.1208 0.1015 0.0207  -0.0086 0.0078  36  SER A C   
273 O  O   . SER A 36 ? 0.1098 0.1461 0.1358 0.0286  -0.0209 -0.0025 36  SER A O   
274 C  CB  A SER A 36 ? 0.1305 0.1317 0.1288 0.0088  -0.0026 0.0126  36  SER A CB  
275 C  CB  B SER A 36 ? 0.1395 0.1512 0.1309 0.0130  -0.0076 0.0148  36  SER A CB  
276 O  OG  A SER A 36 ? 0.1441 0.1513 0.1261 0.0063  0.0084  -0.0040 36  SER A OG  
277 O  OG  B SER A 36 ? 0.1507 0.1731 0.1779 0.0018  -0.0045 0.0171  36  SER A OG  
278 N  N   . LEU A 37 ? 0.1044 0.1053 0.0768 0.0116  -0.0078 -0.0083 37  LEU A N   
279 C  CA  . LEU A 37 ? 0.1027 0.1019 0.0970 0.0188  -0.0075 -0.0229 37  LEU A CA  
280 C  C   . LEU A 37 ? 0.0779 0.0947 0.1065 0.0148  -0.0039 -0.0194 37  LEU A C   
281 O  O   . LEU A 37 ? 0.0790 0.1428 0.1149 0.0184  -0.0092 -0.0398 37  LEU A O   
282 C  CB  . LEU A 37 ? 0.0995 0.0910 0.0869 0.0128  0.0010  -0.0230 37  LEU A CB  
283 C  CG  . LEU A 37 ? 0.1066 0.1135 0.1055 0.0192  -0.0009 -0.0276 37  LEU A CG  
284 C  CD1 . LEU A 37 ? 0.1192 0.1251 0.1122 0.0088  0.0151  -0.0141 37  LEU A CD1 
285 C  CD2 . LEU A 37 ? 0.1551 0.1092 0.1294 0.0138  0.0009  -0.0255 37  LEU A CD2 
286 N  N   . ASP A 38 ? 0.0727 0.1008 0.0796 0.0208  -0.0007 -0.0196 38  ASP A N   
287 C  CA  . ASP A 38 ? 0.0717 0.0909 0.0945 0.0232  -0.0051 -0.0317 38  ASP A CA  
288 C  C   . ASP A 38 ? 0.0767 0.0955 0.0930 0.0275  0.0023  -0.0233 38  ASP A C   
289 O  O   . ASP A 38 ? 0.0773 0.1041 0.0953 0.0349  0.0075  -0.0172 38  ASP A O   
290 C  CB  . ASP A 38 ? 0.0720 0.0942 0.0908 0.0200  -0.0072 -0.0199 38  ASP A CB  
291 C  CG  . ASP A 38 ? 0.0684 0.0818 0.0761 0.0068  0.0053  -0.0166 38  ASP A CG  
292 O  OD1 . ASP A 38 ? 0.0762 0.0794 0.1040 0.0042  0.0034  -0.0157 38  ASP A OD1 
293 O  OD2 . ASP A 38 ? 0.0764 0.0760 0.1040 0.0147  -0.0018 -0.0100 38  ASP A OD2 
294 N  N   . THR A 39 ? 0.0813 0.0999 0.0953 0.0188  0.0035  -0.0221 39  THR A N   
295 C  CA  . THR A 39 ? 0.0916 0.1082 0.1170 0.0268  -0.0003 -0.0031 39  THR A CA  
296 C  C   . THR A 39 ? 0.0853 0.1220 0.0886 0.0191  0.0051  -0.0200 39  THR A C   
297 O  O   . THR A 39 ? 0.1052 0.1128 0.0994 0.0384  0.0078  -0.0083 39  THR A O   
298 C  CB  . THR A 39 ? 0.1080 0.1367 0.1477 0.0085  0.0005  0.0038  39  THR A CB  
299 O  OG1 . THR A 39 ? 0.1765 0.1727 0.1838 0.0044  0.0027  0.0018  39  THR A OG1 
300 C  CG2 . THR A 39 ? 0.1191 0.1547 0.1756 0.0056  0.0042  0.0208  39  THR A CG2 
301 N  N   . VAL A 40 ? 0.1011 0.1320 0.0947 0.0280  -0.0102 -0.0234 40  VAL A N   
302 C  CA  . VAL A 40 ? 0.1072 0.1566 0.1056 0.0257  -0.0100 -0.0308 40  VAL A CA  
303 C  C   . VAL A 40 ? 0.0941 0.1294 0.1067 0.0261  -0.0129 -0.0418 40  VAL A C   
304 O  O   . VAL A 40 ? 0.0882 0.1433 0.1335 0.0233  -0.0127 -0.0341 40  VAL A O   
305 C  CB  . VAL A 40 ? 0.1219 0.1706 0.1238 0.0191  -0.0111 -0.0364 40  VAL A CB  
306 C  CG1 . VAL A 40 ? 0.1475 0.2133 0.1462 0.0074  -0.0206 -0.0323 40  VAL A CG1 
307 C  CG2 . VAL A 40 ? 0.1509 0.2022 0.1417 0.0296  0.0066  -0.0284 40  VAL A CG2 
308 N  N   . GLU A 41 ? 0.0980 0.1207 0.1111 0.0247  -0.0121 -0.0351 41  GLU A N   
309 C  CA  . GLU A 41 ? 0.0868 0.0945 0.1323 0.0212  -0.0092 -0.0297 41  GLU A CA  
310 C  C   . GLU A 41 ? 0.0712 0.0808 0.1160 0.0246  -0.0015 -0.0209 41  GLU A C   
311 O  O   . GLU A 41 ? 0.0781 0.0932 0.1358 0.0102  0.0080  -0.0207 41  GLU A O   
312 C  CB  . GLU A 41 ? 0.0977 0.0818 0.1637 0.0315  -0.0067 -0.0322 41  GLU A CB  
313 C  CG  . GLU A 41 ? 0.1503 0.1167 0.1870 0.0109  -0.0008 -0.0350 41  GLU A CG  
314 C  CD  . GLU A 41 ? 0.1744 0.1536 0.1969 0.0123  0.0004  -0.0307 41  GLU A CD  
315 O  OE1 . GLU A 41 ? 0.1999 0.1843 0.2311 0.0281  -0.0092 -0.0380 41  GLU A OE1 
316 O  OE2 . GLU A 41 ? 0.2031 0.1652 0.2114 0.0363  -0.0167 -0.0233 41  GLU A OE2 
317 N  N   . LEU A 42 ? 0.0751 0.0863 0.1046 0.0104  -0.0038 -0.0210 42  LEU A N   
318 C  CA  . LEU A 42 ? 0.0698 0.0800 0.0902 0.0182  -0.0013 -0.0164 42  LEU A CA  
319 C  C   . LEU A 42 ? 0.0738 0.0677 0.0706 0.0015  -0.0057 -0.0112 42  LEU A C   
320 O  O   . LEU A 42 ? 0.0785 0.0808 0.0950 0.0016  0.0096  -0.0130 42  LEU A O   
321 C  CB  . LEU A 42 ? 0.0733 0.0786 0.0992 0.0191  -0.0026 -0.0071 42  LEU A CB  
322 C  CG  . LEU A 42 ? 0.0900 0.0750 0.0866 0.0039  0.0136  -0.0116 42  LEU A CG  
323 C  CD1 . LEU A 42 ? 0.0988 0.0975 0.0921 0.0019  0.0109  -0.0012 42  LEU A CD1 
324 C  CD2 . LEU A 42 ? 0.1201 0.1155 0.1091 -0.0249 0.0171  -0.0107 42  LEU A CD2 
325 N  N   . VAL A 43 ? 0.0803 0.0840 0.0823 0.0140  0.0040  0.0014  43  VAL A N   
326 C  CA  . VAL A 43 ? 0.0842 0.0944 0.0970 0.0203  0.0089  0.0078  43  VAL A CA  
327 C  C   . VAL A 43 ? 0.0815 0.0872 0.0876 0.0188  0.0048  -0.0023 43  VAL A C   
328 O  O   . VAL A 43 ? 0.0785 0.0961 0.0957 0.0291  0.0028  0.0042  43  VAL A O   
329 C  CB  . VAL A 43 ? 0.1039 0.1205 0.1012 0.0320  0.0129  0.0213  43  VAL A CB  
330 C  CG1 . VAL A 43 ? 0.1183 0.1503 0.1243 0.0354  0.0024  0.0298  43  VAL A CG1 
331 C  CG2 . VAL A 43 ? 0.1356 0.1305 0.1620 0.0166  0.0167  0.0258  43  VAL A CG2 
332 N  N   . MET A 44 ? 0.0895 0.0898 0.0953 0.0185  -0.0044 -0.0182 44  MET A N   
333 C  CA  . MET A 44 ? 0.1000 0.1005 0.0960 0.0092  -0.0119 -0.0294 44  MET A CA  
334 C  C   . MET A 44 ? 0.0633 0.0748 0.1063 0.0134  -0.0072 -0.0209 44  MET A C   
335 O  O   . MET A 44 ? 0.0673 0.0935 0.1288 0.0032  -0.0092 -0.0158 44  MET A O   
336 C  CB  . MET A 44 ? 0.1381 0.1040 0.1160 0.0091  0.0018  -0.0435 44  MET A CB  
337 C  CG  . MET A 44 ? 0.1843 0.1292 0.1359 -0.0054 -0.0047 -0.0497 44  MET A CG  
338 S  SD  . MET A 44 ? 0.4538 0.1717 0.1971 0.0049  0.0354  -0.1005 44  MET A SD  
339 C  CE  . MET A 44 ? 0.3515 0.3110 0.3313 -0.0037 0.0151  -0.0201 44  MET A CE  
340 N  N   . ALA A 45 ? 0.0732 0.0751 0.1030 0.0065  -0.0110 -0.0146 45  ALA A N   
341 C  CA  . ALA A 45 ? 0.0820 0.0864 0.1029 0.0104  0.0013  -0.0049 45  ALA A CA  
342 C  C   . ALA A 45 ? 0.0665 0.0859 0.0961 0.0084  -0.0033 0.0037  45  ALA A C   
343 O  O   . ALA A 45 ? 0.0900 0.0983 0.1003 0.0159  0.0081  0.0093  45  ALA A O   
344 C  CB  . ALA A 45 ? 0.0883 0.1019 0.1099 0.0147  -0.0046 -0.0012 45  ALA A CB  
345 N  N   . LEU A 46 ? 0.0766 0.0737 0.0891 0.0039  0.0018  -0.0038 46  LEU A N   
346 C  CA  . LEU A 46 ? 0.0777 0.0807 0.0880 0.0008  0.0002  -0.0111 46  LEU A CA  
347 C  C   . LEU A 46 ? 0.0757 0.0751 0.0710 0.0042  0.0083  -0.0035 46  LEU A C   
348 O  O   . LEU A 46 ? 0.0919 0.0769 0.0906 0.0045  0.0140  -0.0075 46  LEU A O   
349 C  CB  . LEU A 46 ? 0.0762 0.0804 0.1068 0.0029  0.0001  -0.0006 46  LEU A CB  
350 C  CG  . LEU A 46 ? 0.0918 0.0971 0.1117 -0.0024 0.0047  -0.0232 46  LEU A CG  
351 C  CD1 . LEU A 46 ? 0.1294 0.1270 0.1461 -0.0389 0.0215  -0.0122 46  LEU A CD1 
352 C  CD2 . LEU A 46 ? 0.1181 0.1013 0.1149 -0.0044 -0.0031 -0.0266 46  LEU A CD2 
353 N  N   . GLU A 47 ? 0.0791 0.0886 0.0766 -0.0015 -0.0036 -0.0033 47  GLU A N   
354 C  CA  . GLU A 47 ? 0.0860 0.0911 0.0881 0.0023  0.0032  -0.0019 47  GLU A CA  
355 C  C   . GLU A 47 ? 0.0685 0.0889 0.1092 -0.0007 0.0080  -0.0056 47  GLU A C   
356 O  O   . GLU A 47 ? 0.0807 0.1048 0.1099 0.0053  0.0136  -0.0002 47  GLU A O   
357 C  CB  . GLU A 47 ? 0.0960 0.0939 0.0846 0.0051  -0.0058 -0.0006 47  GLU A CB  
358 C  CG  . GLU A 47 ? 0.1055 0.1125 0.0934 0.0064  -0.0070 0.0024  47  GLU A CG  
359 C  CD  . GLU A 47 ? 0.1430 0.1031 0.1096 0.0100  -0.0020 0.0013  47  GLU A CD  
360 O  OE1 . GLU A 47 ? 0.1912 0.1310 0.1311 0.0036  -0.0073 -0.0068 47  GLU A OE1 
361 O  OE2 . GLU A 47 ? 0.1550 0.1115 0.0982 0.0284  -0.0055 -0.0065 47  GLU A OE2 
362 N  N   . GLU A 48 ? 0.0734 0.0780 0.1118 0.0012  0.0071  -0.0010 48  GLU A N   
363 C  CA  . GLU A 48 ? 0.0988 0.0941 0.1300 -0.0064 0.0107  -0.0018 48  GLU A CA  
364 C  C   . GLU A 48 ? 0.0868 0.1073 0.1190 -0.0001 0.0227  0.0097  48  GLU A C   
365 O  O   . GLU A 48 ? 0.1097 0.1317 0.1606 -0.0144 0.0300  0.0032  48  GLU A O   
366 C  CB  . GLU A 48 ? 0.1065 0.1035 0.1419 0.0072  -0.0087 0.0009  48  GLU A CB  
367 C  CG  . GLU A 48 ? 0.1088 0.0895 0.1760 -0.0147 -0.0066 -0.0102 48  GLU A CG  
368 C  CD  . GLU A 48 ? 0.1026 0.1303 0.1835 -0.0015 0.0041  0.0054  48  GLU A CD  
369 O  OE1 . GLU A 48 ? 0.1427 0.1565 0.2024 -0.0300 -0.0068 -0.0380 48  GLU A OE1 
370 O  OE2 . GLU A 48 ? 0.1185 0.1664 0.2373 -0.0255 0.0145  0.0076  48  GLU A OE2 
371 N  N   . GLU A 49 ? 0.1013 0.0927 0.1007 -0.0045 0.0186  0.0111  49  GLU A N   
372 C  CA  . GLU A 49 ? 0.1074 0.1144 0.0881 0.0049  0.0232  0.0062  49  GLU A CA  
373 C  C   . GLU A 49 ? 0.0821 0.1098 0.0962 0.0000  0.0305  0.0047  49  GLU A C   
374 O  O   . GLU A 49 ? 0.1144 0.1437 0.1087 0.0063  0.0349  0.0118  49  GLU A O   
375 C  CB  . GLU A 49 ? 0.1103 0.1136 0.0860 -0.0012 0.0225  0.0033  49  GLU A CB  
376 C  CG  . GLU A 49 ? 0.1349 0.1428 0.0867 -0.0134 0.0227  0.0061  49  GLU A CG  
377 C  CD  . GLU A 49 ? 0.0897 0.1627 0.1071 0.0119  0.0396  0.0050  49  GLU A CD  
378 O  OE1 . GLU A 49 ? 0.1375 0.1627 0.0984 0.0174  0.0215  0.0028  49  GLU A OE1 
379 O  OE2 . GLU A 49 ? 0.1647 0.1471 0.1146 0.0159  0.0266  0.0211  49  GLU A OE2 
380 N  N   . PHE A 50 ? 0.0880 0.0966 0.0986 0.0027  0.0173  -0.0001 50  PHE A N   
381 C  CA  . PHE A 50 ? 0.0891 0.0929 0.1146 -0.0032 0.0075  0.0030  50  PHE A CA  
382 C  C   . PHE A 50 ? 0.0940 0.0937 0.1184 -0.0035 0.0156  -0.0109 50  PHE A C   
383 O  O   . PHE A 50 ? 0.0945 0.1015 0.1497 0.0086  0.0083  -0.0100 50  PHE A O   
384 C  CB  . PHE A 50 ? 0.0904 0.0846 0.1240 0.0020  0.0066  -0.0012 50  PHE A CB  
385 C  CG  . PHE A 50 ? 0.0889 0.0827 0.0877 -0.0109 0.0177  0.0033  50  PHE A CG  
386 C  CD1 . PHE A 50 ? 0.1089 0.1122 0.1078 -0.0020 0.0244  -0.0153 50  PHE A CD1 
387 C  CD2 . PHE A 50 ? 0.0968 0.0936 0.0980 -0.0070 0.0031  0.0068  50  PHE A CD2 
388 C  CE1 . PHE A 50 ? 0.1403 0.1249 0.0805 -0.0222 0.0206  0.0108  50  PHE A CE1 
389 C  CE2 . PHE A 50 ? 0.1125 0.1250 0.0956 -0.0185 0.0007  0.0184  50  PHE A CE2 
390 C  CZ  . PHE A 50 ? 0.1239 0.1147 0.1023 -0.0217 0.0106  0.0098  50  PHE A CZ  
391 N  N   . ASP A 51 ? 0.0715 0.1010 0.1217 -0.0119 0.0045  -0.0056 51  ASP A N   
392 C  CA  . ASP A 51 ? 0.0810 0.1348 0.1282 -0.0051 0.0155  -0.0136 51  ASP A CA  
393 C  C   . ASP A 51 ? 0.0872 0.1431 0.1363 0.0037  0.0128  -0.0081 51  ASP A C   
394 O  O   . ASP A 51 ? 0.1089 0.1489 0.1589 0.0137  0.0092  -0.0175 51  ASP A O   
395 C  CB  . ASP A 51 ? 0.0905 0.1652 0.1578 -0.0167 0.0227  -0.0087 51  ASP A CB  
396 C  CG  . ASP A 51 ? 0.1199 0.1977 0.1609 -0.0181 0.0303  -0.0107 51  ASP A CG  
397 O  OD1 . ASP A 51 ? 0.1103 0.1656 0.2102 -0.0363 0.0107  -0.0221 51  ASP A OD1 
398 O  OD2 . ASP A 51 ? 0.1265 0.2721 0.2318 -0.0187 0.0150  -0.0327 51  ASP A OD2 
399 N  N   . THR A 52 ? 0.1031 0.1543 0.1300 0.0078  0.0145  -0.0071 52  THR A N   
400 C  CA  . THR A 52 ? 0.1296 0.1481 0.1441 0.0197  0.0092  -0.0032 52  THR A CA  
401 C  C   . THR A 52 ? 0.1040 0.1354 0.1466 0.0251  0.0095  0.0020  52  THR A C   
402 O  O   . THR A 52 ? 0.1471 0.1812 0.1503 0.0614  0.0132  0.0083  52  THR A O   
403 C  CB  . THR A 52 ? 0.1655 0.1472 0.1525 0.0177  0.0157  -0.0011 52  THR A CB  
404 O  OG1 . THR A 52 ? 0.2757 0.1747 0.2116 0.0250  -0.0066 0.0106  52  THR A OG1 
405 C  CG2 . THR A 52 ? 0.1701 0.1649 0.1729 -0.0111 0.0157  0.0048  52  THR A CG2 
406 N  N   . GLU A 53 ? 0.1043 0.1338 0.1383 0.0205  0.0163  0.0071  53  GLU A N   
407 C  CA  . GLU A 53 ? 0.1182 0.1346 0.1356 0.0235  0.0155  0.0098  53  GLU A CA  
408 C  C   . GLU A 53 ? 0.1222 0.1273 0.1537 0.0269  0.0243  0.0072  53  GLU A C   
409 O  O   . GLU A 53 ? 0.1331 0.1473 0.1991 0.0278  0.0155  0.0142  53  GLU A O   
410 C  CB  . GLU A 53 ? 0.1550 0.1763 0.1437 0.0203  0.0030  0.0143  53  GLU A CB  
411 C  CG  . GLU A 53 ? 0.1700 0.2042 0.1854 0.0014  0.0057  -0.0042 53  GLU A CG  
412 C  CD  . GLU A 53 ? 0.2070 0.2178 0.1816 -0.0042 0.0040  0.0059  53  GLU A CD  
413 O  OE1 . GLU A 53 ? 0.2040 0.2113 0.1714 -0.0080 -0.0024 -0.0406 53  GLU A OE1 
414 O  OE2 . GLU A 53 ? 0.2338 0.2598 0.2481 -0.0181 0.0269  0.0097  53  GLU A OE2 
415 N  N   . ILE A 54 ? 0.1054 0.1124 0.1176 0.0192  0.0096  -0.0070 54  ILE A N   
416 C  CA  . ILE A 54 ? 0.1190 0.1135 0.1186 0.0156  0.0149  -0.0103 54  ILE A CA  
417 C  C   . ILE A 54 ? 0.1042 0.1295 0.1097 0.0136  0.0125  -0.0183 54  ILE A C   
418 O  O   . ILE A 54 ? 0.1416 0.1285 0.1272 0.0102  0.0173  -0.0308 54  ILE A O   
419 C  CB  . ILE A 54 ? 0.1215 0.1057 0.1176 0.0193  0.0145  -0.0167 54  ILE A CB  
420 C  CG1 . ILE A 54 ? 0.1446 0.1051 0.1173 0.0250  0.0049  -0.0144 54  ILE A CG1 
421 C  CG2 . ILE A 54 ? 0.1230 0.1206 0.1309 0.0094  0.0170  -0.0306 54  ILE A CG2 
422 C  CD1 . ILE A 54 ? 0.1761 0.1390 0.1453 0.0160  -0.0095 -0.0137 54  ILE A CD1 
423 N  N   . PRO A 55 ? 0.0982 0.1375 0.0964 0.0086  0.0132  -0.0183 55  PRO A N   
424 C  CA  . PRO A 55 ? 0.1036 0.1569 0.1135 0.0048  0.0115  -0.0100 55  PRO A CA  
425 C  C   . PRO A 55 ? 0.0956 0.1310 0.0952 -0.0047 0.0157  -0.0095 55  PRO A C   
426 O  O   . PRO A 55 ? 0.0836 0.1122 0.0907 0.0048  0.0023  -0.0134 55  PRO A O   
427 C  CB  . PRO A 55 ? 0.1066 0.1828 0.1361 0.0095  0.0020  0.0015  55  PRO A CB  
428 C  CG  . PRO A 55 ? 0.1744 0.1969 0.1484 0.0214  0.0017  -0.0037 55  PRO A CG  
429 C  CD  . PRO A 55 ? 0.1175 0.1517 0.1322 0.0180  0.0101  -0.0052 55  PRO A CD  
430 N  N   A ASP A 56 ? 0.0967 0.1398 0.1042 -0.0047 0.0201  -0.0163 56  ASP A N   
431 N  N   B ASP A 56 ? 0.0972 0.1313 0.1021 -0.0041 0.0152  -0.0120 56  ASP A N   
432 C  CA  A ASP A 56 ? 0.1006 0.1292 0.1054 0.0028  0.0137  -0.0198 56  ASP A CA  
433 C  CA  B ASP A 56 ? 0.1022 0.1210 0.1024 0.0010  0.0141  -0.0141 56  ASP A CA  
434 C  C   A ASP A 56 ? 0.1038 0.1323 0.0994 0.0026  0.0075  -0.0141 56  ASP A C   
435 C  C   B ASP A 56 ? 0.1126 0.1310 0.1027 -0.0002 0.0076  -0.0071 56  ASP A C   
436 O  O   A ASP A 56 ? 0.0954 0.1410 0.0896 -0.0026 0.0129  -0.0176 56  ASP A O   
437 O  O   B ASP A 56 ? 0.1122 0.1362 0.0999 -0.0021 0.0120  -0.0036 56  ASP A O   
438 C  CB  A ASP A 56 ? 0.1216 0.1340 0.1161 0.0115  0.0149  -0.0195 56  ASP A CB  
439 C  CB  B ASP A 56 ? 0.0992 0.1204 0.0913 0.0084  0.0115  -0.0113 56  ASP A CB  
440 C  CG  A ASP A 56 ? 0.1267 0.1447 0.1126 0.0111  0.0220  -0.0184 56  ASP A CG  
441 C  CG  B ASP A 56 ? 0.1075 0.1018 0.1090 0.0027  0.0128  -0.0188 56  ASP A CG  
442 O  OD1 A ASP A 56 ? 0.1357 0.1545 0.1264 0.0030  0.0003  -0.0101 56  ASP A OD1 
443 O  OD1 B ASP A 56 ? 0.1516 0.0984 0.1303 -0.0004 -0.0049 -0.0257 56  ASP A OD1 
444 O  OD2 A ASP A 56 ? 0.1580 0.1478 0.1510 0.0091  0.0108  -0.0015 56  ASP A OD2 
445 O  OD2 B ASP A 56 ? 0.1189 0.1200 0.1181 -0.0069 0.0380  -0.0307 56  ASP A OD2 
446 N  N   . GLU A 57 ? 0.1365 0.1446 0.1021 0.0021  0.0037  -0.0026 57  GLU A N   
447 C  CA  . GLU A 57 ? 0.1728 0.1606 0.1409 -0.0059 0.0068  0.0059  57  GLU A CA  
448 C  C   . GLU A 57 ? 0.1484 0.1461 0.1267 -0.0073 0.0129  0.0091  57  GLU A C   
449 O  O   . GLU A 57 ? 0.1731 0.1605 0.1496 -0.0249 0.0361  -0.0021 57  GLU A O   
450 C  CB  . GLU A 57 ? 0.2208 0.2048 0.1841 0.0042  -0.0165 0.0110  57  GLU A CB  
451 C  CG  . GLU A 57 ? 0.3033 0.2651 0.2907 -0.0217 -0.0011 0.0154  57  GLU A CG  
452 C  CD  . GLU A 57 ? 0.3703 0.3641 0.3844 0.0175  0.0000  0.0033  57  GLU A CD  
453 O  OE1 . GLU A 57 ? 0.3911 0.4062 0.4099 -0.0035 -0.0022 0.0040  57  GLU A OE1 
454 O  OE2 . GLU A 57 ? 0.4375 0.4045 0.4370 -0.0059 -0.0042 0.0014  57  GLU A OE2 
455 N  N   . GLU A 58 ? 0.1059 0.1055 0.1123 0.0148  0.0107  0.0123  58  GLU A N   
456 C  CA  . GLU A 58 ? 0.1016 0.1004 0.1073 0.0167  0.0135  0.0007  58  GLU A CA  
457 C  C   . GLU A 58 ? 0.0824 0.1040 0.1033 0.0124  0.0067  -0.0026 58  GLU A C   
458 O  O   . GLU A 58 ? 0.1020 0.1294 0.1322 0.0046  -0.0152 -0.0047 58  GLU A O   
459 C  CB  . GLU A 58 ? 0.1016 0.1040 0.1154 0.0257  0.0227  0.0085  58  GLU A CB  
460 C  CG  . GLU A 58 ? 0.1388 0.1195 0.1440 0.0356  0.0287  0.0101  58  GLU A CG  
461 C  CD  . GLU A 58 ? 0.1356 0.1089 0.1196 0.0201  0.0165  0.0032  58  GLU A CD  
462 O  OE1 . GLU A 58 ? 0.1430 0.1362 0.1432 0.0237  0.0008  0.0042  58  GLU A OE1 
463 O  OE2 . GLU A 58 ? 0.1486 0.1197 0.1332 0.0344  0.0080  -0.0116 58  GLU A OE2 
464 N  N   . ALA A 59 ? 0.0942 0.0969 0.0935 0.0217  0.0043  0.0033  59  ALA A N   
465 C  CA  . ALA A 59 ? 0.0957 0.1172 0.1000 0.0211  0.0016  -0.0087 59  ALA A CA  
466 C  C   . ALA A 59 ? 0.0931 0.1436 0.1086 0.0124  -0.0059 -0.0148 59  ALA A C   
467 O  O   . ALA A 59 ? 0.0971 0.1411 0.1275 0.0232  -0.0142 -0.0087 59  ALA A O   
468 C  CB  . ALA A 59 ? 0.1107 0.1038 0.1082 0.0150  0.0073  -0.0033 59  ALA A CB  
469 N  N   . GLU A 60 ? 0.0985 0.1695 0.1214 0.0125  0.0093  -0.0012 60  GLU A N   
470 C  CA  . GLU A 60 ? 0.1228 0.1923 0.1459 0.0083  0.0081  -0.0074 60  GLU A CA  
471 C  C   . GLU A 60 ? 0.1202 0.1980 0.1453 0.0004  0.0013  0.0014  60  GLU A C   
472 O  O   . GLU A 60 ? 0.1151 0.2429 0.1968 -0.0010 0.0013  -0.0015 60  GLU A O   
473 C  CB  . GLU A 60 ? 0.1584 0.2008 0.1569 0.0025  0.0180  0.0029  60  GLU A CB  
474 C  CG  . GLU A 60 ? 0.1887 0.2087 0.2095 0.0004  0.0120  -0.0088 60  GLU A CG  
475 C  CD  . GLU A 60 ? 0.2258 0.2677 0.2872 0.0121  0.0034  -0.0034 60  GLU A CD  
476 O  OE1 . GLU A 60 ? 0.2678 0.2902 0.2978 0.0038  0.0001  -0.0242 60  GLU A OE1 
477 O  OE2 . GLU A 60 ? 0.2486 0.3036 0.3241 -0.0075 0.0018  -0.0222 60  GLU A OE2 
478 N  N   . LYS A 61 ? 0.1340 0.1798 0.1451 0.0005  -0.0130 0.0141  61  LYS A N   
479 C  CA  . LYS A 61 ? 0.1474 0.1884 0.1615 -0.0069 -0.0119 0.0114  61  LYS A CA  
480 C  C   . LYS A 61 ? 0.1081 0.1615 0.1438 -0.0115 -0.0113 0.0037  61  LYS A C   
481 O  O   . LYS A 61 ? 0.1654 0.1729 0.1818 -0.0345 -0.0115 0.0030  61  LYS A O   
482 C  CB  . LYS A 61 ? 0.2006 0.1878 0.2103 -0.0117 -0.0104 0.0103  61  LYS A CB  
483 C  CG  . LYS A 61 ? 0.2612 0.2571 0.2497 -0.0055 -0.0293 0.0144  61  LYS A CG  
484 C  CD  . LYS A 61 ? 0.3309 0.3356 0.3281 0.0065  -0.0004 -0.0065 61  LYS A CD  
485 C  CE  . LYS A 61 ? 0.3676 0.3682 0.3632 -0.0014 0.0056  0.0035  61  LYS A CE  
486 N  NZ  . LYS A 61 ? 0.3683 0.3896 0.3737 0.0115  -0.0003 -0.0057 61  LYS A NZ  
487 N  N   . ILE A 62 ? 0.0827 0.1561 0.1195 0.0020  -0.0087 0.0096  62  ILE A N   
488 C  CA  . ILE A 62 ? 0.0567 0.1461 0.1133 0.0023  -0.0098 -0.0052 62  ILE A CA  
489 C  C   . ILE A 62 ? 0.0717 0.1141 0.0927 0.0017  -0.0055 -0.0063 62  ILE A C   
490 O  O   . ILE A 62 ? 0.0671 0.1220 0.1284 -0.0064 0.0047  -0.0153 62  ILE A O   
491 C  CB  . ILE A 62 ? 0.0542 0.1495 0.1000 0.0061  -0.0078 -0.0006 62  ILE A CB  
492 C  CG1 . ILE A 62 ? 0.0830 0.1587 0.1421 0.0127  -0.0020 -0.0198 62  ILE A CG1 
493 C  CG2 . ILE A 62 ? 0.0959 0.1484 0.1075 0.0003  -0.0120 -0.0115 62  ILE A CG2 
494 C  CD1 . ILE A 62 ? 0.0776 0.1706 0.1343 0.0047  -0.0067 -0.0211 62  ILE A CD1 
495 N  N   . THR A 63 ? 0.0557 0.1149 0.0966 -0.0036 -0.0099 0.0000  63  THR A N   
496 C  CA  . THR A 63 ? 0.0563 0.1136 0.0825 -0.0028 0.0018  0.0152  63  THR A CA  
497 C  C   . THR A 63 ? 0.0519 0.0958 0.0789 -0.0054 0.0018  0.0128  63  THR A C   
498 O  O   . THR A 63 ? 0.0582 0.0876 0.0780 -0.0051 -0.0018 0.0105  63  THR A O   
499 C  CB  . THR A 63 ? 0.0810 0.1456 0.0902 -0.0041 -0.0041 0.0088  63  THR A CB  
500 O  OG1 . THR A 63 ? 0.0988 0.1382 0.1403 -0.0157 -0.0075 0.0542  63  THR A OG1 
501 C  CG2 . THR A 63 ? 0.0915 0.2018 0.1010 -0.0209 -0.0127 0.0197  63  THR A CG2 
502 N  N   . THR A 64 ? 0.0684 0.0884 0.0664 -0.0012 -0.0016 0.0041  64  THR A N   
503 C  CA  . THR A 64 ? 0.0627 0.0962 0.0801 -0.0061 0.0026  0.0102  64  THR A CA  
504 C  C   . THR A 64 ? 0.0607 0.0714 0.0774 0.0038  0.0026  0.0130  64  THR A C   
505 O  O   . THR A 64 ? 0.0559 0.0806 0.0865 -0.0046 -0.0015 0.0090  64  THR A O   
506 C  CB  . THR A 64 ? 0.0642 0.0913 0.0920 -0.0059 0.0126  0.0058  64  THR A CB  
507 O  OG1 . THR A 64 ? 0.0778 0.0907 0.1220 0.0016  0.0071  0.0141  64  THR A OG1 
508 C  CG2 . THR A 64 ? 0.0940 0.1219 0.1121 -0.0225 0.0245  0.0151  64  THR A CG2 
509 N  N   . VAL A 65 ? 0.0630 0.0901 0.0758 0.0019  -0.0078 0.0070  65  VAL A N   
510 C  CA  . VAL A 65 ? 0.0690 0.0834 0.0742 0.0094  0.0049  0.0015  65  VAL A CA  
511 C  C   . VAL A 65 ? 0.0620 0.0623 0.0751 -0.0050 -0.0001 0.0089  65  VAL A C   
512 O  O   . VAL A 65 ? 0.0661 0.0836 0.0817 0.0020  -0.0011 0.0159  65  VAL A O   
513 C  CB  . VAL A 65 ? 0.0640 0.0699 0.0846 0.0058  -0.0086 0.0072  65  VAL A CB  
514 C  CG1 . VAL A 65 ? 0.0814 0.0732 0.0892 0.0031  0.0206  0.0005  65  VAL A CG1 
515 C  CG2 . VAL A 65 ? 0.0603 0.0855 0.0993 0.0153  -0.0004 0.0092  65  VAL A CG2 
516 N  N   . GLN A 66 ? 0.0689 0.0715 0.0969 -0.0008 0.0005  0.0063  66  GLN A N   
517 C  CA  . GLN A 66 ? 0.0749 0.0687 0.1043 -0.0029 -0.0177 -0.0013 66  GLN A CA  
518 C  C   . GLN A 66 ? 0.0654 0.0716 0.0900 -0.0004 0.0003  0.0092  66  GLN A C   
519 O  O   . GLN A 66 ? 0.0646 0.0842 0.0996 0.0039  -0.0006 0.0027  66  GLN A O   
520 C  CB  . GLN A 66 ? 0.0870 0.0640 0.1190 -0.0075 -0.0092 0.0057  66  GLN A CB  
521 C  CG  . GLN A 66 ? 0.1135 0.0868 0.1455 0.0010  -0.0135 0.0072  66  GLN A CG  
522 C  CD  . GLN A 66 ? 0.1017 0.0966 0.1403 0.0189  -0.0242 -0.0115 66  GLN A CD  
523 O  OE1 . GLN A 66 ? 0.1286 0.1444 0.1635 0.0191  -0.0142 -0.0188 66  GLN A OE1 
524 N  NE2 . GLN A 66 ? 0.1015 0.1014 0.1271 0.0279  -0.0279 -0.0067 66  GLN A NE2 
525 N  N   . ALA A 67 ? 0.0658 0.0778 0.0856 0.0002  -0.0065 0.0132  67  ALA A N   
526 C  CA  . ALA A 67 ? 0.0623 0.0992 0.0829 0.0001  0.0009  0.0093  67  ALA A CA  
527 C  C   . ALA A 67 ? 0.0572 0.0896 0.0887 -0.0067 -0.0042 0.0139  67  ALA A C   
528 O  O   . ALA A 67 ? 0.0578 0.0924 0.0913 0.0075  -0.0072 0.0206  67  ALA A O   
529 C  CB  . ALA A 67 ? 0.0631 0.1204 0.0908 -0.0070 -0.0044 0.0113  67  ALA A CB  
530 N  N   . ALA A 68 ? 0.0595 0.0841 0.0747 0.0012  0.0020  0.0109  68  ALA A N   
531 C  CA  . ALA A 68 ? 0.0672 0.0745 0.0909 -0.0003 0.0069  0.0039  68  ALA A CA  
532 C  C   . ALA A 68 ? 0.0602 0.0823 0.0763 -0.0056 -0.0045 0.0022  68  ALA A C   
533 O  O   . ALA A 68 ? 0.0560 0.0915 0.0886 0.0040  0.0007  0.0069  68  ALA A O   
534 C  CB  . ALA A 68 ? 0.0647 0.0833 0.0878 0.0037  0.0060  0.0033  68  ALA A CB  
535 N  N   . ILE A 69 ? 0.0622 0.0733 0.0750 0.0053  -0.0038 0.0026  69  ILE A N   
536 C  CA  . ILE A 69 ? 0.0750 0.0834 0.0770 0.0049  -0.0010 0.0021  69  ILE A CA  
537 C  C   . ILE A 69 ? 0.0627 0.0820 0.0830 0.0085  -0.0070 -0.0007 69  ILE A C   
538 O  O   . ILE A 69 ? 0.0584 0.0908 0.1004 0.0120  -0.0055 0.0006  69  ILE A O   
539 C  CB  . ILE A 69 ? 0.0698 0.0916 0.0862 0.0135  -0.0046 -0.0114 69  ILE A CB  
540 C  CG1 . ILE A 69 ? 0.0700 0.0829 0.0921 0.0048  -0.0067 0.0065  69  ILE A CG1 
541 C  CG2 . ILE A 69 ? 0.1000 0.1131 0.1224 0.0191  -0.0009 -0.0236 69  ILE A CG2 
542 C  CD1 . ILE A 69 ? 0.0988 0.1172 0.1017 0.0177  -0.0148 -0.0274 69  ILE A CD1 
543 N  N   . ASP A 70 ? 0.0719 0.0845 0.1010 0.0091  -0.0073 0.0125  70  ASP A N   
544 C  CA  . ASP A 70 ? 0.0707 0.0753 0.1198 0.0043  -0.0059 0.0091  70  ASP A CA  
545 C  C   . ASP A 70 ? 0.0696 0.0795 0.1066 0.0058  -0.0009 0.0122  70  ASP A C   
546 O  O   . ASP A 70 ? 0.0654 0.0903 0.1178 0.0106  -0.0081 0.0031  70  ASP A O   
547 C  CB  . ASP A 70 ? 0.0698 0.0964 0.1381 -0.0011 -0.0089 0.0198  70  ASP A CB  
548 C  CG  . ASP A 70 ? 0.1208 0.1051 0.1693 -0.0056 -0.0214 0.0270  70  ASP A CG  
549 O  OD1 . ASP A 70 ? 0.1250 0.0866 0.1917 0.0032  -0.0321 0.0011  70  ASP A OD1 
550 O  OD2 . ASP A 70 ? 0.1662 0.1472 0.2100 -0.0440 -0.0166 0.0457  70  ASP A OD2 
551 N  N   . TYR A 71 ? 0.0701 0.0849 0.1102 0.0068  -0.0006 0.0033  71  TYR A N   
552 C  CA  . TYR A 71 ? 0.0619 0.0805 0.0899 0.0191  0.0061  -0.0027 71  TYR A CA  
553 C  C   . TYR A 71 ? 0.0601 0.0725 0.0816 0.0185  -0.0025 0.0030  71  TYR A C   
554 O  O   . TYR A 71 ? 0.0497 0.0857 0.0889 0.0138  0.0024  -0.0004 71  TYR A O   
555 C  CB  . TYR A 71 ? 0.0690 0.1091 0.0855 0.0232  0.0095  -0.0028 71  TYR A CB  
556 C  CG  . TYR A 71 ? 0.0763 0.0913 0.0831 0.0278  0.0037  -0.0151 71  TYR A CG  
557 C  CD1 . TYR A 71 ? 0.1068 0.1102 0.0902 0.0442  -0.0036 -0.0201 71  TYR A CD1 
558 C  CD2 . TYR A 71 ? 0.0920 0.0966 0.1076 0.0062  0.0225  -0.0214 71  TYR A CD2 
559 C  CE1 . TYR A 71 ? 0.1252 0.0899 0.1280 0.0211  0.0001  -0.0300 71  TYR A CE1 
560 C  CE2 . TYR A 71 ? 0.1125 0.0887 0.1159 0.0148  0.0160  -0.0281 71  TYR A CE2 
561 C  CZ  . TYR A 71 ? 0.0960 0.0956 0.1143 0.0325  0.0007  -0.0244 71  TYR A CZ  
562 O  OH  . TYR A 71 ? 0.1217 0.1174 0.1319 0.0211  -0.0201 -0.0321 71  TYR A OH  
563 N  N   . ILE A 72 ? 0.0693 0.0764 0.0888 0.0078  0.0070  0.0092  72  ILE A N   
564 C  CA  . ILE A 72 ? 0.0794 0.0928 0.0903 0.0032  -0.0042 0.0077  72  ILE A CA  
565 C  C   . ILE A 72 ? 0.0655 0.0892 0.0913 -0.0049 -0.0008 0.0160  72  ILE A C   
566 O  O   . ILE A 72 ? 0.0711 0.0977 0.1043 -0.0034 0.0078  0.0036  72  ILE A O   
567 C  CB  . ILE A 72 ? 0.0880 0.0764 0.0923 0.0097  -0.0174 0.0116  72  ILE A CB  
568 C  CG1 . ILE A 72 ? 0.0909 0.0833 0.1291 0.0074  -0.0173 0.0083  72  ILE A CG1 
569 C  CG2 . ILE A 72 ? 0.1163 0.1026 0.0954 0.0004  -0.0089 0.0206  72  ILE A CG2 
570 C  CD1 . ILE A 72 ? 0.1012 0.0889 0.1009 0.0014  -0.0115 0.0043  72  ILE A CD1 
571 N  N   . ASN A 73 ? 0.0888 0.0859 0.0896 0.0093  -0.0065 0.0012  73  ASN A N   
572 C  CA  . ASN A 73 ? 0.0983 0.1087 0.0964 0.0077  0.0063  -0.0130 73  ASN A CA  
573 C  C   . ASN A 73 ? 0.0694 0.0981 0.1035 0.0045  0.0126  -0.0073 73  ASN A C   
574 O  O   . ASN A 73 ? 0.1258 0.1235 0.1238 0.0395  0.0344  0.0052  73  ASN A O   
575 C  CB  . ASN A 73 ? 0.1155 0.1296 0.1282 0.0005  -0.0047 -0.0189 73  ASN A CB  
576 C  CG  . ASN A 73 ? 0.1630 0.1602 0.1516 -0.0079 -0.0030 -0.0215 73  ASN A CG  
577 O  OD1 . ASN A 73 ? 0.2249 0.2331 0.1580 -0.0313 -0.0314 0.0231  73  ASN A OD1 
578 N  ND2 . ASN A 73 ? 0.1709 0.1945 0.2087 0.0123  -0.0329 -0.0218 73  ASN A ND2 
579 N  N   . GLY A 74 ? 0.0650 0.0865 0.0958 0.0129  0.0007  -0.0028 74  GLY A N   
580 C  CA  . GLY A 74 ? 0.0770 0.0753 0.1091 0.0146  -0.0017 -0.0033 74  GLY A CA  
581 C  C   . GLY A 74 ? 0.0641 0.0735 0.0921 0.0193  0.0044  -0.0039 74  GLY A C   
582 O  O   . GLY A 74 ? 0.0793 0.0779 0.0950 0.0195  0.0050  0.0082  74  GLY A O   
583 N  N   . HIS A 75 ? 0.0767 0.0722 0.0924 0.0071  0.0060  -0.0018 75  HIS A N   
584 C  CA  . HIS A 75 ? 0.0694 0.0879 0.1041 0.0047  0.0163  -0.0060 75  HIS A CA  
585 C  C   . HIS A 75 ? 0.0895 0.0878 0.1135 -0.0038 0.0194  -0.0066 75  HIS A C   
586 O  O   . HIS A 75 ? 0.1321 0.1031 0.1289 -0.0169 0.0214  -0.0084 75  HIS A O   
587 C  CB  . HIS A 75 ? 0.0707 0.0862 0.0943 -0.0002 0.0015  -0.0122 75  HIS A CB  
588 C  CG  . HIS A 75 ? 0.0685 0.0711 0.0958 0.0101  0.0008  -0.0088 75  HIS A CG  
589 N  ND1 . HIS A 75 ? 0.0658 0.0790 0.0901 0.0193  0.0085  -0.0035 75  HIS A ND1 
590 C  CD2 . HIS A 75 ? 0.0806 0.0813 0.0872 0.0110  -0.0062 -0.0153 75  HIS A CD2 
591 C  CE1 . HIS A 75 ? 0.0796 0.0800 0.0866 0.0163  0.0004  -0.0058 75  HIS A CE1 
592 N  NE2 . HIS A 75 ? 0.0939 0.0744 0.0873 0.0176  -0.0061 -0.0096 75  HIS A NE2 
593 N  N   . GLN A 76 ? 0.0873 0.1195 0.1341 -0.0152 0.0394  -0.0025 76  GLN A N   
594 C  CA  . GLN A 76 ? 0.1380 0.1469 0.1502 -0.0056 0.0251  0.0016  76  GLN A CA  
595 C  C   . GLN A 76 ? 0.1444 0.1601 0.1746 0.0072  0.0123  0.0055  76  GLN A C   
596 O  O   . GLN A 76 ? 0.1570 0.1811 0.1831 0.0424  0.0133  -0.0054 76  GLN A O   
597 C  CB  . GLN A 76 ? 0.1461 0.1456 0.1400 -0.0188 0.0335  0.0002  76  GLN A CB  
598 C  CG  . GLN A 76 ? 0.1427 0.1264 0.1591 0.0177  0.0137  0.0122  76  GLN A CG  
599 C  CD  . GLN A 76 ? 0.1361 0.1676 0.1181 0.0366  0.0210  0.0232  76  GLN A CD  
600 O  OE1 . GLN A 76 ? 0.1897 0.2133 0.1246 0.0174  0.0416  0.0210  76  GLN A OE1 
601 N  NE2 . GLN A 76 ? 0.1546 0.1643 0.1410 0.0357  0.0044  0.0016  76  GLN A NE2 
602 N  N   . ALA A 77 ? 0.1704 0.1885 0.2214 0.0062  0.0132  0.0067  77  ALA A N   
603 C  CA  . ALA A 77 ? 0.2021 0.2022 0.2428 -0.0003 0.0088  0.0044  77  ALA A CA  
604 C  C   . ALA A 77 ? 0.2233 0.2344 0.2604 0.0077  0.0095  0.0008  77  ALA A C   
605 O  O   . ALA A 77 ? 0.2331 0.2509 0.2651 -0.0001 0.0184  0.0039  77  ALA A O   
606 C  CB  . ALA A 77 ? 0.2188 0.1980 0.2542 -0.0014 0.0016  0.0102  77  ALA A CB  
607 O  OXT . ALA A 77 ? 0.2412 0.2793 0.2881 -0.0015 0.0033  -0.0007 77  ALA A OXT 
608 ZN ZN  . ZN  B .  ? 0.0715 0.0900 0.0903 0.0179  -0.0051 0.0022  201 ZN  A ZN  
609 ZN ZN  . ZN  C .  ? 0.1080 0.0886 0.0862 0.0210  -0.0012 -0.0079 202 ZN  A ZN  
610 ZN ZN  . ZN  D .  ? 0.1653 0.1522 0.0883 -0.0202 0.0013  -0.0110 203 ZN  A ZN  
611 ZN ZN  . ZN  E .  ? 0.0975 0.1926 0.1141 -0.0021 0.0341  0.0310  204 ZN  A ZN  
612 ZN ZN  . ZN  F .  ? 0.0998 0.1021 0.2080 -0.0510 0.0086  -0.0388 205 ZN  A ZN  
613 ZN ZN  . ZN  G .  ? 0.1106 0.1363 0.1330 0.0132  -0.0009 -0.0307 206 ZN  A ZN  
614 ZN ZN  . ZN  H .  ? 0.1680 0.1196 0.1722 0.0349  0.0509  -0.0106 207 ZN  A ZN  
615 ZN ZN  . ZN  I .  ? 0.1473 0.1467 0.1773 0.0455  0.0497  0.0273  208 ZN  A ZN  
616 ZN ZN  . ZN  J .  ? 0.1345 0.1448 0.2984 -0.0204 0.0178  -0.0426 209 ZN  A ZN  
617 ZN ZN  . ZN  K .  ? 0.1606 0.2358 0.1591 -0.0512 -0.0045 -0.0010 210 ZN  A ZN  
618 N  N1  . IMD L .  ? 0.1318 0.1317 0.1115 0.0223  0.0049  0.0032  301 IMD A N1  
619 C  C2  . IMD L .  ? 0.0976 0.1061 0.1088 0.0096  0.0005  0.0064  301 IMD A C2  
620 N  N3  . IMD L .  ? 0.0811 0.0945 0.0825 0.0101  -0.0059 0.0091  301 IMD A N3  
621 C  C4  . IMD L .  ? 0.1053 0.1141 0.0819 0.0187  -0.0141 0.0156  301 IMD A C4  
622 C  C5  . IMD L .  ? 0.1121 0.1375 0.1065 0.0252  0.0050  0.0144  301 IMD A C5  
623 N  N1  . IMD M .  ? 0.1376 0.2163 0.1552 -0.0027 0.0191  0.0222  302 IMD A N1  
624 C  C2  . IMD M .  ? 0.1694 0.1935 0.1656 0.0032  0.0101  0.0035  302 IMD A C2  
625 N  N3  . IMD M .  ? 0.1339 0.1952 0.1455 0.0118  0.0039  0.0212  302 IMD A N3  
626 C  C4  . IMD M .  ? 0.1522 0.1983 0.1390 0.0029  -0.0117 0.0259  302 IMD A C4  
627 C  C5  . IMD M .  ? 0.1483 0.1998 0.1517 -0.0140 0.0333  0.0229  302 IMD A C5  
628 N  N1  . IMD N .  ? 0.1761 0.1720 0.1936 -0.0002 0.0073  -0.0182 303 IMD A N1  
629 C  C2  . IMD N .  ? 0.1758 0.1684 0.2020 -0.0007 0.0098  -0.0054 303 IMD A C2  
630 N  N3  . IMD N .  ? 0.1881 0.1228 0.1909 -0.0127 0.0043  0.0002  303 IMD A N3  
631 C  C4  . IMD N .  ? 0.1820 0.1437 0.2034 -0.0292 0.0059  -0.0097 303 IMD A C4  
632 C  C5  . IMD N .  ? 0.1617 0.1596 0.1993 -0.0260 0.0047  0.0004  303 IMD A C5  
633 N  N1  . IMD O .  ? 0.1482 0.1080 0.1310 0.0083  -0.0273 -0.0119 304 IMD A N1  
634 C  C2  . IMD O .  ? 0.1579 0.1670 0.1327 0.0065  -0.0174 -0.0145 304 IMD A C2  
635 N  N3  . IMD O .  ? 0.1749 0.1969 0.1934 -0.0085 -0.0158 0.0012  304 IMD A N3  
636 C  C4  . IMD O .  ? 0.1441 0.1571 0.1802 -0.0002 -0.0137 -0.0047 304 IMD A C4  
637 C  C5  . IMD O .  ? 0.1335 0.1473 0.1860 -0.0059 0.0029  -0.0131 304 IMD A C5  
638 N  N1  . IMD P .  ? 0.2318 0.2054 0.1910 0.0239  0.0375  -0.0031 305 IMD A N1  
639 C  C2  . IMD P .  ? 0.1852 0.2075 0.2267 0.0086  0.0272  -0.0126 305 IMD A C2  
640 N  N3  . IMD P .  ? 0.2222 0.1922 0.2276 0.0207  0.0213  -0.0005 305 IMD A N3  
641 C  C4  . IMD P .  ? 0.2366 0.2179 0.2156 0.0075  0.0149  0.0074  305 IMD A C4  
642 C  C5  . IMD P .  ? 0.2316 0.2174 0.2248 0.0117  0.0166  0.0161  305 IMD A C5  
643 N  N1  . IMD Q .  ? 0.2879 0.2350 0.2653 0.0147  0.0049  -0.0043 306 IMD A N1  
644 C  C2  . IMD Q .  ? 0.3112 0.2911 0.2823 -0.0063 0.0070  -0.0383 306 IMD A C2  
645 N  N3  . IMD Q .  ? 0.2760 0.2811 0.3027 -0.0040 0.0050  -0.0039 306 IMD A N3  
646 C  C4  . IMD Q .  ? 0.2199 0.2603 0.2758 0.0049  -0.0009 0.0014  306 IMD A C4  
647 C  C5  . IMD Q .  ? 0.2793 0.2602 0.2745 0.0028  -0.0054 -0.0022 306 IMD A C5  
648 O  O   . HOH R .  ? 0.1034 0.1104 0.0850 0.0079  -0.0028 0.0022  307 HOH A O   
649 O  O   . HOH R .  ? 0.0978 0.1012 0.1254 0.0186  0.0087  -0.0088 308 HOH A O   
650 O  O   . HOH R .  ? 0.1292 0.1194 0.1613 0.0115  -0.0112 -0.0099 309 HOH A O   
651 O  O   . HOH R .  ? 0.1855 0.1450 0.0925 0.0385  -0.0199 0.0083  310 HOH A O   
652 O  O   . HOH R .  ? 0.1463 0.1067 0.1767 0.0177  -0.0112 0.0084  311 HOH A O   
653 O  O   . HOH R .  ? 0.1908 0.1295 0.1655 -0.0011 -0.0004 0.0205  312 HOH A O   
654 O  O   . HOH R .  ? 0.1902 0.1321 0.2086 0.0254  0.0150  -0.0158 313 HOH A O   
655 O  O   . HOH R .  ? 0.1492 0.1303 0.2285 0.0085  0.0139  0.0043  314 HOH A O   
656 O  O   . HOH R .  ? 0.1521 0.1716 0.2252 -0.0173 0.0437  -0.0388 315 HOH A O   
657 O  O   . HOH R .  ? 0.1526 0.1741 0.1504 -0.0004 0.0122  -0.0007 316 HOH A O   
658 O  O   . HOH R .  ? 0.2283 0.2078 0.1802 0.0188  -0.0218 -0.0277 317 HOH A O   
659 O  O   . HOH R .  ? 0.1388 0.1347 0.2604 -0.0004 0.0072  0.0191  318 HOH A O   
660 O  O   . HOH R .  ? 0.2121 0.2318 0.1701 -0.0187 0.0046  -0.0071 319 HOH A O   
661 O  O   . HOH R .  ? 0.2061 0.1789 0.2119 -0.0008 0.0273  0.0024  320 HOH A O   
662 O  O   . HOH R .  ? 0.2410 0.1538 0.2113 0.0262  0.0243  0.0040  321 HOH A O   
663 O  O   . HOH R .  ? 0.1848 0.1865 0.2028 -0.0005 -0.0363 -0.0243 322 HOH A O   
664 O  O   . HOH R .  ? 0.1441 0.2365 0.1806 0.0187  -0.0185 -0.0040 323 HOH A O   
665 O  O   . HOH R .  ? 0.2554 0.1655 0.1845 -0.0340 0.0408  0.0208  324 HOH A O   
666 O  O   . HOH R .  ? 0.1721 0.1602 0.2512 -0.0145 -0.0141 -0.0091 325 HOH A O   
667 O  O   . HOH R .  ? 0.1111 0.2024 0.3306 0.0027  -0.0082 0.0813  326 HOH A O   
668 O  O   . HOH R .  ? 0.2072 0.2092 0.1744 -0.0046 0.0053  0.0380  327 HOH A O   
669 O  O   . HOH R .  ? 0.2012 0.2605 0.1975 0.0291  -0.0096 -0.0557 328 HOH A O   
670 O  O   . HOH R .  ? 0.1750 0.2832 0.2095 0.0371  0.0252  -0.0022 329 HOH A O   
671 O  O   . HOH R .  ? 0.2807 0.2485 0.1939 -0.0393 -0.0162 0.0014  330 HOH A O   
672 O  O   . HOH R .  ? 0.2364 0.2131 0.2248 0.0227  0.0226  -0.0009 331 HOH A O   
673 O  O   . HOH R .  ? 0.2093 0.1908 0.2018 -0.0267 0.0192  -0.0368 332 HOH A O   
674 O  O   . HOH R .  ? 0.2301 0.2277 0.2860 0.0431  -0.0045 -0.0067 333 HOH A O   
675 O  O   . HOH R .  ? 0.2018 0.2045 0.2476 0.0098  0.0112  0.0288  334 HOH A O   
676 O  O   . HOH R .  ? 0.1966 0.2233 0.1857 -0.0018 -0.0503 -0.0009 335 HOH A O   
677 O  O   . HOH R .  ? 0.2508 0.2541 0.2287 -0.0102 -0.0099 0.0106  336 HOH A O   
678 O  O   . HOH R .  ? 0.2460 0.2348 0.2758 0.0598  -0.0072 -0.0354 337 HOH A O   
679 O  O   . HOH R .  ? 0.1709 0.2804 0.2033 0.0000  0.0010  -0.0462 338 HOH A O   
680 O  O   . HOH R .  ? 0.2378 0.2169 0.2868 0.0164  0.0043  0.0195  339 HOH A O   
681 O  O   . HOH R .  ? 0.2272 0.3147 0.2550 0.0006  -0.0303 0.0328  340 HOH A O   
682 O  O   . HOH R .  ? 0.2105 0.2438 0.2529 0.0167  0.0195  0.0069  341 HOH A O   
683 O  O   . HOH R .  ? 0.2246 0.2719 0.2829 0.0198  0.0259  -0.0611 342 HOH A O   
684 O  O   . HOH R .  ? 0.2738 0.2797 0.2343 0.0120  0.0239  -0.0129 343 HOH A O   
685 O  O   . HOH R .  ? 0.1940 0.2041 0.2471 -0.0248 0.0201  -0.0175 344 HOH A O   
686 O  O   . HOH R .  ? 0.1947 0.2513 0.2216 0.0112  -0.0069 0.0571  345 HOH A O   
687 O  O   . HOH R .  ? 0.2821 0.2688 0.3046 0.0055  0.0033  -0.0216 346 HOH A O   
688 O  O   . HOH R .  ? 0.3064 0.3035 0.3266 -0.0088 -0.0033 -0.0050 347 HOH A O   
689 O  O   . HOH R .  ? 0.3103 0.3618 0.3417 0.0105  -0.0037 -0.0354 348 HOH A O   
690 O  O   . HOH R .  ? 0.2712 0.2492 0.2563 -0.0049 0.0225  -0.0093 349 HOH A O   
691 O  O   . HOH R .  ? 0.2505 0.2733 0.3147 0.0036  0.0242  -0.0084 350 HOH A O   
692 O  O   . HOH R .  ? 0.1795 0.2743 0.2924 -0.0151 0.0346  0.0058  351 HOH A O   
693 O  O   . HOH R .  ? 0.3187 0.3395 0.3407 -0.0042 -0.0243 -0.0105 352 HOH A O   
694 O  O   . HOH R .  ? 0.2877 0.2869 0.2752 -0.0125 0.0271  0.0057  353 HOH A O   
695 O  O   . HOH R .  ? 0.2306 0.2424 0.2829 0.0199  0.0052  -0.0368 354 HOH A O   
696 O  O   . HOH R .  ? 0.2610 0.2183 0.2433 -0.0098 0.0018  -0.0470 355 HOH A O   
697 O  O   . HOH R .  ? 0.2570 0.2322 0.2974 -0.0326 -0.0078 0.0024  356 HOH A O   
698 O  O   . HOH R .  ? 0.3468 0.2925 0.2747 0.0001  -0.0223 -0.0050 357 HOH A O   
699 O  O   . HOH R .  ? 0.3551 0.2902 0.3271 0.0039  -0.0007 -0.0096 358 HOH A O   
700 O  O   . HOH R .  ? 0.1906 0.3169 0.3215 0.0224  -0.0009 -0.0243 359 HOH A O   
701 O  O   . HOH R .  ? 0.2350 0.2961 0.2418 -0.0345 0.0343  0.0110  360 HOH A O   
702 O  O   . HOH R .  ? 0.2215 0.1617 0.2378 -0.0094 0.0031  0.0003  361 HOH A O   
703 O  O   . HOH R .  ? 0.3118 0.3390 0.2865 -0.0170 0.0244  0.0120  362 HOH A O   
704 O  O   . HOH R .  ? 0.2655 0.2289 0.1984 -0.0017 -0.0160 0.0324  363 HOH A O   
705 O  O   . HOH R .  ? 0.3121 0.3257 0.3390 0.0168  -0.0097 -0.0128 364 HOH A O   
706 O  O   . HOH R .  ? 0.2739 0.2737 0.2526 0.0063  -0.0323 -0.0245 365 HOH A O   
707 O  O   . HOH R .  ? 0.3294 0.2902 0.2759 0.0036  -0.0211 0.0048  366 HOH A O   
708 O  O   . HOH R .  ? 0.3025 0.2675 0.3235 -0.0103 0.0213  0.0044  367 HOH A O   
709 O  O   . HOH R .  ? 0.3068 0.3516 0.2947 0.0163  -0.0120 -0.0170 368 HOH A O   
710 O  O   . HOH R .  ? 0.3789 0.3135 0.3280 -0.0066 -0.0255 -0.0151 369 HOH A O   
711 O  O   . HOH R .  ? 0.2983 0.2859 0.2909 -0.0100 -0.0189 0.0104  370 HOH A O   
712 O  O   . HOH R .  ? 0.2472 0.2602 0.2907 0.0040  0.0000  -0.0060 371 HOH A O   
713 O  O   . HOH R .  ? 0.3273 0.2569 0.2933 -0.0252 0.0017  0.0046  372 HOH A O   
714 O  O   . HOH R .  ? 0.3008 0.2956 0.3141 0.0139  0.0185  0.0380  373 HOH A O   
715 O  O   . HOH R .  ? 0.3205 0.2637 0.2885 -0.0365 0.0121  0.0167  374 HOH A O   
716 O  O   . HOH R .  ? 0.3246 0.3136 0.3580 -0.0057 0.0060  0.0105  375 HOH A O   
717 O  O   . HOH R .  ? 0.3165 0.3099 0.3170 0.0357  -0.0094 0.0004  376 HOH A O   
718 O  O   . HOH R .  ? 0.2671 0.2461 0.2535 -0.0298 -0.0053 -0.0094 377 HOH A O   
719 O  O   . HOH R .  ? 0.2516 0.3327 0.2320 0.0226  0.0163  -0.0304 378 HOH A O   
720 O  O   . HOH R .  ? 0.3360 0.2935 0.3188 0.0250  -0.0072 0.0284  379 HOH A O   
721 O  O   . HOH R .  ? 0.1346 0.1272 0.1860 0.0298  0.0353  -0.0039 380 HOH A O   
722 O  O   . HOH R .  ? 0.1499 0.2578 0.1937 0.0284  -0.0236 -0.0152 381 HOH A O   
723 O  O   . HOH R .  ? 0.2995 0.3338 0.3098 0.0157  -0.0152 -0.0020 382 HOH A O   
724 O  O   . HOH R .  ? 0.3664 0.3539 0.3248 -0.0184 -0.0011 -0.0011 383 HOH A O   
725 O  O   . HOH R .  ? 0.2339 0.1995 0.2367 0.0089  -0.0279 -0.0261 384 HOH A O   
726 O  O   . HOH R .  ? 0.3712 0.3565 0.3647 -0.0031 -0.0056 -0.0018 385 HOH A O   
727 O  O   . HOH R .  ? 0.2613 0.2378 0.2785 -0.0308 0.0479  0.0145  386 HOH A O   
728 O  O   A HOH R .  ? 0.3527 0.3340 0.3178 -0.0343 -0.0191 -0.0151 387 HOH A O   
729 O  O   B HOH R .  ? 0.2877 0.2942 0.3337 -0.0333 -0.0268 0.0199  387 HOH A O   
730 O  O   B HOH R .  ? 0.2393 0.2080 0.2185 0.0409  0.0353  0.0205  388 HOH A O   
731 O  O   . HOH R .  ? 0.2548 0.1983 0.2742 0.0392  0.0007  -0.0240 389 HOH A O   
732 O  O   . HOH R .  ? 0.3043 0.3088 0.3319 0.0131  0.0030  0.0097  390 HOH A O   
733 O  O   . HOH R .  ? 0.3035 0.2630 0.1963 0.0405  0.0095  0.0570  391 HOH A O   
734 O  O   . HOH R .  ? 0.2552 0.2383 0.2952 0.0481  0.0203  0.0033  392 HOH A O   
735 O  O   . HOH R .  ? 0.3989 0.4188 0.3945 0.0008  0.0055  0.0061  393 HOH A O   
736 O  O   . HOH R .  ? 0.3592 0.3585 0.3266 -0.0047 -0.0111 -0.0248 394 HOH A O   
737 O  O   . HOH R .  ? 0.2195 0.1862 0.1728 0.0101  0.0041  -0.0321 395 HOH A O   
738 O  O   . HOH R .  ? 0.3321 0.3628 0.3446 0.0019  -0.0176 -0.0107 396 HOH A O   
739 O  O   . HOH R .  ? 0.2913 0.3396 0.3604 -0.0107 -0.0020 0.0005  397 HOH A O   
740 O  O   . HOH R .  ? 0.3952 0.3762 0.3766 -0.0062 0.0109  0.0298  398 HOH A O   
741 O  O   . HOH R .  ? 0.3783 0.3648 0.3953 0.0154  0.0001  0.0101  399 HOH A O   
742 O  O   . HOH R .  ? 0.3936 0.3840 0.4153 -0.0104 -0.0089 0.0053  400 HOH A O   
743 O  O   . HOH R .  ? 0.3815 0.3610 0.3690 0.0161  0.0017  0.0273  401 HOH A O   
744 O  O   . HOH R .  ? 0.2903 0.2999 0.3379 0.0028  -0.0079 -0.0131 402 HOH A O   
745 O  O   . HOH R .  ? 0.3284 0.2991 0.3535 0.0210  -0.0195 -0.0013 403 HOH A O   
746 O  O   . HOH R .  ? 0.2639 0.2037 0.2690 -0.0059 0.0071  0.0136  404 HOH A O   
747 O  O   A HOH R .  ? 0.0982 0.1077 0.1258 0.0285  -0.0302 -0.0251 405 HOH A O   
748 O  O   B HOH R .  ? 0.1663 0.1434 0.1610 0.0374  0.0146  -0.0078 405 HOH A O   
749 O  O   A HOH R .  ? 0.1737 0.1448 0.2192 -0.0165 0.0110  0.0164  406 HOH A O   
750 O  O   B HOH R .  ? 0.1178 0.1416 0.1656 0.0140  0.0523  0.0166  406 HOH A O   
# 
